data_6YSO
#
_entry.id   6YSO
#
_cell.length_a   131.140
_cell.length_b   94.390
_cell.length_c   135.110
_cell.angle_alpha   90.00
_cell.angle_beta   107.05
_cell.angle_gamma   90.00
#
_symmetry.space_group_name_H-M   'P 1 21 1'
#
loop_
_entity.id
_entity.type
_entity.pdbx_description
1 polymer 'Sarcoplasmic/endoplasmic reticulum calcium ATPase 1'
2 non-polymer "SPIRO(2,4,6-TRINITROBENZENE[1,2A]-2O',3O'-METHYLENE-ADENINE-TRIPHOSPHATE"
3 non-polymer 'OCTANOIC ACID [3S-[3ALPHA, 3ABETA, 4ALPHA, 6BETA, 6ABETA, 7BETA, 8ALPHA(Z), 9BALPHA]]-6-(ACETYLOXY)-2,3,-3A,4,5,6,6A,7,8,9B-DECAHYDRO-3,3A-DIHYDROXY-3,6,9-TRIMETHYL-8-[(2-METHYL-1-OXO-2-BUTENYL)OX Y]-2-OXO-4-(1-OXOBUTOXY)-AZULENO[4,5-B]FURAN-7-YL ESTER'
4 non-polymer oxido(dioxo)vanadium
5 non-polymer 'MAGNESIUM ION'
6 non-polymer 'CHLORIDE ION'
7 non-polymer 'POTASSIUM ION'
8 water water
#
_entity_poly.entity_id   1
_entity_poly.type   'polypeptide(L)'
_entity_poly.pdbx_seq_one_letter_code
;MEAAHSKSTEECLAYFGVSETTGLTPDQVKRHLEKYGHNELPAEEGKSLWELVIEQFEDLLVRILLLAACISFVLAWFEE
GEETITAFVEPFVILLILIANAIVGVWQERNAENAIEALKEYEPEMGKVYRADRKSVQRIKARDIVPGDIVEVAVGDKVP
ADIRILSIKSTTLRVDQSILTGESVSVIKHTEPVPDPRAVNQDKKNMLFSGTNIAAGKALGIVATTGVSTEIGKIRDQMA
ATEQDKTPLQQKLDEFGEQLSKVISLICVAVWLINIGHFNDPVHGGSWIRGAIYYFKIAVALAVAAIPEGLPAVITTCLA
LGTRRMAKKNAIVRSLPSVETLGCTSVICSDKTGTLTTNQMSVCKMFIIDKVDGDFCSLNEFSITGSTYAPEGEVLKNDK
PIRSGQFDGLVELATICALCNDSSLDFNETKGVYEKVGEATETALTTLVEKMNVFNTEVRNLSKVERANACNSVIRQLMK
KEFTLEFSRDRKSMSVYCSPAKSSRAAVGNKMFVKGAPEGVIDRCNYVRVGTTRVPMTGPVKEKILSVIKEWGTGRDTLR
CLALATRDTPPKREEMVLDDSSRFMEYETDLTFVGVVGMLDPPRKEVMGSIQLCRDAGIRVIMITGDNKGTAIAICRRIG
IFGENEEVADRAYTGREFDDLPLAEQREACRRACCFARVEPSHKSKIVEYLQSYDEITAMTGDGVNDAPALKKAEIGIAM
GSGTAVAKTASEMVLADDNFSTIVAAVEEGRAIYNNMKQFIRYLISSNVGEVVCIFLTAALGLPEALIPVQLLWVNLVTD
GLPATALGFNPPDLDIMDRPPRSPKEPLISGWLFFRYMAIGGYVGAATVGAAAWWFMYAEDGPGVTYHQLTHFMQCTEDH
PHFEGLDCEIFEAPEPMTMALSVLVTIEMCNALNSLSENQSLMRMPPWVNIWLLGSICLSMSLHFLILYVDPLPMIFKLK
ALDLTQWLMVLKISLPVIGLDEILKFIARNYLEG
;
_entity_poly.pdbx_strand_id   A,B
#
loop_
_chem_comp.id
_chem_comp.type
_chem_comp.name
_chem_comp.formula
128 RNA linking SPIRO(2,4,6-TRINITROBENZENE[1,2A]-2O',3O'-METHYLENE-ADENINE-TRIPHOSPHATE 'C16 H17 N8 O19 P3'
CL non-polymer 'CHLORIDE ION' 'Cl -1'
K non-polymer 'POTASSIUM ION' 'K 1'
MG non-polymer 'MAGNESIUM ION' 'Mg 2'
TG1 non-polymer 'OCTANOIC ACID [3S-[3ALPHA, 3ABETA, 4ALPHA, 6BETA, 6ABETA, 7BETA, 8ALPHA(Z), 9BALPHA]]-6-(ACETYLOXY)-2,3,-3A,4,5,6,6A,7,8,9B-DECAHYDRO-3,3A-DIHYDROXY-3,6,9-TRIMETHYL-8-[(2-METHYL-1-OXO-2-BUTENYL)OX Y]-2-OXO-4-(1-OXOBUTOXY)-AZULENO[4,5-B]FURAN-7-YL ESTER' 'C34 H50 O12'
VN4 non-polymer oxido(dioxo)vanadium 'O3 V -1'
#
# COMPACT_ATOMS: atom_id res chain seq x y z
N MET A 1 1.57 -23.42 6.52
CA MET A 1 2.33 -24.09 5.46
C MET A 1 2.01 -23.48 4.10
N GLU A 2 2.97 -22.73 3.57
CA GLU A 2 2.77 -22.09 2.28
C GLU A 2 3.10 -23.06 1.14
N ALA A 3 2.42 -22.87 0.01
CA ALA A 3 2.66 -23.66 -1.20
C ALA A 3 2.58 -25.16 -0.91
N ALA A 4 1.58 -25.56 -0.12
CA ALA A 4 1.40 -26.97 0.20
C ALA A 4 0.89 -27.76 -0.98
N HIS A 5 0.35 -27.10 -2.01
CA HIS A 5 -0.14 -27.80 -3.18
C HIS A 5 0.97 -28.48 -3.97
N SER A 6 2.23 -28.06 -3.77
CA SER A 6 3.34 -28.57 -4.54
C SER A 6 4.12 -29.67 -3.84
N LYS A 7 3.92 -29.86 -2.55
CA LYS A 7 4.65 -30.89 -1.84
C LYS A 7 3.83 -32.18 -1.79
N SER A 8 4.49 -33.27 -1.44
CA SER A 8 3.81 -34.55 -1.38
C SER A 8 2.89 -34.62 -0.16
N THR A 9 2.02 -35.62 -0.16
CA THR A 9 1.15 -35.85 0.99
C THR A 9 1.96 -36.21 2.22
N GLU A 10 2.96 -37.08 2.05
CA GLU A 10 3.89 -37.35 3.15
C GLU A 10 4.63 -36.08 3.55
N GLU A 11 5.08 -35.30 2.57
CA GLU A 11 5.78 -34.05 2.88
C GLU A 11 4.92 -33.12 3.70
N CYS A 12 3.64 -33.01 3.35
CA CYS A 12 2.73 -32.16 4.13
C CYS A 12 2.50 -32.73 5.52
N LEU A 13 2.20 -34.04 5.61
CA LEU A 13 2.12 -34.69 6.91
C LEU A 13 3.40 -34.51 7.70
N ALA A 14 4.55 -34.53 7.00
CA ALA A 14 5.83 -34.35 7.67
C ALA A 14 6.02 -32.91 8.12
N TYR A 15 5.56 -31.95 7.32
CA TYR A 15 5.77 -30.54 7.64
C TYR A 15 5.30 -30.22 9.05
N PHE A 16 4.16 -30.79 9.45
CA PHE A 16 3.64 -30.60 10.79
C PHE A 16 3.97 -31.75 11.73
N GLY A 17 4.36 -32.91 11.20
CA GLY A 17 4.69 -34.05 12.03
C GLY A 17 3.46 -34.75 12.59
N VAL A 18 2.67 -35.36 11.72
CA VAL A 18 1.46 -36.07 12.12
C VAL A 18 1.27 -37.29 11.22
N SER A 19 0.46 -38.23 11.70
CA SER A 19 -0.08 -39.30 10.88
C SER A 19 -1.52 -38.96 10.52
N GLU A 20 -1.99 -39.51 9.40
CA GLU A 20 -3.41 -39.41 9.10
C GLU A 20 -4.22 -40.18 10.12
N THR A 21 -3.75 -41.37 10.48
CA THR A 21 -4.50 -42.33 11.29
C THR A 21 -4.85 -41.76 12.65
N THR A 22 -4.09 -40.79 13.13
CA THR A 22 -4.36 -40.14 14.40
C THR A 22 -3.95 -38.68 14.29
N GLY A 23 -4.73 -37.81 14.92
CA GLY A 23 -4.62 -36.40 14.60
C GLY A 23 -3.46 -35.64 15.20
N LEU A 24 -3.76 -34.44 15.67
CA LEU A 24 -2.81 -33.54 16.31
C LEU A 24 -2.93 -33.67 17.82
N THR A 25 -1.98 -33.06 18.53
CA THR A 25 -2.10 -33.22 19.97
C THR A 25 -2.61 -31.94 20.63
N PRO A 26 -3.28 -32.06 21.78
CA PRO A 26 -3.60 -30.86 22.57
C PRO A 26 -2.39 -29.99 22.85
N ASP A 27 -1.20 -30.56 22.98
CA ASP A 27 0.01 -29.77 23.10
C ASP A 27 0.23 -28.94 21.84
N GLN A 28 0.13 -29.58 20.67
CA GLN A 28 0.33 -28.87 19.41
C GLN A 28 -0.72 -27.78 19.21
N VAL A 29 -1.99 -28.13 19.42
CA VAL A 29 -3.08 -27.20 19.09
C VAL A 29 -2.98 -25.93 19.91
N LYS A 30 -2.54 -26.04 21.18
CA LYS A 30 -2.36 -24.85 22.00
C LYS A 30 -1.25 -23.97 21.43
N ARG A 31 -0.13 -24.58 21.03
CA ARG A 31 0.96 -23.80 20.46
C ARG A 31 0.56 -23.19 19.12
N HIS A 32 -0.20 -23.92 18.31
CA HIS A 32 -0.60 -23.40 17.01
C HIS A 32 -1.55 -22.21 17.16
N LEU A 33 -2.50 -22.30 18.09
CA LEU A 33 -3.39 -21.19 18.36
C LEU A 33 -2.60 -19.93 18.71
N GLU A 34 -1.57 -20.08 19.55
CA GLU A 34 -0.70 -18.96 19.89
C GLU A 34 0.18 -18.51 18.74
N LYS A 35 0.38 -19.35 17.71
CA LYS A 35 1.13 -18.98 16.52
C LYS A 35 0.25 -18.46 15.39
N TYR A 36 -0.87 -19.11 15.10
CA TYR A 36 -1.69 -18.79 13.94
C TYR A 36 -3.04 -18.18 14.30
N GLY A 37 -3.36 -18.07 15.57
CA GLY A 37 -4.64 -17.54 15.98
C GLY A 37 -5.78 -18.45 15.57
N HIS A 38 -6.98 -17.91 15.72
CA HIS A 38 -8.16 -18.69 15.38
C HIS A 38 -8.41 -18.66 13.89
N ASN A 39 -9.37 -19.46 13.45
CA ASN A 39 -9.66 -19.68 12.03
C ASN A 39 -10.91 -18.86 11.68
N GLU A 40 -10.71 -17.59 11.36
CA GLU A 40 -11.83 -16.70 11.06
C GLU A 40 -11.38 -15.42 10.38
N LEU A 41 -12.05 -15.07 9.30
CA LEU A 41 -11.93 -13.73 8.75
C LEU A 41 -12.34 -12.71 9.83
N PRO A 42 -11.51 -11.72 10.11
CA PRO A 42 -11.92 -10.70 11.09
C PRO A 42 -13.01 -9.81 10.52
N ALA A 43 -14.02 -9.55 11.34
CA ALA A 43 -15.07 -8.64 10.93
C ALA A 43 -14.54 -7.22 10.79
N GLU A 44 -15.19 -6.44 9.93
CA GLU A 44 -14.88 -5.03 9.76
C GLU A 44 -16.08 -4.22 10.21
N GLU A 45 -15.86 -3.29 11.13
CA GLU A 45 -16.94 -2.52 11.72
C GLU A 45 -17.03 -1.15 11.06
N GLY A 46 -18.26 -0.67 10.88
CA GLY A 46 -18.49 0.62 10.27
C GLY A 46 -18.11 1.77 11.19
N LYS A 47 -18.28 2.97 10.67
CA LYS A 47 -17.95 4.17 11.42
C LYS A 47 -19.04 4.48 12.44
N SER A 48 -18.61 4.94 13.62
CA SER A 48 -19.56 5.37 14.63
C SER A 48 -20.33 6.60 14.14
N LEU A 49 -21.49 6.83 14.76
CA LEU A 49 -22.32 7.96 14.35
C LEU A 49 -21.60 9.29 14.58
N TRP A 50 -20.91 9.41 15.72
CA TRP A 50 -20.11 10.60 15.99
C TRP A 50 -19.10 10.84 14.89
N GLU A 51 -18.34 9.80 14.54
CA GLU A 51 -17.33 9.89 13.49
C GLU A 51 -17.93 9.93 12.09
N LEU A 52 -19.23 9.65 11.95
CA LEU A 52 -19.88 9.78 10.65
C LEU A 52 -20.34 11.21 10.43
N VAL A 53 -20.97 11.81 11.43
CA VAL A 53 -21.42 13.20 11.32
C VAL A 53 -20.22 14.12 11.12
N ILE A 54 -19.14 13.86 11.86
CA ILE A 54 -17.93 14.68 11.76
C ILE A 54 -17.45 14.75 10.33
N GLU A 55 -17.56 13.65 9.58
CA GLU A 55 -17.13 13.65 8.19
C GLU A 55 -17.93 14.62 7.34
N GLN A 56 -19.21 14.84 7.67
CA GLN A 56 -19.99 15.83 6.95
C GLN A 56 -19.37 17.22 7.06
N PHE A 57 -18.66 17.48 8.15
CA PHE A 57 -18.10 18.80 8.41
C PHE A 57 -16.73 19.02 7.79
N GLU A 58 -16.13 17.98 7.19
CA GLU A 58 -14.81 18.15 6.58
C GLU A 58 -14.86 19.02 5.34
N ASP A 59 -15.99 19.05 4.65
CA ASP A 59 -16.13 19.89 3.47
C ASP A 59 -15.94 21.35 3.83
N LEU A 60 -15.17 22.07 3.01
CA LEU A 60 -14.81 23.45 3.35
C LEU A 60 -16.02 24.37 3.31
N LEU A 61 -16.87 24.22 2.30
CA LEU A 61 -18.02 25.13 2.14
C LEU A 61 -18.95 25.04 3.35
N VAL A 62 -19.20 23.84 3.86
CA VAL A 62 -19.97 23.73 5.09
C VAL A 62 -19.11 24.06 6.32
N ARG A 63 -17.79 23.95 6.21
CA ARG A 63 -16.93 24.36 7.33
C ARG A 63 -16.89 25.88 7.46
N ILE A 64 -17.00 26.59 6.34
CA ILE A 64 -17.10 28.05 6.41
C ILE A 64 -18.55 28.50 6.57
N LEU A 65 -19.51 27.75 6.02
CA LEU A 65 -20.91 28.08 6.26
C LEU A 65 -21.27 27.87 7.72
N LEU A 66 -20.60 26.94 8.40
CA LEU A 66 -20.77 26.83 9.84
C LEU A 66 -20.21 28.05 10.54
N LEU A 67 -19.06 28.55 10.08
CA LEU A 67 -18.44 29.71 10.70
C LEU A 67 -19.33 30.94 10.58
N ALA A 68 -20.06 31.09 9.47
CA ALA A 68 -20.93 32.24 9.30
C ALA A 68 -22.20 32.15 10.15
N ALA A 69 -22.68 30.93 10.43
CA ALA A 69 -23.83 30.77 11.30
C ALA A 69 -23.51 31.20 12.73
N CYS A 70 -22.27 30.98 13.19
CA CYS A 70 -21.87 31.43 14.51
C CYS A 70 -21.76 32.95 14.57
N ILE A 71 -21.10 33.56 13.57
CA ILE A 71 -21.00 35.02 13.51
C ILE A 71 -22.38 35.66 13.58
N SER A 72 -23.37 35.03 12.96
CA SER A 72 -24.72 35.56 12.98
C SER A 72 -25.32 35.51 14.39
N PHE A 73 -24.92 34.54 15.21
CA PHE A 73 -25.47 34.43 16.55
C PHE A 73 -25.09 35.62 17.42
N VAL A 74 -23.86 36.12 17.25
CA VAL A 74 -23.42 37.28 18.02
C VAL A 74 -24.20 38.51 17.61
N LEU A 75 -24.31 38.74 16.30
CA LEU A 75 -25.05 39.90 15.80
C LEU A 75 -26.50 39.84 16.22
N ALA A 76 -27.04 38.62 16.30
CA ALA A 76 -28.39 38.39 16.81
C ALA A 76 -28.51 38.84 18.26
N TRP A 77 -27.43 38.72 19.04
CA TRP A 77 -27.45 39.07 20.46
C TRP A 77 -27.56 40.57 20.68
N PHE A 78 -27.10 41.38 19.72
CA PHE A 78 -26.94 42.81 19.92
C PHE A 78 -28.22 43.57 19.60
N GLU A 79 -28.24 44.86 20.00
CA GLU A 79 -29.48 45.61 20.10
C GLU A 79 -30.23 45.71 18.77
N GLU A 80 -29.54 45.58 17.64
CA GLU A 80 -30.25 45.37 16.38
C GLU A 80 -31.19 44.18 16.51
N GLY A 81 -30.70 43.07 17.06
CA GLY A 81 -31.60 42.06 17.57
C GLY A 81 -32.66 42.66 18.49
N GLU A 82 -32.24 43.38 19.54
CA GLU A 82 -33.22 43.81 20.54
C GLU A 82 -34.13 44.93 20.07
N GLU A 83 -33.78 45.61 18.98
CA GLU A 83 -34.73 46.50 18.33
C GLU A 83 -35.88 45.72 17.72
N THR A 84 -35.57 44.58 17.09
CA THR A 84 -36.56 43.68 16.48
C THR A 84 -36.22 42.26 16.93
N ILE A 85 -36.58 41.92 18.17
CA ILE A 85 -36.02 40.73 18.81
C ILE A 85 -36.45 39.46 18.11
N THR A 86 -37.69 39.42 17.59
CA THR A 86 -38.16 38.19 17.01
C THR A 86 -37.35 37.79 15.78
N ALA A 87 -36.90 38.77 15.01
CA ALA A 87 -36.25 38.50 13.72
C ALA A 87 -34.73 38.59 13.85
N PHE A 88 -34.18 37.81 14.78
CA PHE A 88 -32.74 37.60 14.90
C PHE A 88 -32.34 36.17 14.55
N VAL A 89 -33.26 35.37 14.02
CA VAL A 89 -33.11 33.93 13.95
C VAL A 89 -32.65 33.47 12.57
N GLU A 90 -32.08 34.38 11.77
CA GLU A 90 -31.46 33.98 10.51
C GLU A 90 -30.34 32.94 10.68
N PRO A 91 -29.56 32.91 11.77
CA PRO A 91 -28.55 31.84 11.88
C PRO A 91 -29.16 30.45 12.01
N PHE A 92 -30.31 30.34 12.69
CA PHE A 92 -30.91 29.02 12.86
C PHE A 92 -31.34 28.43 11.53
N VAL A 93 -31.80 29.27 10.60
CA VAL A 93 -32.08 28.78 9.25
C VAL A 93 -30.78 28.31 8.58
N ILE A 94 -29.71 29.09 8.73
CA ILE A 94 -28.39 28.64 8.28
C ILE A 94 -28.03 27.32 8.96
N LEU A 95 -28.11 27.30 10.30
CA LEU A 95 -27.75 26.10 11.04
C LEU A 95 -28.66 24.94 10.71
N LEU A 96 -29.96 25.19 10.58
CA LEU A 96 -30.90 24.13 10.24
C LEU A 96 -30.56 23.51 8.89
N ILE A 97 -30.17 24.33 7.91
CA ILE A 97 -29.80 23.81 6.60
C ILE A 97 -28.55 22.97 6.68
N LEU A 98 -27.56 23.42 7.46
CA LEU A 98 -26.36 22.62 7.67
C LEU A 98 -26.67 21.33 8.40
N ILE A 99 -27.63 21.36 9.32
CA ILE A 99 -28.03 20.15 10.03
C ILE A 99 -28.79 19.22 9.10
N ALA A 100 -29.63 19.79 8.22
CA ALA A 100 -30.39 18.96 7.29
C ALA A 100 -29.50 18.36 6.22
N ASN A 101 -28.75 19.21 5.50
CA ASN A 101 -27.87 18.72 4.45
C ASN A 101 -26.84 17.71 4.98
N ALA A 102 -26.49 17.82 6.27
CA ALA A 102 -25.61 16.82 6.86
C ALA A 102 -26.40 15.56 7.20
N ILE A 103 -27.66 15.70 7.62
CA ILE A 103 -28.43 14.54 8.07
C ILE A 103 -28.81 13.65 6.89
N VAL A 104 -29.12 14.25 5.73
CA VAL A 104 -29.39 13.41 4.57
C VAL A 104 -28.14 12.67 4.14
N GLY A 105 -26.96 13.27 4.35
CA GLY A 105 -25.72 12.61 3.96
C GLY A 105 -25.38 11.43 4.85
N VAL A 106 -25.57 11.59 6.16
CA VAL A 106 -25.28 10.49 7.08
C VAL A 106 -26.26 9.34 6.84
N TRP A 107 -27.54 9.65 6.60
CA TRP A 107 -28.48 8.60 6.22
C TRP A 107 -28.06 7.93 4.92
N GLN A 108 -27.47 8.69 3.99
CA GLN A 108 -26.91 8.08 2.79
C GLN A 108 -25.81 7.08 3.14
N GLU A 109 -24.97 7.43 4.11
CA GLU A 109 -23.86 6.56 4.50
C GLU A 109 -24.24 5.57 5.58
N ARG A 110 -25.13 5.93 6.51
CA ARG A 110 -25.51 5.03 7.58
C ARG A 110 -26.21 3.79 7.03
N ASN A 111 -27.17 3.99 6.12
CA ASN A 111 -27.87 2.89 5.49
C ASN A 111 -26.93 2.24 4.47
N ALA A 112 -26.27 1.16 4.90
CA ALA A 112 -25.35 0.43 4.05
C ALA A 112 -25.05 -0.92 4.71
N GLU A 113 -25.04 -1.97 3.90
CA GLU A 113 -24.75 -3.31 4.40
C GLU A 113 -23.31 -3.72 4.05
N ASN A 114 -22.78 -4.64 4.83
CA ASN A 114 -21.36 -4.97 4.84
C ASN A 114 -21.10 -6.16 3.92
N ALA A 115 -20.23 -5.96 2.93
CA ALA A 115 -19.88 -7.04 2.00
C ALA A 115 -18.89 -8.03 2.61
N ILE A 116 -18.24 -7.67 3.71
CA ILE A 116 -17.37 -8.63 4.40
C ILE A 116 -18.19 -9.57 5.27
N GLU A 117 -19.21 -9.05 5.95
CA GLU A 117 -20.14 -9.90 6.68
C GLU A 117 -20.86 -10.85 5.74
N ALA A 118 -21.16 -10.40 4.52
CA ALA A 118 -21.75 -11.28 3.52
C ALA A 118 -20.79 -12.40 3.14
N LEU A 119 -19.48 -12.15 3.21
CA LEU A 119 -18.49 -13.17 2.90
C LEU A 119 -18.35 -14.18 4.03
N LYS A 120 -18.38 -13.72 5.29
CA LYS A 120 -18.25 -14.61 6.43
C LYS A 120 -19.42 -15.59 6.54
N GLU A 121 -20.48 -15.41 5.75
CA GLU A 121 -21.52 -16.42 5.65
C GLU A 121 -21.02 -17.71 5.00
N TYR A 122 -19.85 -17.68 4.37
CA TYR A 122 -19.23 -18.88 3.83
C TYR A 122 -18.35 -19.61 4.83
N GLU A 123 -18.18 -19.05 6.03
CA GLU A 123 -17.49 -19.75 7.10
C GLU A 123 -18.45 -20.71 7.78
N PRO A 124 -18.20 -22.02 7.75
CA PRO A 124 -19.05 -22.95 8.49
C PRO A 124 -18.81 -22.82 9.99
N GLU A 125 -19.86 -23.11 10.76
CA GLU A 125 -19.74 -23.04 12.21
C GLU A 125 -18.90 -24.19 12.75
N MET A 126 -19.16 -25.40 12.28
CA MET A 126 -18.54 -26.60 12.81
C MET A 126 -17.56 -27.21 11.81
N GLY A 127 -16.72 -28.09 12.33
CA GLY A 127 -15.74 -28.80 11.51
C GLY A 127 -15.44 -30.16 12.11
N LYS A 128 -15.15 -31.12 11.24
CA LYS A 128 -14.87 -32.49 11.65
C LYS A 128 -13.37 -32.72 11.58
N VAL A 129 -12.74 -32.91 12.74
CA VAL A 129 -11.31 -33.15 12.81
C VAL A 129 -11.05 -34.46 13.53
N TYR A 130 -9.99 -35.14 13.12
CA TYR A 130 -9.40 -36.24 13.87
C TYR A 130 -8.21 -35.69 14.64
N ARG A 131 -8.26 -35.78 15.96
CA ARG A 131 -7.16 -35.36 16.81
C ARG A 131 -6.75 -36.53 17.70
N ALA A 132 -5.52 -36.46 18.21
CA ALA A 132 -5.03 -37.48 19.12
C ALA A 132 -5.76 -37.46 20.46
N ASP A 133 -6.64 -36.48 20.68
CA ASP A 133 -7.44 -36.43 21.89
C ASP A 133 -8.24 -37.71 22.07
N ARG A 134 -8.92 -38.15 21.00
CA ARG A 134 -9.79 -39.31 21.06
C ARG A 134 -9.67 -40.12 19.77
N LYS A 135 -10.08 -41.38 19.84
CA LYS A 135 -9.97 -42.27 18.70
C LYS A 135 -10.99 -41.95 17.61
N SER A 136 -12.16 -41.47 18.01
CA SER A 136 -13.22 -41.20 17.06
C SER A 136 -13.07 -39.80 16.45
N VAL A 137 -13.96 -39.50 15.50
CA VAL A 137 -13.98 -38.17 14.90
C VAL A 137 -14.48 -37.15 15.93
N GLN A 138 -14.13 -35.89 15.70
CA GLN A 138 -14.40 -34.81 16.65
C GLN A 138 -14.99 -33.63 15.89
N ARG A 139 -16.24 -33.28 16.21
CA ARG A 139 -16.90 -32.12 15.62
C ARG A 139 -16.69 -30.93 16.56
N ILE A 140 -15.92 -29.95 16.08
CA ILE A 140 -15.49 -28.82 16.91
C ILE A 140 -15.82 -27.52 16.18
N LYS A 141 -15.66 -26.43 16.92
CA LYS A 141 -15.79 -25.09 16.34
C LYS A 141 -14.76 -24.90 15.24
N ALA A 142 -15.24 -24.62 14.01
CA ALA A 142 -14.34 -24.41 12.89
C ALA A 142 -13.34 -23.28 13.12
N ARG A 143 -13.67 -22.32 13.99
CA ARG A 143 -12.71 -21.27 14.34
C ARG A 143 -11.60 -21.77 15.23
N ASP A 144 -11.74 -22.97 15.80
CA ASP A 144 -10.70 -23.58 16.60
C ASP A 144 -9.86 -24.56 15.81
N ILE A 145 -10.08 -24.66 14.51
CA ILE A 145 -9.21 -25.47 13.65
C ILE A 145 -7.91 -24.72 13.41
N VAL A 146 -6.80 -25.32 13.82
CA VAL A 146 -5.48 -24.73 13.60
C VAL A 146 -4.88 -25.36 12.35
N PRO A 147 -3.88 -24.76 11.72
CA PRO A 147 -3.21 -25.42 10.60
C PRO A 147 -2.42 -26.63 11.09
N GLY A 148 -2.34 -27.65 10.23
CA GLY A 148 -1.80 -28.94 10.58
C GLY A 148 -2.83 -29.93 11.08
N ASP A 149 -4.05 -29.48 11.38
CA ASP A 149 -5.10 -30.38 11.81
C ASP A 149 -5.44 -31.37 10.71
N ILE A 150 -5.89 -32.55 11.12
CA ILE A 150 -6.51 -33.51 10.22
C ILE A 150 -8.01 -33.24 10.20
N VAL A 151 -8.58 -33.07 9.01
CA VAL A 151 -10.01 -32.81 8.89
C VAL A 151 -10.63 -33.72 7.83
N GLU A 152 -11.94 -33.92 7.96
CA GLU A 152 -12.72 -34.79 7.09
C GLU A 152 -13.90 -34.00 6.55
N VAL A 153 -14.25 -34.24 5.29
CA VAL A 153 -15.39 -33.58 4.66
C VAL A 153 -16.18 -34.62 3.86
N ALA A 154 -17.51 -34.52 3.91
CA ALA A 154 -18.38 -35.34 3.09
C ALA A 154 -19.33 -34.47 2.28
N VAL A 155 -20.36 -35.09 1.70
CA VAL A 155 -21.30 -34.35 0.86
C VAL A 155 -21.95 -33.24 1.66
N GLY A 156 -22.10 -32.07 1.02
CA GLY A 156 -22.79 -30.93 1.61
C GLY A 156 -21.99 -30.09 2.57
N ASP A 157 -20.82 -30.55 3.00
CA ASP A 157 -20.03 -29.80 3.97
C ASP A 157 -19.43 -28.55 3.33
N LYS A 158 -19.35 -27.49 4.12
CA LYS A 158 -18.48 -26.37 3.78
C LYS A 158 -17.06 -26.70 4.22
N VAL A 159 -16.10 -26.44 3.35
CA VAL A 159 -14.70 -26.65 3.68
C VAL A 159 -14.26 -25.55 4.64
N PRO A 160 -13.76 -25.90 5.83
CA PRO A 160 -13.50 -24.89 6.86
C PRO A 160 -12.13 -24.22 6.78
N ALA A 161 -11.19 -24.78 6.02
CA ALA A 161 -9.86 -24.21 5.89
C ALA A 161 -9.30 -24.56 4.53
N ASP A 162 -8.21 -23.89 4.15
CA ASP A 162 -7.46 -24.31 2.97
C ASP A 162 -6.72 -25.59 3.30
N ILE A 163 -7.05 -26.66 2.58
CA ILE A 163 -6.74 -28.01 3.01
C ILE A 163 -6.09 -28.77 1.86
N ARG A 164 -4.98 -29.44 2.15
CA ARG A 164 -4.35 -30.36 1.24
C ARG A 164 -4.96 -31.74 1.45
N ILE A 165 -5.42 -32.35 0.37
CA ILE A 165 -6.09 -33.66 0.45
C ILE A 165 -5.05 -34.74 0.66
N LEU A 166 -5.30 -35.63 1.61
CA LEU A 166 -4.45 -36.77 1.88
C LEU A 166 -5.05 -38.08 1.40
N SER A 167 -6.35 -38.28 1.62
CA SER A 167 -7.02 -39.52 1.23
C SER A 167 -8.44 -39.19 0.77
N ILE A 168 -8.78 -39.63 -0.44
CA ILE A 168 -10.13 -39.49 -0.98
C ILE A 168 -10.81 -40.83 -0.78
N LYS A 169 -11.66 -40.91 0.25
CA LYS A 169 -12.24 -42.19 0.66
C LYS A 169 -13.39 -42.64 -0.24
N SER A 170 -13.96 -41.74 -1.03
CA SER A 170 -14.95 -42.09 -2.02
C SER A 170 -14.27 -42.29 -3.38
N THR A 171 -15.04 -42.71 -4.39
CA THR A 171 -14.48 -42.94 -5.71
C THR A 171 -13.97 -41.64 -6.32
N THR A 172 -14.87 -40.66 -6.46
CA THR A 172 -14.49 -39.30 -6.79
C THR A 172 -14.82 -38.37 -5.62
N LEU A 173 -14.11 -37.27 -5.55
CA LEU A 173 -14.46 -36.16 -4.68
C LEU A 173 -14.73 -34.96 -5.58
N ARG A 174 -15.99 -34.53 -5.64
CA ARG A 174 -16.42 -33.44 -6.50
C ARG A 174 -16.71 -32.21 -5.65
N VAL A 175 -16.08 -31.09 -6.00
CA VAL A 175 -16.13 -29.88 -5.20
C VAL A 175 -16.72 -28.75 -6.04
N ASP A 176 -17.49 -27.88 -5.37
CA ASP A 176 -18.07 -26.69 -5.97
C ASP A 176 -17.22 -25.49 -5.53
N GLN A 177 -16.39 -25.00 -6.45
CA GLN A 177 -15.44 -23.94 -6.18
C GLN A 177 -15.86 -22.59 -6.77
N SER A 178 -17.16 -22.39 -7.02
CA SER A 178 -17.63 -21.16 -7.65
C SER A 178 -17.18 -19.89 -6.94
N ILE A 179 -16.91 -19.96 -5.64
CA ILE A 179 -16.53 -18.78 -4.88
C ILE A 179 -15.20 -18.23 -5.35
N LEU A 180 -14.30 -19.10 -5.82
CA LEU A 180 -12.98 -18.67 -6.28
C LEU A 180 -12.86 -18.62 -7.79
N THR A 181 -13.40 -19.62 -8.49
CA THR A 181 -13.25 -19.71 -9.94
C THR A 181 -14.46 -19.19 -10.70
N GLY A 182 -15.58 -18.94 -10.02
CA GLY A 182 -16.79 -18.52 -10.68
C GLY A 182 -17.51 -19.60 -11.45
N GLU A 183 -16.90 -20.77 -11.63
CA GLU A 183 -17.52 -21.87 -12.36
C GLU A 183 -18.40 -22.70 -11.43
N SER A 184 -19.39 -23.36 -12.03
CA SER A 184 -20.36 -24.14 -11.26
C SER A 184 -20.22 -25.64 -11.40
N VAL A 185 -19.58 -26.14 -12.47
CA VAL A 185 -19.39 -27.58 -12.59
C VAL A 185 -18.49 -28.05 -11.45
N SER A 186 -18.77 -29.25 -10.95
CA SER A 186 -18.02 -29.76 -9.80
C SER A 186 -16.62 -30.19 -10.24
N VAL A 187 -15.61 -29.70 -9.52
CA VAL A 187 -14.21 -30.02 -9.83
C VAL A 187 -13.87 -31.37 -9.19
N ILE A 188 -13.26 -32.25 -9.97
CA ILE A 188 -12.87 -33.58 -9.48
C ILE A 188 -11.44 -33.50 -8.97
N LYS A 189 -11.28 -33.63 -7.65
CA LYS A 189 -10.00 -33.47 -7.01
C LYS A 189 -9.19 -34.76 -7.06
N HIS A 190 -7.92 -34.65 -6.66
CA HIS A 190 -7.06 -35.82 -6.52
C HIS A 190 -6.10 -35.57 -5.36
N THR A 191 -5.08 -36.41 -5.27
CA THR A 191 -4.11 -36.36 -4.20
C THR A 191 -2.68 -36.16 -4.70
N GLU A 192 -2.43 -36.30 -6.00
CA GLU A 192 -1.08 -36.15 -6.53
C GLU A 192 -0.62 -34.69 -6.40
N PRO A 193 0.64 -34.47 -6.04
CA PRO A 193 1.12 -33.08 -5.88
C PRO A 193 1.14 -32.32 -7.21
N VAL A 194 0.61 -31.10 -7.17
CA VAL A 194 0.66 -30.20 -8.31
C VAL A 194 1.91 -29.33 -8.15
N PRO A 195 2.91 -29.45 -9.02
CA PRO A 195 4.26 -28.98 -8.66
C PRO A 195 4.48 -27.47 -8.75
N ASP A 196 3.91 -26.81 -9.76
CA ASP A 196 4.18 -25.38 -9.96
C ASP A 196 3.80 -24.59 -8.71
N PRO A 197 4.77 -24.02 -8.00
CA PRO A 197 4.44 -23.23 -6.81
C PRO A 197 3.75 -21.92 -7.10
N ARG A 198 3.53 -21.60 -8.38
CA ARG A 198 2.76 -20.44 -8.80
C ARG A 198 1.58 -20.88 -9.65
N ALA A 199 0.95 -21.99 -9.28
CA ALA A 199 -0.25 -22.44 -9.96
C ALA A 199 -1.46 -21.77 -9.32
N VAL A 200 -2.45 -21.47 -10.14
CA VAL A 200 -3.65 -20.79 -9.65
C VAL A 200 -4.60 -21.83 -9.09
N ASN A 201 -5.62 -21.37 -8.36
CA ASN A 201 -6.59 -22.29 -7.75
C ASN A 201 -7.15 -23.27 -8.76
N GLN A 202 -7.32 -22.82 -10.01
CA GLN A 202 -7.83 -23.71 -11.05
C GLN A 202 -6.90 -24.89 -11.30
N ASP A 203 -5.61 -24.72 -11.06
CA ASP A 203 -4.64 -25.80 -11.21
C ASP A 203 -4.43 -26.61 -9.93
N LYS A 204 -4.85 -26.11 -8.77
CA LYS A 204 -4.56 -26.75 -7.49
C LYS A 204 -5.56 -27.85 -7.17
N LYS A 205 -5.61 -28.84 -8.07
CA LYS A 205 -6.61 -29.91 -7.99
C LYS A 205 -6.48 -30.75 -6.73
N ASN A 206 -5.41 -30.56 -5.95
CA ASN A 206 -5.22 -31.34 -4.74
C ASN A 206 -5.51 -30.52 -3.49
N MET A 207 -6.10 -29.34 -3.64
CA MET A 207 -6.39 -28.47 -2.52
C MET A 207 -7.89 -28.39 -2.27
N LEU A 208 -8.25 -28.12 -1.03
CA LEU A 208 -9.64 -27.85 -0.64
C LEU A 208 -9.67 -26.47 0.01
N PHE A 209 -10.35 -25.53 -0.63
CA PHE A 209 -10.31 -24.13 -0.21
C PHE A 209 -11.46 -23.82 0.74
N SER A 210 -11.14 -23.13 1.83
CA SER A 210 -12.14 -22.68 2.78
C SER A 210 -13.20 -21.84 2.08
N GLY A 211 -14.47 -22.13 2.37
CA GLY A 211 -15.60 -21.46 1.74
C GLY A 211 -16.32 -22.32 0.71
N THR A 212 -15.55 -23.01 -0.12
CA THR A 212 -16.13 -23.94 -1.07
C THR A 212 -16.77 -25.11 -0.34
N ASN A 213 -17.68 -25.81 -1.02
CA ASN A 213 -18.42 -26.89 -0.41
C ASN A 213 -18.37 -28.13 -1.29
N ILE A 214 -18.47 -29.28 -0.66
CA ILE A 214 -18.34 -30.57 -1.35
C ILE A 214 -19.66 -30.92 -2.01
N ALA A 215 -19.61 -31.24 -3.31
CA ALA A 215 -20.79 -31.69 -4.01
C ALA A 215 -21.05 -33.17 -3.76
N ALA A 216 -20.05 -34.01 -3.99
CA ALA A 216 -20.23 -35.46 -3.89
C ALA A 216 -18.93 -36.10 -3.44
N GLY A 217 -19.01 -36.93 -2.41
CA GLY A 217 -17.89 -37.74 -1.95
C GLY A 217 -17.53 -37.46 -0.50
N LYS A 218 -16.44 -38.09 -0.08
CA LYS A 218 -15.90 -37.95 1.27
C LYS A 218 -14.39 -37.98 1.18
N ALA A 219 -13.72 -37.14 1.97
CA ALA A 219 -12.28 -37.00 1.84
C ALA A 219 -11.66 -36.64 3.18
N LEU A 220 -10.37 -36.98 3.32
CA LEU A 220 -9.56 -36.60 4.47
C LEU A 220 -8.38 -35.76 4.00
N GLY A 221 -8.07 -34.71 4.76
CA GLY A 221 -7.01 -33.80 4.41
C GLY A 221 -6.31 -33.26 5.65
N ILE A 222 -5.24 -32.51 5.41
CA ILE A 222 -4.51 -31.82 6.46
C ILE A 222 -4.58 -30.34 6.17
N VAL A 223 -4.81 -29.54 7.21
CA VAL A 223 -5.04 -28.11 7.03
C VAL A 223 -3.73 -27.41 6.65
N ALA A 224 -3.78 -26.63 5.58
CA ALA A 224 -2.61 -25.89 5.10
C ALA A 224 -2.54 -24.49 5.71
N THR A 225 -3.65 -23.76 5.69
CA THR A 225 -3.70 -22.41 6.24
C THR A 225 -5.10 -22.15 6.79
N THR A 226 -5.16 -21.40 7.87
CA THR A 226 -6.43 -20.98 8.47
C THR A 226 -6.55 -19.47 8.45
N GLY A 227 -7.77 -19.01 8.71
CA GLY A 227 -8.00 -17.58 8.92
C GLY A 227 -7.82 -16.76 7.67
N VAL A 228 -7.14 -15.62 7.83
CA VAL A 228 -6.99 -14.66 6.73
C VAL A 228 -6.03 -15.20 5.68
N SER A 229 -5.09 -16.05 6.07
CA SER A 229 -4.05 -16.58 5.19
C SER A 229 -4.58 -17.48 4.08
N THR A 230 -5.89 -17.60 3.89
CA THR A 230 -6.46 -18.51 2.93
C THR A 230 -6.94 -17.77 1.68
N GLU A 231 -7.17 -18.53 0.61
CA GLU A 231 -7.56 -17.96 -0.66
C GLU A 231 -8.79 -17.05 -0.52
N ILE A 232 -9.77 -17.47 0.27
CA ILE A 232 -10.92 -16.63 0.54
C ILE A 232 -10.55 -15.46 1.45
N GLY A 233 -9.64 -15.69 2.40
CA GLY A 233 -9.13 -14.58 3.20
C GLY A 233 -8.44 -13.52 2.36
N LYS A 234 -7.77 -13.92 1.28
CA LYS A 234 -7.18 -12.94 0.38
C LYS A 234 -8.25 -12.13 -0.35
N ILE A 235 -9.43 -12.72 -0.53
CA ILE A 235 -10.51 -12.01 -1.21
C ILE A 235 -10.95 -10.82 -0.38
N ARG A 236 -11.26 -11.06 0.90
CA ARG A 236 -11.74 -9.97 1.73
C ARG A 236 -10.62 -8.98 2.06
N ASP A 237 -9.39 -9.47 2.23
CA ASP A 237 -8.26 -8.58 2.47
C ASP A 237 -8.14 -7.53 1.37
N GLN A 238 -8.34 -7.94 0.12
CA GLN A 238 -8.43 -7.03 -1.01
C GLN A 238 -9.77 -6.30 -1.11
N MET A 239 -10.80 -6.76 -0.40
CA MET A 239 -12.08 -6.06 -0.37
C MET A 239 -12.10 -4.94 0.67
N ALA A 240 -11.67 -5.25 1.89
CA ALA A 240 -11.53 -4.21 2.90
C ALA A 240 -10.46 -3.19 2.51
N ALA A 241 -9.44 -3.62 1.77
CA ALA A 241 -8.35 -2.72 1.42
C ALA A 241 -8.80 -1.63 0.46
N THR A 242 -9.53 -2.00 -0.59
CA THR A 242 -9.94 -1.03 -1.61
C THR A 242 -10.76 0.09 -0.98
N GLU A 243 -10.57 1.29 -1.52
CA GLU A 243 -11.24 2.49 -1.04
C GLU A 243 -11.84 3.22 -2.24
N GLN A 244 -13.15 3.47 -2.20
CA GLN A 244 -13.84 4.05 -3.33
C GLN A 244 -13.48 5.52 -3.49
N ASP A 245 -13.28 5.94 -4.73
CA ASP A 245 -12.75 7.26 -5.04
C ASP A 245 -13.86 8.32 -5.09
N LYS A 246 -13.43 9.57 -5.14
CA LYS A 246 -14.36 10.69 -5.22
C LYS A 246 -14.92 10.79 -6.62
N THR A 247 -16.23 11.00 -6.70
CA THR A 247 -16.90 11.25 -7.97
C THR A 247 -16.19 12.38 -8.71
N PRO A 248 -15.99 12.28 -10.03
CA PRO A 248 -15.44 13.41 -10.78
C PRO A 248 -16.20 14.70 -10.56
N LEU A 249 -17.53 14.64 -10.48
CA LEU A 249 -18.30 15.84 -10.17
C LEU A 249 -18.00 16.34 -8.76
N GLN A 250 -17.97 15.42 -7.78
CA GLN A 250 -17.67 15.82 -6.42
C GLN A 250 -16.25 16.36 -6.31
N GLN A 251 -15.34 15.94 -7.19
CA GLN A 251 -14.03 16.55 -7.27
C GLN A 251 -14.14 18.02 -7.67
N LYS A 252 -14.96 18.31 -8.68
CA LYS A 252 -15.15 19.68 -9.13
C LYS A 252 -15.77 20.54 -8.03
N LEU A 253 -16.81 20.02 -7.37
CA LEU A 253 -17.42 20.77 -6.29
C LEU A 253 -16.45 20.98 -5.14
N ASP A 254 -15.51 20.05 -4.94
CA ASP A 254 -14.42 20.30 -4.00
C ASP A 254 -13.43 21.31 -4.58
N GLU A 255 -13.11 21.17 -5.86
CA GLU A 255 -12.30 22.17 -6.55
C GLU A 255 -12.94 23.55 -6.46
N PHE A 256 -14.23 23.63 -6.80
CA PHE A 256 -14.95 24.90 -6.72
C PHE A 256 -15.01 25.42 -5.30
N GLY A 257 -15.30 24.54 -4.34
CA GLY A 257 -15.36 24.96 -2.96
C GLY A 257 -14.02 25.44 -2.44
N GLU A 258 -12.94 24.76 -2.83
CA GLU A 258 -11.62 25.18 -2.36
C GLU A 258 -11.26 26.57 -2.87
N GLN A 259 -11.87 27.00 -3.97
CA GLN A 259 -11.55 28.30 -4.53
C GLN A 259 -12.39 29.40 -3.89
N LEU A 260 -13.64 29.13 -3.54
CA LEU A 260 -14.41 30.10 -2.78
C LEU A 260 -13.76 30.36 -1.43
N SER A 261 -13.30 29.31 -0.75
CA SER A 261 -12.57 29.48 0.50
C SER A 261 -11.44 30.49 0.35
N LYS A 262 -10.92 30.66 -0.87
CA LYS A 262 -9.87 31.64 -1.13
C LYS A 262 -10.43 32.97 -1.65
N VAL A 263 -11.42 32.91 -2.56
CA VAL A 263 -12.02 34.14 -3.07
C VAL A 263 -12.93 34.79 -2.03
N ILE A 264 -13.47 34.03 -1.09
CA ILE A 264 -14.14 34.64 0.05
C ILE A 264 -13.13 35.37 0.93
N SER A 265 -11.94 34.77 1.09
CA SER A 265 -10.89 35.43 1.86
C SER A 265 -10.42 36.71 1.20
N LEU A 266 -10.54 36.81 -0.13
CA LEU A 266 -10.03 37.97 -0.85
C LEU A 266 -11.00 39.14 -0.82
N ILE A 267 -12.29 38.89 -1.06
CA ILE A 267 -13.29 39.95 -1.00
C ILE A 267 -13.28 40.61 0.38
N CYS A 268 -12.98 39.84 1.42
CA CYS A 268 -12.84 40.41 2.77
C CYS A 268 -11.65 41.35 2.87
N VAL A 269 -10.69 41.23 1.96
CA VAL A 269 -9.55 42.16 1.97
C VAL A 269 -9.91 43.45 1.24
N ALA A 270 -10.70 43.34 0.17
CA ALA A 270 -11.11 44.54 -0.57
C ALA A 270 -12.10 45.39 0.22
N VAL A 271 -12.81 44.80 1.19
CA VAL A 271 -13.62 45.61 2.10
C VAL A 271 -12.73 46.46 2.99
N TRP A 272 -11.59 45.90 3.42
CA TRP A 272 -10.58 46.66 4.14
C TRP A 272 -9.78 47.58 3.24
N LEU A 273 -9.88 47.43 1.92
CA LEU A 273 -9.27 48.38 1.00
C LEU A 273 -9.83 49.78 1.16
N ILE A 274 -10.93 49.94 1.90
CA ILE A 274 -11.44 51.26 2.27
C ILE A 274 -10.47 51.88 3.27
N ASN A 275 -9.30 52.26 2.79
CA ASN A 275 -8.33 53.04 3.55
C ASN A 275 -8.06 54.38 2.91
N ILE A 276 -8.71 54.68 1.78
CA ILE A 276 -8.55 55.95 1.09
C ILE A 276 -8.90 57.08 2.03
N GLY A 277 -7.87 57.80 2.49
CA GLY A 277 -8.05 58.98 3.30
C GLY A 277 -7.98 60.27 2.49
N HIS A 278 -8.06 60.18 1.17
CA HIS A 278 -8.01 61.34 0.31
C HIS A 278 -9.38 62.01 0.24
N TRP A 288 -16.87 51.83 18.42
CA TRP A 288 -16.11 50.78 17.77
C TRP A 288 -17.00 49.56 17.49
N ILE A 289 -18.05 49.41 18.29
CA ILE A 289 -18.97 48.28 18.11
C ILE A 289 -19.64 48.35 16.73
N ARG A 290 -20.05 49.56 16.31
CA ARG A 290 -20.64 49.72 14.99
C ARG A 290 -19.67 49.36 13.88
N GLY A 291 -18.41 49.78 14.01
CA GLY A 291 -17.42 49.42 13.01
C GLY A 291 -17.16 47.93 12.96
N ALA A 292 -17.14 47.28 14.13
CA ALA A 292 -16.95 45.82 14.16
C ALA A 292 -18.13 45.11 13.51
N ILE A 293 -19.35 45.42 13.96
CA ILE A 293 -20.55 44.75 13.44
C ILE A 293 -20.61 44.87 11.92
N TYR A 294 -20.24 46.04 11.38
CA TYR A 294 -20.33 46.25 9.94
C TYR A 294 -19.39 45.32 9.19
N TYR A 295 -18.14 45.18 9.68
CA TYR A 295 -17.20 44.25 9.08
C TYR A 295 -17.76 42.83 9.07
N PHE A 296 -18.43 42.43 10.16
CA PHE A 296 -18.94 41.07 10.26
C PHE A 296 -20.29 40.92 9.57
N LYS A 297 -21.21 41.86 9.75
CA LYS A 297 -22.54 41.73 9.16
C LYS A 297 -22.51 41.73 7.65
N ILE A 298 -21.45 42.24 7.05
CA ILE A 298 -21.27 42.13 5.60
C ILE A 298 -20.48 40.88 5.24
N ALA A 299 -19.58 40.42 6.12
CA ALA A 299 -18.86 39.18 5.87
C ALA A 299 -19.80 37.98 5.85
N VAL A 300 -20.76 37.95 6.79
CA VAL A 300 -21.70 36.83 6.86
C VAL A 300 -22.57 36.78 5.61
N ALA A 301 -23.15 37.93 5.23
CA ALA A 301 -23.94 37.98 4.00
C ALA A 301 -23.08 37.73 2.78
N LEU A 302 -21.79 38.06 2.85
CA LEU A 302 -20.89 37.78 1.75
C LEU A 302 -20.71 36.28 1.54
N ALA A 303 -20.62 35.52 2.64
CA ALA A 303 -20.50 34.08 2.53
C ALA A 303 -21.82 33.46 2.08
N VAL A 304 -22.94 33.93 2.63
CA VAL A 304 -24.25 33.39 2.27
C VAL A 304 -24.52 33.61 0.79
N ALA A 305 -24.11 34.76 0.27
CA ALA A 305 -24.33 35.08 -1.14
C ALA A 305 -23.36 34.37 -2.07
N ALA A 306 -22.30 33.74 -1.55
CA ALA A 306 -21.25 33.15 -2.38
C ALA A 306 -21.43 31.65 -2.60
N ILE A 307 -21.70 30.90 -1.53
CA ILE A 307 -21.78 29.45 -1.61
C ILE A 307 -23.20 29.04 -1.95
N PRO A 308 -23.40 28.21 -2.92
CA PRO A 308 -24.76 27.84 -3.32
C PRO A 308 -25.39 26.79 -2.40
N GLU A 309 -25.92 27.26 -1.27
CA GLU A 309 -26.71 26.39 -0.42
C GLU A 309 -27.90 25.83 -1.19
N GLY A 310 -28.39 24.68 -0.75
CA GLY A 310 -29.45 23.99 -1.47
C GLY A 310 -29.02 23.30 -2.75
N LEU A 311 -27.89 23.70 -3.34
CA LEU A 311 -27.33 22.91 -4.43
C LEU A 311 -27.06 21.47 -4.00
N PRO A 312 -26.54 21.18 -2.80
CA PRO A 312 -26.57 19.80 -2.32
C PRO A 312 -27.97 19.23 -2.26
N ALA A 313 -28.95 20.02 -1.80
CA ALA A 313 -30.33 19.55 -1.77
C ALA A 313 -30.84 19.29 -3.19
N VAL A 314 -30.60 20.22 -4.11
CA VAL A 314 -31.07 20.05 -5.49
C VAL A 314 -30.41 18.86 -6.16
N ILE A 315 -29.09 18.71 -5.97
CA ILE A 315 -28.38 17.58 -6.56
C ILE A 315 -28.94 16.26 -6.04
N THR A 316 -29.21 16.19 -4.73
CA THR A 316 -29.71 14.97 -4.13
C THR A 316 -31.02 14.53 -4.77
N THR A 317 -32.01 15.42 -4.83
CA THR A 317 -33.31 15.05 -5.38
C THR A 317 -33.23 14.74 -6.87
N CYS A 318 -32.25 15.30 -7.58
CA CYS A 318 -32.11 14.99 -9.00
C CYS A 318 -31.67 13.54 -9.19
N LEU A 319 -30.68 13.09 -8.42
CA LEU A 319 -30.27 11.69 -8.49
C LEU A 319 -31.39 10.78 -7.99
N ALA A 320 -32.12 11.22 -6.96
CA ALA A 320 -33.15 10.37 -6.37
C ALA A 320 -34.26 10.07 -7.35
N LEU A 321 -34.54 10.98 -8.28
CA LEU A 321 -35.54 10.71 -9.31
C LEU A 321 -34.99 9.80 -10.41
N GLY A 322 -33.69 9.92 -10.73
CA GLY A 322 -33.08 8.97 -11.63
C GLY A 322 -33.06 7.56 -11.05
N THR A 323 -32.84 7.44 -9.74
CA THR A 323 -32.99 6.15 -9.06
C THR A 323 -34.38 5.59 -9.28
N ARG A 324 -35.39 6.43 -9.16
CA ARG A 324 -36.78 5.99 -9.30
C ARG A 324 -37.09 5.60 -10.74
N ARG A 325 -36.64 6.40 -11.72
CA ARG A 325 -36.88 6.07 -13.11
C ARG A 325 -36.07 4.86 -13.55
N MET A 326 -34.87 4.68 -12.99
CA MET A 326 -34.06 3.51 -13.34
C MET A 326 -34.71 2.23 -12.89
N ALA A 327 -35.32 2.23 -11.70
CA ALA A 327 -35.95 1.03 -11.17
C ALA A 327 -37.09 0.58 -12.06
N LYS A 328 -37.69 1.50 -12.82
CA LYS A 328 -38.67 1.11 -13.83
C LYS A 328 -38.04 0.20 -14.88
N LYS A 329 -36.79 0.48 -15.25
CA LYS A 329 -36.04 -0.35 -16.19
C LYS A 329 -35.24 -1.45 -15.49
N ASN A 330 -35.55 -1.72 -14.21
CA ASN A 330 -35.05 -2.84 -13.44
C ASN A 330 -33.58 -2.72 -13.07
N ALA A 331 -33.03 -1.51 -13.09
CA ALA A 331 -31.70 -1.25 -12.55
C ALA A 331 -31.86 -0.62 -11.18
N ILE A 332 -31.39 -1.33 -10.15
CA ILE A 332 -31.53 -0.92 -8.76
C ILE A 332 -30.24 -0.25 -8.33
N VAL A 333 -30.31 1.05 -8.05
CA VAL A 333 -29.14 1.87 -7.79
C VAL A 333 -28.97 2.01 -6.28
N ARG A 334 -27.93 1.37 -5.75
CA ARG A 334 -27.70 1.35 -4.30
C ARG A 334 -26.99 2.61 -3.82
N SER A 335 -26.18 3.24 -4.67
CA SER A 335 -25.45 4.45 -4.32
C SER A 335 -25.84 5.56 -5.29
N LEU A 336 -26.37 6.65 -4.75
CA LEU A 336 -26.89 7.75 -5.56
C LEU A 336 -25.83 8.50 -6.37
N PRO A 337 -24.61 8.73 -5.85
CA PRO A 337 -23.59 9.39 -6.68
C PRO A 337 -23.22 8.64 -7.95
N SER A 338 -23.48 7.33 -8.01
CA SER A 338 -23.03 6.52 -9.14
C SER A 338 -23.95 6.63 -10.36
N VAL A 339 -25.08 7.34 -10.26
CA VAL A 339 -25.98 7.42 -11.41
C VAL A 339 -25.42 8.34 -12.49
N GLU A 340 -24.44 9.18 -12.18
CA GLU A 340 -23.82 10.03 -13.18
C GLU A 340 -22.46 9.51 -13.65
N THR A 341 -21.68 8.91 -12.74
CA THR A 341 -20.39 8.34 -13.13
C THR A 341 -20.54 7.24 -14.17
N LEU A 342 -21.72 6.61 -14.22
CA LEU A 342 -21.97 5.59 -15.23
C LEU A 342 -22.03 6.18 -16.63
N GLY A 343 -22.26 7.49 -16.76
CA GLY A 343 -22.27 8.11 -18.07
C GLY A 343 -20.88 8.16 -18.68
N CYS A 344 -19.88 8.59 -17.91
CA CYS A 344 -18.51 8.69 -18.36
C CYS A 344 -17.75 7.35 -18.28
N THR A 345 -18.47 6.23 -18.20
CA THR A 345 -17.83 4.93 -18.30
C THR A 345 -17.16 4.78 -19.66
N SER A 346 -15.84 4.60 -19.64
CA SER A 346 -15.06 4.38 -20.86
C SER A 346 -14.83 2.90 -21.15
N VAL A 347 -14.72 2.07 -20.11
CA VAL A 347 -14.47 0.65 -20.25
C VAL A 347 -15.44 -0.11 -19.36
N ILE A 348 -15.96 -1.23 -19.87
CA ILE A 348 -16.84 -2.12 -19.10
C ILE A 348 -16.15 -3.47 -19.01
N CYS A 349 -15.68 -3.80 -17.82
CA CYS A 349 -15.18 -5.15 -17.55
C CYS A 349 -16.34 -6.01 -17.11
N SER A 350 -16.40 -7.23 -17.64
CA SER A 350 -17.54 -8.07 -17.28
C SER A 350 -17.13 -9.54 -17.21
N ASP A 351 -17.54 -10.20 -16.13
CA ASP A 351 -17.46 -11.64 -15.90
C ASP A 351 -18.17 -12.36 -17.04
N LYS A 352 -17.97 -13.68 -17.11
CA LYS A 352 -18.49 -14.48 -18.20
C LYS A 352 -19.67 -15.31 -17.77
N THR A 353 -19.40 -16.36 -17.00
CA THR A 353 -20.47 -17.26 -16.61
C THR A 353 -21.30 -16.62 -15.51
N GLY A 354 -22.61 -16.61 -15.71
CA GLY A 354 -23.52 -15.94 -14.83
C GLY A 354 -23.80 -14.51 -15.19
N THR A 355 -22.96 -13.91 -16.04
CA THR A 355 -23.14 -12.52 -16.45
C THR A 355 -23.47 -12.44 -17.94
N LEU A 356 -22.45 -12.59 -18.79
CA LEU A 356 -22.67 -12.62 -20.22
C LEU A 356 -23.40 -13.88 -20.66
N THR A 357 -23.26 -14.95 -19.89
CA THR A 357 -23.90 -16.22 -20.20
C THR A 357 -24.91 -16.57 -19.12
N THR A 358 -25.77 -17.54 -19.42
CA THR A 358 -26.85 -17.89 -18.51
C THR A 358 -26.39 -18.75 -17.34
N ASN A 359 -25.17 -19.27 -17.38
CA ASN A 359 -24.67 -20.21 -16.37
C ASN A 359 -25.56 -21.45 -16.29
N GLN A 360 -25.98 -21.94 -17.45
CA GLN A 360 -26.84 -23.12 -17.55
C GLN A 360 -26.35 -23.95 -18.73
N MET A 361 -25.71 -25.09 -18.44
CA MET A 361 -25.10 -25.91 -19.48
C MET A 361 -26.15 -26.34 -20.51
N SER A 362 -25.84 -26.10 -21.79
CA SER A 362 -26.77 -26.36 -22.88
C SER A 362 -26.12 -27.27 -23.91
N VAL A 363 -26.89 -28.22 -24.42
CA VAL A 363 -26.44 -29.13 -25.46
C VAL A 363 -26.82 -28.51 -26.80
N CYS A 364 -25.86 -27.87 -27.45
CA CYS A 364 -26.14 -27.18 -28.70
C CYS A 364 -26.24 -28.14 -29.87
N LYS A 365 -25.34 -29.13 -29.94
CA LYS A 365 -25.25 -30.00 -31.09
C LYS A 365 -25.16 -31.46 -30.64
N MET A 366 -25.55 -32.35 -31.54
CA MET A 366 -25.48 -33.79 -31.32
C MET A 366 -25.51 -34.47 -32.68
N PHE A 367 -24.84 -35.62 -32.76
CA PHE A 367 -24.88 -36.38 -33.99
C PHE A 367 -24.98 -37.87 -33.70
N ILE A 368 -25.52 -38.60 -34.68
CA ILE A 368 -25.54 -40.05 -34.70
C ILE A 368 -25.20 -40.49 -36.12
N ILE A 369 -24.94 -41.79 -36.27
CA ILE A 369 -24.55 -42.31 -37.57
C ILE A 369 -25.74 -42.29 -38.52
N ASP A 370 -25.43 -42.16 -39.82
CA ASP A 370 -26.45 -42.22 -40.86
C ASP A 370 -26.22 -43.41 -41.77
N LYS A 371 -25.21 -43.35 -42.65
CA LYS A 371 -24.90 -44.45 -43.55
C LYS A 371 -23.50 -44.98 -43.25
N VAL A 372 -23.36 -46.30 -43.35
CA VAL A 372 -22.07 -46.96 -43.22
C VAL A 372 -21.94 -48.00 -44.32
N ASP A 373 -21.22 -47.65 -45.38
CA ASP A 373 -20.98 -48.58 -46.49
C ASP A 373 -19.62 -48.27 -47.07
N GLY A 374 -18.74 -49.27 -47.09
CA GLY A 374 -17.41 -49.05 -47.59
C GLY A 374 -16.60 -48.14 -46.68
N ASP A 375 -15.67 -47.39 -47.29
CA ASP A 375 -14.90 -46.40 -46.56
C ASP A 375 -15.64 -45.09 -46.36
N PHE A 376 -16.88 -44.99 -46.83
CA PHE A 376 -17.68 -43.79 -46.65
C PHE A 376 -18.56 -43.94 -45.41
N CYS A 377 -18.61 -42.88 -44.61
CA CYS A 377 -19.42 -42.84 -43.39
C CYS A 377 -20.13 -41.49 -43.31
N SER A 378 -21.45 -41.54 -43.19
CA SER A 378 -22.30 -40.36 -43.13
C SER A 378 -22.90 -40.21 -41.75
N LEU A 379 -23.05 -38.97 -41.31
CA LEU A 379 -23.55 -38.65 -39.98
C LEU A 379 -24.81 -37.80 -40.10
N ASN A 380 -25.75 -38.04 -39.20
CA ASN A 380 -26.87 -37.12 -38.98
C ASN A 380 -26.48 -36.16 -37.86
N GLU A 381 -26.33 -34.88 -38.18
CA GLU A 381 -25.98 -33.86 -37.21
C GLU A 381 -27.19 -32.97 -36.94
N PHE A 382 -27.46 -32.72 -35.66
CA PHE A 382 -28.61 -31.94 -35.26
C PHE A 382 -28.18 -30.73 -34.43
N SER A 383 -29.07 -29.74 -34.37
CA SER A 383 -28.85 -28.53 -33.59
C SER A 383 -30.03 -28.32 -32.66
N ILE A 384 -29.75 -27.95 -31.42
CA ILE A 384 -30.75 -27.79 -30.38
C ILE A 384 -30.74 -26.34 -29.91
N THR A 385 -31.89 -25.69 -29.93
CA THR A 385 -32.02 -24.29 -29.55
C THR A 385 -32.37 -24.17 -28.06
N GLY A 386 -32.24 -22.96 -27.55
CA GLY A 386 -32.51 -22.72 -26.14
C GLY A 386 -31.23 -22.56 -25.35
N SER A 387 -31.18 -21.53 -24.50
CA SER A 387 -29.99 -21.19 -23.75
C SER A 387 -30.25 -21.27 -22.25
N THR A 388 -31.08 -22.21 -21.82
CA THR A 388 -31.50 -22.27 -20.43
C THR A 388 -31.86 -23.71 -20.07
N TYR A 389 -31.81 -24.00 -18.77
CA TYR A 389 -32.20 -25.32 -18.28
C TYR A 389 -33.68 -25.62 -18.52
N ALA A 390 -34.49 -24.58 -18.74
CA ALA A 390 -35.92 -24.78 -18.95
C ALA A 390 -36.12 -25.68 -20.16
N PRO A 391 -37.15 -26.55 -20.15
CA PRO A 391 -37.37 -27.47 -21.27
C PRO A 391 -37.86 -26.78 -22.54
N GLU A 392 -37.69 -25.46 -22.63
CA GLU A 392 -38.06 -24.73 -23.83
C GLU A 392 -36.91 -24.77 -24.83
N GLY A 393 -37.25 -24.95 -26.10
CA GLY A 393 -36.28 -25.09 -27.16
C GLY A 393 -36.66 -26.23 -28.07
N GLU A 394 -36.18 -26.17 -29.31
CA GLU A 394 -36.50 -27.16 -30.33
C GLU A 394 -35.24 -27.71 -30.98
N VAL A 395 -35.34 -28.96 -31.42
CA VAL A 395 -34.25 -29.65 -32.12
C VAL A 395 -34.36 -29.34 -33.62
N LEU A 396 -33.22 -29.07 -34.24
CA LEU A 396 -33.16 -28.73 -35.66
C LEU A 396 -32.13 -29.61 -36.36
N LYS A 397 -32.49 -30.07 -37.56
CA LYS A 397 -31.51 -30.60 -38.51
C LYS A 397 -31.50 -29.68 -39.71
N ASN A 398 -30.33 -29.12 -40.02
CA ASN A 398 -30.16 -28.20 -41.14
C ASN A 398 -31.15 -27.04 -41.06
N ASP A 399 -31.32 -26.51 -39.85
CA ASP A 399 -32.08 -25.30 -39.53
C ASP A 399 -33.57 -25.42 -39.81
N LYS A 400 -34.05 -26.61 -40.15
CA LYS A 400 -35.49 -26.86 -40.17
C LYS A 400 -35.83 -27.76 -38.99
N PRO A 401 -36.85 -27.43 -38.19
CA PRO A 401 -37.21 -28.28 -37.07
C PRO A 401 -37.64 -29.67 -37.53
N ILE A 402 -37.20 -30.69 -36.79
CA ILE A 402 -37.60 -32.07 -37.03
C ILE A 402 -38.13 -32.66 -35.73
N ARG A 403 -38.72 -33.84 -35.85
CA ARG A 403 -39.21 -34.61 -34.71
C ARG A 403 -38.15 -35.62 -34.33
N SER A 404 -37.53 -35.44 -33.16
CA SER A 404 -36.39 -36.26 -32.77
C SER A 404 -36.71 -37.76 -32.80
N GLY A 405 -37.87 -38.13 -32.28
CA GLY A 405 -38.33 -39.52 -32.24
C GLY A 405 -38.49 -40.19 -33.59
N GLN A 406 -38.27 -39.48 -34.71
CA GLN A 406 -38.28 -40.11 -36.03
C GLN A 406 -36.96 -40.77 -36.38
N PHE A 407 -35.88 -40.47 -35.64
CA PHE A 407 -34.57 -41.08 -35.84
C PHE A 407 -34.37 -42.11 -34.73
N ASP A 408 -34.33 -43.39 -35.12
CA ASP A 408 -34.12 -44.46 -34.14
C ASP A 408 -32.83 -44.24 -33.36
N GLY A 409 -31.81 -43.70 -34.02
CA GLY A 409 -30.57 -43.40 -33.32
C GLY A 409 -30.75 -42.35 -32.24
N LEU A 410 -31.62 -41.36 -32.49
CA LEU A 410 -31.87 -40.33 -31.49
C LEU A 410 -32.64 -40.87 -30.29
N VAL A 411 -33.50 -41.88 -30.50
CA VAL A 411 -34.20 -42.52 -29.40
C VAL A 411 -33.20 -43.10 -28.41
N GLU A 412 -32.29 -43.93 -28.93
CA GLU A 412 -31.24 -44.51 -28.09
C GLU A 412 -30.39 -43.42 -27.44
N LEU A 413 -30.11 -42.35 -28.19
CA LEU A 413 -29.28 -41.27 -27.64
C LEU A 413 -29.92 -40.64 -26.41
N ALA A 414 -31.24 -40.44 -26.43
CA ALA A 414 -31.89 -39.82 -25.29
C ALA A 414 -32.08 -40.82 -24.16
N THR A 415 -32.38 -42.08 -24.49
CA THR A 415 -32.45 -43.12 -23.47
C THR A 415 -31.16 -43.19 -22.67
N ILE A 416 -30.02 -43.17 -23.35
CA ILE A 416 -28.72 -43.13 -22.67
C ILE A 416 -28.59 -41.85 -21.85
N CYS A 417 -29.12 -40.74 -22.38
CA CYS A 417 -29.04 -39.47 -21.66
C CYS A 417 -29.95 -39.47 -20.43
N ALA A 418 -31.13 -40.08 -20.54
CA ALA A 418 -32.06 -40.07 -19.42
C ALA A 418 -31.70 -41.10 -18.35
N LEU A 419 -31.09 -42.22 -18.75
CA LEU A 419 -30.83 -43.31 -17.80
C LEU A 419 -29.44 -43.21 -17.16
N CYS A 420 -28.41 -42.88 -17.94
CA CYS A 420 -27.06 -42.74 -17.38
C CYS A 420 -26.89 -41.32 -16.80
N ASN A 421 -27.73 -41.02 -15.82
CA ASN A 421 -27.86 -39.65 -15.33
C ASN A 421 -28.39 -39.68 -13.90
N ASP A 422 -27.69 -39.00 -12.99
CA ASP A 422 -28.11 -38.83 -11.61
C ASP A 422 -28.85 -37.51 -11.39
N SER A 423 -28.93 -36.66 -12.40
CA SER A 423 -29.47 -35.31 -12.23
C SER A 423 -30.97 -35.28 -12.52
N SER A 424 -31.61 -34.22 -12.03
CA SER A 424 -33.04 -33.99 -12.24
C SER A 424 -33.25 -32.52 -12.55
N LEU A 425 -34.50 -32.16 -12.84
CA LEU A 425 -34.91 -30.80 -13.16
C LEU A 425 -36.00 -30.39 -12.17
N ASP A 426 -35.85 -29.20 -11.58
CA ASP A 426 -36.79 -28.74 -10.56
C ASP A 426 -37.27 -27.35 -10.93
N PHE A 427 -38.58 -27.13 -10.83
CA PHE A 427 -39.15 -25.81 -11.05
C PHE A 427 -39.36 -25.14 -9.70
N ASN A 428 -38.59 -24.08 -9.44
CA ASN A 428 -38.74 -23.27 -8.23
C ASN A 428 -39.98 -22.40 -8.41
N GLU A 429 -41.09 -22.79 -7.77
CA GLU A 429 -42.31 -22.01 -7.89
C GLU A 429 -42.16 -20.63 -7.26
N THR A 430 -41.28 -20.49 -6.27
CA THR A 430 -41.06 -19.18 -5.66
C THR A 430 -40.29 -18.27 -6.61
N LYS A 431 -39.25 -18.78 -7.26
CA LYS A 431 -38.48 -17.97 -8.19
C LYS A 431 -39.11 -17.92 -9.57
N GLY A 432 -39.92 -18.91 -9.90
CA GLY A 432 -40.55 -18.98 -11.21
C GLY A 432 -39.67 -19.47 -12.34
N VAL A 433 -38.71 -20.35 -12.05
CA VAL A 433 -37.69 -20.73 -13.03
C VAL A 433 -37.17 -22.12 -12.70
N TYR A 434 -36.80 -22.88 -13.73
CA TYR A 434 -36.25 -24.22 -13.52
C TYR A 434 -34.83 -24.13 -12.97
N GLU A 435 -34.49 -25.05 -12.08
CA GLU A 435 -33.17 -25.10 -11.47
C GLU A 435 -32.61 -26.51 -11.60
N LYS A 436 -31.29 -26.58 -11.78
CA LYS A 436 -30.63 -27.86 -11.86
C LYS A 436 -30.73 -28.61 -10.53
N VAL A 437 -30.81 -29.94 -10.62
CA VAL A 437 -30.74 -30.83 -9.47
C VAL A 437 -29.63 -31.81 -9.76
N GLY A 438 -28.45 -31.56 -9.18
CA GLY A 438 -27.27 -32.36 -9.44
C GLY A 438 -26.23 -31.59 -10.23
N GLU A 439 -25.46 -32.30 -11.06
CA GLU A 439 -24.37 -31.69 -11.79
C GLU A 439 -24.89 -30.91 -12.98
N ALA A 440 -24.25 -29.77 -13.24
CA ALA A 440 -24.60 -28.96 -14.40
C ALA A 440 -24.41 -29.76 -15.69
N THR A 441 -23.29 -30.47 -15.80
CA THR A 441 -23.02 -31.26 -16.99
C THR A 441 -24.11 -32.32 -17.23
N GLU A 442 -24.60 -32.95 -16.16
CA GLU A 442 -25.64 -33.96 -16.32
C GLU A 442 -27.01 -33.32 -16.52
N THR A 443 -27.31 -32.26 -15.78
CA THR A 443 -28.60 -31.59 -15.94
C THR A 443 -28.81 -31.13 -17.38
N ALA A 444 -27.72 -30.78 -18.09
CA ALA A 444 -27.82 -30.45 -19.51
C ALA A 444 -28.45 -31.59 -20.29
N LEU A 445 -28.01 -32.82 -20.02
CA LEU A 445 -28.56 -33.98 -20.69
C LEU A 445 -30.02 -34.19 -20.31
N THR A 446 -30.36 -33.96 -19.04
CA THR A 446 -31.74 -34.07 -18.60
C THR A 446 -32.63 -33.11 -19.39
N THR A 447 -32.19 -31.86 -19.58
CA THR A 447 -32.96 -30.91 -20.35
C THR A 447 -33.01 -31.27 -21.83
N LEU A 448 -31.93 -31.86 -22.37
CA LEU A 448 -31.94 -32.30 -23.75
C LEU A 448 -33.09 -33.27 -24.01
N VAL A 449 -33.23 -34.28 -23.16
CA VAL A 449 -34.30 -35.27 -23.32
C VAL A 449 -35.67 -34.61 -23.27
N GLU A 450 -35.81 -33.54 -22.49
CA GLU A 450 -37.08 -32.83 -22.45
C GLU A 450 -37.35 -32.11 -23.77
N LYS A 451 -36.34 -31.43 -24.31
CA LYS A 451 -36.50 -30.74 -25.58
C LYS A 451 -36.78 -31.73 -26.71
N MET A 452 -36.01 -32.83 -26.78
CA MET A 452 -36.23 -33.87 -27.77
C MET A 452 -37.20 -34.89 -27.20
N ASN A 453 -38.49 -34.57 -27.29
CA ASN A 453 -39.55 -35.45 -26.80
C ASN A 453 -39.58 -36.72 -27.65
N VAL A 454 -38.78 -37.71 -27.24
CA VAL A 454 -38.47 -38.84 -28.11
C VAL A 454 -39.71 -39.68 -28.38
N PHE A 455 -40.52 -39.94 -27.36
CA PHE A 455 -41.71 -40.76 -27.53
C PHE A 455 -42.96 -39.93 -27.77
N ASN A 456 -42.79 -38.63 -28.05
CA ASN A 456 -43.88 -37.73 -28.44
C ASN A 456 -44.93 -37.60 -27.34
N THR A 457 -44.48 -37.52 -26.09
CA THR A 457 -45.40 -37.32 -24.98
C THR A 457 -46.05 -35.95 -25.07
N GLU A 458 -47.37 -35.91 -24.90
CA GLU A 458 -48.09 -34.64 -24.87
C GLU A 458 -47.68 -33.86 -23.62
N VAL A 459 -47.11 -32.66 -23.84
CA VAL A 459 -46.60 -31.83 -22.77
C VAL A 459 -47.13 -30.42 -22.80
N ARG A 460 -48.06 -30.11 -23.71
CA ARG A 460 -48.56 -28.74 -23.83
C ARG A 460 -49.35 -28.32 -22.60
N ASN A 461 -50.14 -29.25 -22.03
CA ASN A 461 -51.06 -28.94 -20.96
C ASN A 461 -50.46 -29.13 -19.57
N LEU A 462 -49.21 -29.55 -19.49
CA LEU A 462 -48.61 -29.83 -18.19
C LEU A 462 -48.39 -28.57 -17.38
N SER A 463 -48.63 -28.66 -16.08
CA SER A 463 -48.20 -27.61 -15.18
C SER A 463 -46.67 -27.51 -15.24
N LYS A 464 -46.15 -26.36 -14.79
CA LYS A 464 -44.72 -26.13 -14.94
C LYS A 464 -43.90 -27.03 -14.03
N VAL A 465 -44.46 -27.48 -12.91
CA VAL A 465 -43.73 -28.42 -12.07
C VAL A 465 -43.71 -29.80 -12.70
N GLU A 466 -44.81 -30.21 -13.34
CA GLU A 466 -44.85 -31.53 -13.95
C GLU A 466 -44.06 -31.58 -15.25
N ARG A 467 -43.89 -30.42 -15.90
CA ARG A 467 -43.13 -30.38 -17.14
C ARG A 467 -41.65 -30.67 -16.91
N ALA A 468 -41.15 -30.40 -15.70
CA ALA A 468 -39.71 -30.38 -15.46
C ALA A 468 -39.06 -31.71 -15.83
N ASN A 469 -39.69 -32.83 -15.48
CA ASN A 469 -39.12 -34.14 -15.72
C ASN A 469 -40.05 -35.05 -16.52
N ALA A 470 -40.99 -34.46 -17.26
CA ALA A 470 -42.04 -35.25 -17.88
C ALA A 470 -41.46 -36.30 -18.84
N CYS A 471 -40.53 -35.90 -19.70
CA CYS A 471 -40.03 -36.81 -20.72
C CYS A 471 -39.01 -37.81 -20.17
N ASN A 472 -38.18 -37.38 -19.21
CA ASN A 472 -37.27 -38.33 -18.56
C ASN A 472 -38.03 -39.42 -17.82
N SER A 473 -39.18 -39.09 -17.22
CA SER A 473 -39.92 -40.08 -16.45
C SER A 473 -40.55 -41.14 -17.34
N VAL A 474 -40.83 -40.83 -18.60
CA VAL A 474 -41.29 -41.84 -19.54
C VAL A 474 -40.21 -42.90 -19.74
N ILE A 475 -38.96 -42.45 -19.89
CA ILE A 475 -37.85 -43.37 -20.13
C ILE A 475 -37.54 -44.15 -18.86
N ARG A 476 -37.64 -43.51 -17.68
CA ARG A 476 -37.36 -44.21 -16.44
C ARG A 476 -38.28 -45.42 -16.27
N GLN A 477 -39.51 -45.31 -16.73
CA GLN A 477 -40.46 -46.42 -16.67
C GLN A 477 -40.29 -47.41 -17.82
N LEU A 478 -39.39 -47.14 -18.76
CA LEU A 478 -39.17 -48.07 -19.85
C LEU A 478 -38.19 -49.16 -19.46
N MET A 479 -37.18 -48.82 -18.66
CA MET A 479 -36.19 -49.79 -18.22
C MET A 479 -35.80 -49.50 -16.78
N LYS A 480 -35.72 -50.57 -15.97
CA LYS A 480 -35.36 -50.46 -14.56
C LYS A 480 -33.84 -50.36 -14.42
N LYS A 481 -33.39 -49.40 -13.63
CA LYS A 481 -31.95 -49.15 -13.43
C LYS A 481 -31.47 -50.01 -12.26
N GLU A 482 -30.77 -51.10 -12.57
CA GLU A 482 -30.38 -52.05 -11.54
C GLU A 482 -29.28 -51.49 -10.63
N PHE A 483 -28.25 -50.91 -11.22
CA PHE A 483 -27.17 -50.29 -10.46
C PHE A 483 -26.39 -49.37 -11.39
N THR A 484 -25.48 -48.60 -10.80
CA THR A 484 -24.72 -47.58 -11.52
C THR A 484 -23.24 -47.75 -11.22
N LEU A 485 -22.46 -48.02 -12.27
CA LEU A 485 -21.00 -47.99 -12.16
C LEU A 485 -20.56 -46.53 -12.23
N GLU A 486 -20.10 -46.00 -11.09
CA GLU A 486 -19.85 -44.58 -10.96
C GLU A 486 -18.79 -44.10 -11.94
N PHE A 487 -18.71 -42.77 -12.08
CA PHE A 487 -17.59 -42.15 -12.76
C PHE A 487 -16.31 -42.37 -11.96
N SER A 488 -15.23 -42.74 -12.65
CA SER A 488 -13.92 -42.88 -12.04
C SER A 488 -12.89 -42.14 -12.87
N ARG A 489 -11.81 -41.72 -12.22
CA ARG A 489 -10.83 -40.85 -12.86
C ARG A 489 -10.10 -41.54 -13.99
N ASP A 490 -9.87 -42.86 -13.85
CA ASP A 490 -9.04 -43.58 -14.80
C ASP A 490 -9.70 -43.67 -16.18
N ARG A 491 -10.97 -44.01 -16.21
CA ARG A 491 -11.66 -44.26 -17.47
C ARG A 491 -12.44 -43.07 -17.99
N LYS A 492 -12.68 -42.05 -17.15
CA LYS A 492 -13.45 -40.87 -17.55
C LYS A 492 -14.78 -41.26 -18.17
N SER A 493 -15.44 -42.25 -17.57
CA SER A 493 -16.68 -42.80 -18.10
C SER A 493 -17.57 -43.26 -16.94
N MET A 494 -18.84 -43.49 -17.24
CA MET A 494 -19.77 -44.04 -16.26
C MET A 494 -20.85 -44.82 -16.99
N SER A 495 -21.54 -45.69 -16.25
CA SER A 495 -22.51 -46.58 -16.85
C SER A 495 -23.65 -46.88 -15.88
N VAL A 496 -24.76 -47.33 -16.45
CA VAL A 496 -25.88 -47.86 -15.70
C VAL A 496 -26.24 -49.22 -16.27
N TYR A 497 -26.72 -50.10 -15.41
CA TYR A 497 -27.11 -51.46 -15.78
C TYR A 497 -28.63 -51.55 -15.67
N CYS A 498 -29.30 -51.71 -16.81
CA CYS A 498 -30.75 -51.62 -16.86
C CYS A 498 -31.36 -52.93 -17.36
N SER A 499 -32.48 -53.31 -16.75
CA SER A 499 -33.29 -54.47 -17.10
C SER A 499 -34.65 -54.02 -17.64
N PRO A 500 -35.22 -54.77 -18.59
CA PRO A 500 -36.33 -54.21 -19.39
C PRO A 500 -37.63 -53.97 -18.63
N ALA A 501 -37.84 -54.62 -17.48
CA ALA A 501 -39.07 -54.48 -16.71
C ALA A 501 -40.30 -54.85 -17.54
N LYS A 502 -40.15 -55.88 -18.36
CA LYS A 502 -41.26 -56.52 -19.06
C LYS A 502 -41.22 -58.01 -18.75
N SER A 503 -42.09 -58.76 -19.40
CA SER A 503 -42.08 -60.22 -19.30
C SER A 503 -41.13 -60.86 -20.31
N SER A 504 -40.51 -60.08 -21.18
CA SER A 504 -39.67 -60.66 -22.22
C SER A 504 -38.31 -61.07 -21.65
N ARG A 505 -37.82 -60.35 -20.65
CA ARG A 505 -36.64 -60.73 -19.85
C ARG A 505 -35.43 -60.81 -20.77
N ALA A 506 -34.75 -61.96 -20.88
CA ALA A 506 -33.47 -62.02 -21.59
C ALA A 506 -33.61 -61.95 -23.10
N ALA A 507 -34.78 -62.30 -23.64
CA ALA A 507 -34.98 -62.25 -25.08
C ALA A 507 -34.87 -60.82 -25.59
N VAL A 508 -35.72 -59.93 -25.08
CA VAL A 508 -35.57 -58.50 -25.34
C VAL A 508 -34.28 -57.98 -24.74
N GLY A 509 -33.74 -58.68 -23.74
CA GLY A 509 -32.41 -58.43 -23.23
C GLY A 509 -32.26 -57.17 -22.39
N ASN A 510 -31.48 -57.27 -21.33
CA ASN A 510 -31.13 -56.11 -20.55
C ASN A 510 -29.78 -55.57 -21.02
N LYS A 511 -29.57 -54.27 -20.79
CA LYS A 511 -28.47 -53.55 -21.44
C LYS A 511 -27.70 -52.72 -20.43
N MET A 512 -26.50 -52.29 -20.86
CA MET A 512 -25.68 -51.32 -20.17
C MET A 512 -25.64 -50.04 -21.00
N PHE A 513 -25.82 -48.89 -20.33
CA PHE A 513 -25.77 -47.60 -21.00
C PHE A 513 -24.57 -46.82 -20.48
N VAL A 514 -23.78 -46.30 -21.41
CA VAL A 514 -22.44 -45.77 -21.10
C VAL A 514 -22.32 -44.36 -21.65
N LYS A 515 -21.78 -43.46 -20.84
CA LYS A 515 -21.54 -42.07 -21.20
C LYS A 515 -20.18 -41.65 -20.64
N GLY A 516 -19.47 -40.83 -21.39
CA GLY A 516 -18.20 -40.32 -20.91
C GLY A 516 -17.37 -39.68 -22.02
N ALA A 517 -16.17 -39.22 -21.61
CA ALA A 517 -15.18 -38.60 -22.50
C ALA A 517 -15.07 -39.39 -23.80
N PRO A 518 -15.09 -38.70 -24.94
CA PRO A 518 -15.26 -39.43 -26.23
C PRO A 518 -14.15 -40.40 -26.53
N GLU A 519 -12.90 -40.04 -26.27
CA GLU A 519 -11.78 -40.91 -26.62
C GLU A 519 -11.89 -42.25 -25.90
N GLY A 520 -12.10 -42.22 -24.58
CA GLY A 520 -12.18 -43.46 -23.83
C GLY A 520 -13.32 -44.35 -24.27
N VAL A 521 -14.48 -43.76 -24.56
CA VAL A 521 -15.65 -44.56 -24.91
C VAL A 521 -15.50 -45.15 -26.30
N ILE A 522 -15.12 -44.31 -27.27
CA ILE A 522 -15.09 -44.75 -28.66
C ILE A 522 -14.05 -45.85 -28.88
N ASP A 523 -12.99 -45.88 -28.07
CA ASP A 523 -12.03 -46.99 -28.17
C ASP A 523 -12.69 -48.32 -27.87
N ARG A 524 -13.40 -48.40 -26.75
CA ARG A 524 -14.10 -49.63 -26.35
C ARG A 524 -15.42 -49.82 -27.09
N CYS A 525 -15.46 -49.54 -28.39
CA CYS A 525 -16.70 -49.61 -29.18
C CYS A 525 -16.45 -50.47 -30.41
N ASN A 526 -16.66 -51.78 -30.25
CA ASN A 526 -16.47 -52.69 -31.38
C ASN A 526 -17.60 -52.64 -32.39
N TYR A 527 -18.67 -51.89 -32.11
CA TYR A 527 -19.80 -51.79 -33.01
C TYR A 527 -20.24 -50.33 -33.11
N VAL A 528 -21.07 -50.06 -34.13
CA VAL A 528 -21.58 -48.73 -34.39
C VAL A 528 -23.08 -48.85 -34.61
N ARG A 529 -23.86 -48.09 -33.86
CA ARG A 529 -25.31 -48.14 -33.99
C ARG A 529 -25.74 -47.36 -35.22
N VAL A 530 -26.51 -48.02 -36.08
CA VAL A 530 -27.10 -47.36 -37.25
C VAL A 530 -28.60 -47.53 -37.19
N GLY A 531 -29.28 -46.63 -36.47
CA GLY A 531 -30.71 -46.74 -36.26
C GLY A 531 -31.07 -47.88 -35.33
N THR A 532 -31.80 -48.87 -35.85
CA THR A 532 -32.06 -50.08 -35.09
C THR A 532 -30.90 -51.07 -35.21
N THR A 533 -30.19 -51.05 -36.32
CA THR A 533 -29.23 -52.08 -36.68
C THR A 533 -27.86 -51.79 -36.10
N ARG A 534 -27.05 -52.84 -36.01
CA ARG A 534 -25.68 -52.76 -35.51
C ARG A 534 -24.71 -53.10 -36.63
N VAL A 535 -23.63 -52.33 -36.74
CA VAL A 535 -22.68 -52.54 -37.82
C VAL A 535 -21.28 -52.54 -37.21
N PRO A 536 -20.33 -53.32 -37.72
CA PRO A 536 -19.00 -53.34 -37.09
C PRO A 536 -18.28 -52.01 -37.19
N MET A 537 -17.61 -51.62 -36.10
CA MET A 537 -16.83 -50.39 -36.06
C MET A 537 -15.55 -50.58 -36.86
N THR A 538 -15.42 -49.85 -37.97
CA THR A 538 -14.26 -49.92 -38.83
C THR A 538 -13.37 -48.69 -38.62
N GLY A 539 -12.21 -48.71 -39.27
CA GLY A 539 -11.33 -47.56 -39.29
C GLY A 539 -12.00 -46.30 -39.82
N PRO A 540 -12.51 -46.37 -41.06
CA PRO A 540 -13.22 -45.20 -41.62
C PRO A 540 -14.33 -44.64 -40.74
N VAL A 541 -15.16 -45.51 -40.17
CA VAL A 541 -16.27 -45.04 -39.34
C VAL A 541 -15.74 -44.33 -38.10
N LYS A 542 -14.71 -44.90 -37.47
CA LYS A 542 -14.16 -44.31 -36.26
C LYS A 542 -13.56 -42.93 -36.56
N GLU A 543 -12.82 -42.81 -37.66
CA GLU A 543 -12.22 -41.53 -38.00
C GLU A 543 -13.28 -40.48 -38.27
N LYS A 544 -14.33 -40.85 -39.01
CA LYS A 544 -15.37 -39.89 -39.38
C LYS A 544 -16.04 -39.31 -38.14
N ILE A 545 -16.25 -40.12 -37.11
CA ILE A 545 -16.86 -39.60 -35.89
C ILE A 545 -15.80 -38.91 -35.02
N LEU A 546 -14.59 -39.46 -34.95
CA LEU A 546 -13.52 -38.79 -34.22
C LEU A 546 -13.06 -37.52 -34.92
N SER A 547 -13.34 -37.40 -36.22
CA SER A 547 -13.07 -36.14 -36.92
C SER A 547 -14.02 -35.05 -36.45
N VAL A 548 -15.33 -35.34 -36.49
CA VAL A 548 -16.31 -34.32 -36.16
C VAL A 548 -16.18 -33.90 -34.69
N ILE A 549 -15.86 -34.85 -33.81
CA ILE A 549 -15.65 -34.50 -32.40
C ILE A 549 -14.52 -33.49 -32.27
N LYS A 550 -13.42 -33.69 -32.99
CA LYS A 550 -12.32 -32.74 -32.95
C LYS A 550 -12.73 -31.39 -33.52
N GLU A 551 -13.61 -31.38 -34.52
CA GLU A 551 -14.11 -30.12 -35.06
C GLU A 551 -14.95 -29.38 -34.03
N TRP A 552 -15.88 -30.09 -33.37
CA TRP A 552 -16.68 -29.47 -32.32
C TRP A 552 -15.86 -29.15 -31.09
N GLY A 553 -14.68 -29.74 -30.95
CA GLY A 553 -13.85 -29.52 -29.78
C GLY A 553 -12.95 -28.30 -29.88
N THR A 554 -12.34 -28.11 -31.05
CA THR A 554 -11.35 -27.04 -31.28
C THR A 554 -11.83 -26.04 -32.33
N GLY A 555 -13.13 -25.74 -32.33
CA GLY A 555 -13.73 -24.95 -33.37
C GLY A 555 -14.14 -23.56 -32.94
N ARG A 556 -14.84 -22.87 -33.84
CA ARG A 556 -15.52 -21.64 -33.47
C ARG A 556 -16.58 -21.91 -32.42
N ASP A 557 -17.16 -23.10 -32.43
CA ASP A 557 -17.96 -23.61 -31.31
C ASP A 557 -17.06 -24.59 -30.54
N THR A 558 -16.57 -24.14 -29.40
CA THR A 558 -15.73 -24.97 -28.53
C THR A 558 -16.64 -25.62 -27.48
N LEU A 559 -16.94 -26.90 -27.68
CA LEU A 559 -17.98 -27.59 -26.94
C LEU A 559 -17.41 -28.85 -26.31
N ARG A 560 -17.69 -29.05 -25.03
CA ARG A 560 -17.35 -30.32 -24.41
C ARG A 560 -18.26 -31.41 -24.96
N CYS A 561 -17.63 -32.47 -25.44
CA CYS A 561 -18.33 -33.57 -26.10
C CYS A 561 -18.34 -34.77 -25.18
N LEU A 562 -19.50 -35.40 -25.07
CA LEU A 562 -19.65 -36.68 -24.39
C LEU A 562 -20.05 -37.73 -25.41
N ALA A 563 -19.45 -38.91 -25.31
CA ALA A 563 -19.79 -40.02 -26.18
C ALA A 563 -20.84 -40.88 -25.49
N LEU A 564 -21.86 -41.26 -26.25
CA LEU A 564 -22.97 -42.06 -25.74
C LEU A 564 -22.93 -43.42 -26.44
N ALA A 565 -22.69 -44.47 -25.66
CA ALA A 565 -22.64 -45.82 -26.18
C ALA A 565 -23.45 -46.74 -25.28
N THR A 566 -23.86 -47.87 -25.85
CA THR A 566 -24.56 -48.92 -25.13
C THR A 566 -23.78 -50.22 -25.26
N ARG A 567 -24.00 -51.12 -24.30
CA ARG A 567 -23.50 -52.48 -24.40
C ARG A 567 -24.68 -53.42 -24.52
N ASP A 568 -24.81 -54.07 -25.67
CA ASP A 568 -25.98 -54.87 -25.97
C ASP A 568 -25.97 -56.21 -25.25
N THR A 569 -24.79 -56.81 -25.06
CA THR A 569 -24.66 -58.07 -24.33
C THR A 569 -23.81 -57.81 -23.09
N PRO A 570 -24.42 -57.42 -21.97
CA PRO A 570 -23.65 -57.10 -20.77
C PRO A 570 -23.23 -58.36 -20.04
N PRO A 571 -22.37 -58.25 -19.03
CA PRO A 571 -22.02 -59.43 -18.22
C PRO A 571 -23.19 -59.85 -17.34
N LYS A 572 -23.00 -61.00 -16.69
CA LYS A 572 -24.02 -61.53 -15.80
C LYS A 572 -24.11 -60.68 -14.53
N ARG A 573 -25.34 -60.39 -14.10
CA ARG A 573 -25.56 -59.51 -12.95
C ARG A 573 -24.81 -59.99 -11.72
N GLU A 574 -24.73 -61.31 -11.52
CA GLU A 574 -24.02 -61.91 -10.40
C GLU A 574 -22.53 -62.11 -10.67
N GLU A 575 -22.08 -61.82 -11.89
CA GLU A 575 -20.68 -61.94 -12.27
C GLU A 575 -19.88 -60.68 -11.98
N MET A 576 -20.54 -59.55 -11.75
CA MET A 576 -19.89 -58.26 -11.59
C MET A 576 -19.77 -57.91 -10.11
N VAL A 577 -18.59 -57.44 -9.71
CA VAL A 577 -18.34 -57.01 -8.33
C VAL A 577 -18.34 -55.48 -8.30
N LEU A 578 -19.07 -54.91 -7.35
CA LEU A 578 -19.27 -53.47 -7.29
C LEU A 578 -18.49 -52.81 -6.16
N ASP A 579 -17.69 -53.57 -5.40
CA ASP A 579 -16.85 -52.98 -4.36
C ASP A 579 -15.68 -52.20 -4.95
N ASP A 580 -15.28 -52.52 -6.18
CA ASP A 580 -13.99 -52.11 -6.73
C ASP A 580 -14.23 -51.28 -7.98
N SER A 581 -13.88 -49.98 -7.91
CA SER A 581 -14.10 -49.08 -9.04
C SER A 581 -13.14 -49.33 -10.21
N SER A 582 -12.18 -50.24 -10.09
CA SER A 582 -11.19 -50.42 -11.14
C SER A 582 -11.60 -51.47 -12.18
N ARG A 583 -12.49 -52.39 -11.83
CA ARG A 583 -12.99 -53.36 -12.80
C ARG A 583 -14.03 -52.76 -13.73
N PHE A 584 -14.46 -51.53 -13.47
CA PHE A 584 -15.58 -50.95 -14.20
C PHE A 584 -15.25 -50.72 -15.66
N MET A 585 -13.98 -50.44 -15.99
CA MET A 585 -13.66 -50.17 -17.39
C MET A 585 -13.84 -51.41 -18.25
N GLU A 586 -13.33 -52.56 -17.80
CA GLU A 586 -13.54 -53.80 -18.54
C GLU A 586 -15.01 -54.18 -18.58
N TYR A 587 -15.77 -53.78 -17.56
CA TYR A 587 -17.22 -53.98 -17.61
C TYR A 587 -17.84 -53.20 -18.77
N GLU A 588 -17.31 -52.01 -19.04
CA GLU A 588 -17.79 -51.16 -20.13
C GLU A 588 -16.94 -51.39 -21.38
N THR A 589 -17.09 -52.59 -21.94
CA THR A 589 -16.32 -52.97 -23.11
C THR A 589 -17.25 -53.64 -24.12
N ASP A 590 -16.74 -53.79 -25.35
CA ASP A 590 -17.51 -54.34 -26.46
C ASP A 590 -18.79 -53.54 -26.68
N LEU A 591 -18.66 -52.21 -26.59
CA LEU A 591 -19.81 -51.34 -26.63
C LEU A 591 -20.21 -51.02 -28.07
N THR A 592 -21.40 -50.44 -28.21
CA THR A 592 -21.89 -49.98 -29.50
C THR A 592 -22.01 -48.46 -29.44
N PHE A 593 -21.22 -47.77 -30.26
CA PHE A 593 -21.30 -46.32 -30.33
C PHE A 593 -22.69 -45.91 -30.81
N VAL A 594 -23.30 -44.97 -30.10
CA VAL A 594 -24.60 -44.42 -30.48
C VAL A 594 -24.45 -42.98 -31.00
N GLY A 595 -23.99 -42.07 -30.15
CA GLY A 595 -23.86 -40.70 -30.59
C GLY A 595 -22.98 -39.87 -29.69
N VAL A 596 -22.91 -38.57 -30.00
CA VAL A 596 -22.12 -37.59 -29.27
C VAL A 596 -22.97 -36.35 -29.05
N VAL A 597 -22.72 -35.65 -27.94
CA VAL A 597 -23.41 -34.42 -27.62
C VAL A 597 -22.38 -33.33 -27.30
N GLY A 598 -22.70 -32.10 -27.68
CA GLY A 598 -21.82 -30.97 -27.42
C GLY A 598 -22.44 -29.96 -26.46
N MET A 599 -21.68 -29.53 -25.45
CA MET A 599 -22.22 -28.75 -24.34
C MET A 599 -21.61 -27.35 -24.29
N LEU A 600 -22.40 -26.39 -23.83
CA LEU A 600 -21.95 -25.01 -23.71
C LEU A 600 -22.83 -24.23 -22.75
N ASP A 601 -22.19 -23.44 -21.89
CA ASP A 601 -22.85 -22.37 -21.17
C ASP A 601 -23.00 -21.18 -22.11
N PRO A 602 -24.19 -20.99 -22.70
CA PRO A 602 -24.32 -20.09 -23.84
C PRO A 602 -24.59 -18.67 -23.41
N PRO A 603 -24.30 -17.70 -24.27
CA PRO A 603 -24.51 -16.29 -23.90
C PRO A 603 -25.99 -15.91 -23.90
N ARG A 604 -26.29 -14.90 -23.09
CA ARG A 604 -27.67 -14.45 -22.95
C ARG A 604 -28.15 -13.79 -24.24
N LYS A 605 -29.46 -13.92 -24.50
CA LYS A 605 -30.06 -13.51 -25.77
C LYS A 605 -29.61 -12.13 -26.22
N GLU A 606 -29.56 -11.18 -25.29
CA GLU A 606 -29.39 -9.77 -25.63
C GLU A 606 -27.97 -9.27 -25.50
N VAL A 607 -27.03 -10.10 -25.02
CA VAL A 607 -25.70 -9.60 -24.69
C VAL A 607 -25.01 -9.04 -25.93
N MET A 608 -25.06 -9.79 -27.04
CA MET A 608 -24.32 -9.41 -28.24
C MET A 608 -24.67 -8.00 -28.70
N GLY A 609 -25.97 -7.74 -28.88
CA GLY A 609 -26.38 -6.43 -29.35
C GLY A 609 -25.99 -5.32 -28.41
N SER A 610 -26.09 -5.57 -27.10
CA SER A 610 -25.72 -4.57 -26.12
C SER A 610 -24.25 -4.18 -26.25
N ILE A 611 -23.40 -5.15 -26.58
CA ILE A 611 -21.98 -4.86 -26.76
C ILE A 611 -21.78 -3.93 -27.95
N GLN A 612 -22.44 -4.23 -29.07
CA GLN A 612 -22.38 -3.37 -30.24
C GLN A 612 -22.83 -1.96 -29.93
N LEU A 613 -23.72 -1.80 -28.95
CA LEU A 613 -24.19 -0.46 -28.61
C LEU A 613 -23.14 0.32 -27.84
N CYS A 614 -22.44 -0.33 -26.91
CA CYS A 614 -21.33 0.33 -26.22
C CYS A 614 -20.24 0.71 -27.21
N ARG A 615 -19.87 -0.20 -28.11
CA ARG A 615 -18.95 0.10 -29.19
C ARG A 615 -19.42 1.33 -29.97
N ASP A 616 -20.72 1.44 -30.23
CA ASP A 616 -21.26 2.62 -30.89
C ASP A 616 -21.19 3.86 -30.00
N ALA A 617 -21.10 3.69 -28.69
CA ALA A 617 -21.03 4.81 -27.74
C ALA A 617 -19.62 5.00 -27.18
N GLY A 618 -18.61 4.40 -27.82
CA GLY A 618 -17.24 4.59 -27.37
C GLY A 618 -16.91 3.93 -26.05
N ILE A 619 -17.57 2.83 -25.72
CA ILE A 619 -17.28 2.08 -24.49
C ILE A 619 -16.84 0.68 -24.91
N ARG A 620 -15.62 0.32 -24.54
CA ARG A 620 -15.13 -1.01 -24.84
C ARG A 620 -15.53 -1.99 -23.73
N VAL A 621 -15.57 -3.27 -24.07
CA VAL A 621 -15.96 -4.32 -23.15
C VAL A 621 -14.83 -5.34 -23.07
N ILE A 622 -14.46 -5.70 -21.84
CA ILE A 622 -13.42 -6.70 -21.58
C ILE A 622 -14.02 -7.83 -20.77
N MET A 623 -13.81 -9.06 -21.24
CA MET A 623 -14.21 -10.26 -20.51
C MET A 623 -13.09 -10.70 -19.57
N ILE A 624 -13.47 -11.03 -18.33
CA ILE A 624 -12.52 -11.51 -17.33
C ILE A 624 -13.18 -12.68 -16.62
N THR A 625 -12.67 -13.88 -16.85
CA THR A 625 -13.32 -15.09 -16.36
C THR A 625 -12.31 -16.04 -15.76
N GLY A 626 -12.76 -16.82 -14.78
CA GLY A 626 -11.95 -17.90 -14.27
C GLY A 626 -12.04 -19.17 -15.07
N ASP A 627 -12.83 -19.16 -16.14
CA ASP A 627 -13.04 -20.32 -16.99
C ASP A 627 -11.84 -20.51 -17.91
N ASN A 628 -11.76 -21.71 -18.50
CA ASN A 628 -10.68 -22.03 -19.42
C ASN A 628 -10.66 -21.04 -20.59
N LYS A 629 -9.45 -20.82 -21.13
CA LYS A 629 -9.25 -19.73 -22.08
C LYS A 629 -9.96 -20.00 -23.40
N GLY A 630 -9.76 -21.18 -23.97
CA GLY A 630 -10.40 -21.57 -25.22
C GLY A 630 -11.91 -21.41 -25.23
N THR A 631 -12.55 -21.55 -24.07
CA THR A 631 -13.99 -21.34 -23.96
C THR A 631 -14.33 -19.85 -23.95
N ALA A 632 -13.62 -19.06 -23.15
CA ALA A 632 -13.85 -17.62 -23.08
C ALA A 632 -13.67 -16.96 -24.44
N ILE A 633 -12.69 -17.43 -25.22
CA ILE A 633 -12.49 -16.90 -26.57
C ILE A 633 -13.69 -17.26 -27.46
N ALA A 634 -14.25 -18.44 -27.29
CA ALA A 634 -15.37 -18.85 -28.13
C ALA A 634 -16.64 -18.09 -27.77
N ILE A 635 -16.85 -17.81 -26.48
CA ILE A 635 -17.96 -16.96 -26.10
C ILE A 635 -17.73 -15.53 -26.58
N CYS A 636 -16.46 -15.09 -26.59
CA CYS A 636 -16.15 -13.75 -27.08
C CYS A 636 -16.52 -13.60 -28.55
N ARG A 637 -16.23 -14.60 -29.38
CA ARG A 637 -16.61 -14.54 -30.78
C ARG A 637 -18.12 -14.51 -30.94
N ARG A 638 -18.83 -15.28 -30.12
CA ARG A 638 -20.28 -15.29 -30.17
C ARG A 638 -20.89 -13.95 -29.76
N ILE A 639 -20.24 -13.25 -28.82
CA ILE A 639 -20.76 -11.97 -28.34
C ILE A 639 -20.44 -10.85 -29.31
N GLY A 640 -19.32 -10.92 -30.01
CA GLY A 640 -18.87 -9.86 -30.88
C GLY A 640 -17.64 -9.14 -30.38
N ILE A 641 -17.11 -9.51 -29.20
CA ILE A 641 -15.85 -8.96 -28.73
C ILE A 641 -14.74 -9.29 -29.72
N PHE A 642 -14.73 -10.52 -30.21
CA PHE A 642 -13.82 -10.95 -31.27
C PHE A 642 -14.61 -11.31 -32.52
N GLY A 643 -13.93 -11.28 -33.65
CA GLY A 643 -14.52 -11.72 -34.90
C GLY A 643 -14.62 -13.23 -34.96
N GLU A 644 -15.57 -13.69 -35.78
CA GLU A 644 -15.78 -15.13 -35.92
C GLU A 644 -14.53 -15.82 -36.41
N ASN A 645 -13.79 -15.20 -37.35
CA ASN A 645 -12.54 -15.74 -37.85
C ASN A 645 -11.33 -14.92 -37.39
N GLU A 646 -11.55 -13.95 -36.50
CA GLU A 646 -10.46 -13.13 -35.99
C GLU A 646 -9.46 -13.97 -35.22
N GLU A 647 -8.17 -13.84 -35.59
CA GLU A 647 -7.11 -14.59 -34.93
C GLU A 647 -6.68 -13.82 -33.69
N VAL A 648 -7.32 -14.14 -32.57
CA VAL A 648 -6.88 -13.62 -31.29
C VAL A 648 -5.47 -14.13 -31.01
N ALA A 649 -4.55 -13.21 -30.77
CA ALA A 649 -3.17 -13.60 -30.58
C ALA A 649 -2.65 -12.98 -29.30
N ASP A 650 -2.30 -11.70 -29.34
CA ASP A 650 -1.87 -10.96 -28.17
C ASP A 650 -3.04 -10.21 -27.53
N ARG A 651 -4.27 -10.67 -27.76
CA ARG A 651 -5.46 -10.00 -27.28
C ARG A 651 -6.20 -10.76 -26.18
N ALA A 652 -5.86 -12.02 -25.95
CA ALA A 652 -6.44 -12.80 -24.87
C ALA A 652 -5.32 -13.51 -24.11
N TYR A 653 -5.32 -13.32 -22.80
CA TYR A 653 -4.29 -13.88 -21.93
C TYR A 653 -4.94 -14.62 -20.77
N THR A 654 -4.25 -15.65 -20.29
CA THR A 654 -4.59 -16.22 -19.00
C THR A 654 -3.89 -15.43 -17.90
N GLY A 655 -4.35 -15.63 -16.66
CA GLY A 655 -3.78 -14.88 -15.56
C GLY A 655 -2.29 -15.12 -15.42
N ARG A 656 -1.86 -16.35 -15.65
CA ARG A 656 -0.43 -16.66 -15.57
C ARG A 656 0.35 -15.98 -16.68
N GLU A 657 -0.12 -16.13 -17.93
CA GLU A 657 0.52 -15.42 -19.05
C GLU A 657 0.55 -13.92 -18.80
N PHE A 658 -0.55 -13.37 -18.26
CA PHE A 658 -0.61 -11.96 -17.91
C PHE A 658 0.40 -11.62 -16.82
N ASP A 659 0.43 -12.43 -15.76
CA ASP A 659 1.40 -12.20 -14.69
C ASP A 659 2.84 -12.35 -15.18
N ASP A 660 3.06 -13.15 -16.22
CA ASP A 660 4.40 -13.36 -16.74
C ASP A 660 4.91 -12.19 -17.57
N LEU A 661 4.04 -11.28 -17.98
CA LEU A 661 4.52 -10.10 -18.67
C LEU A 661 5.21 -9.15 -17.68
N PRO A 662 6.27 -8.46 -18.10
CA PRO A 662 6.83 -7.42 -17.24
C PRO A 662 5.77 -6.36 -16.96
N LEU A 663 5.82 -5.79 -15.75
CA LEU A 663 4.81 -4.85 -15.28
C LEU A 663 4.45 -3.80 -16.33
N ALA A 664 5.47 -3.29 -17.03
CA ALA A 664 5.24 -2.28 -18.07
C ALA A 664 4.31 -2.83 -19.16
N GLU A 665 4.63 -4.02 -19.69
CA GLU A 665 3.81 -4.61 -20.73
C GLU A 665 2.39 -4.94 -20.26
N GLN A 666 2.18 -5.07 -18.95
CA GLN A 666 0.85 -5.39 -18.45
C GLN A 666 -0.11 -4.24 -18.66
N ARG A 667 0.30 -3.01 -18.33
CA ARG A 667 -0.58 -1.87 -18.51
C ARG A 667 -0.97 -1.70 -19.96
N GLU A 668 -0.03 -1.89 -20.88
CA GLU A 668 -0.36 -1.85 -22.30
C GLU A 668 -1.24 -3.01 -22.70
N ALA A 669 -1.10 -4.16 -22.04
CA ALA A 669 -1.95 -5.30 -22.35
C ALA A 669 -3.40 -4.99 -22.01
N CYS A 670 -3.66 -4.42 -20.83
CA CYS A 670 -5.01 -4.05 -20.42
C CYS A 670 -5.66 -3.03 -21.34
N ARG A 671 -4.89 -2.36 -22.20
CA ARG A 671 -5.45 -1.45 -23.19
C ARG A 671 -5.76 -2.13 -24.53
N ARG A 672 -5.10 -3.24 -24.84
CA ARG A 672 -5.31 -3.91 -26.12
C ARG A 672 -5.98 -5.28 -25.99
N ALA A 673 -5.93 -5.90 -24.83
CA ALA A 673 -6.49 -7.23 -24.63
C ALA A 673 -7.97 -7.10 -24.28
N CYS A 674 -8.77 -8.05 -24.77
CA CYS A 674 -10.21 -8.03 -24.56
C CYS A 674 -10.73 -9.22 -23.75
N CYS A 675 -9.90 -10.23 -23.52
CA CYS A 675 -10.33 -11.45 -22.85
C CYS A 675 -9.24 -11.92 -21.89
N PHE A 676 -9.66 -12.33 -20.69
CA PHE A 676 -8.76 -12.80 -19.64
C PHE A 676 -9.36 -14.02 -18.97
N ALA A 677 -8.59 -15.11 -18.90
CA ALA A 677 -9.08 -16.40 -18.42
C ALA A 677 -8.12 -16.99 -17.38
N ARG A 678 -8.49 -18.16 -16.87
CA ARG A 678 -7.74 -18.86 -15.82
C ARG A 678 -7.32 -17.88 -14.73
N VAL A 679 -8.29 -17.09 -14.27
CA VAL A 679 -8.05 -15.89 -13.50
C VAL A 679 -8.44 -16.13 -12.05
N GLU A 680 -7.53 -15.78 -11.13
CA GLU A 680 -7.83 -15.75 -9.71
C GLU A 680 -8.54 -14.45 -9.37
N PRO A 681 -9.32 -14.43 -8.27
CA PRO A 681 -10.07 -13.20 -7.93
C PRO A 681 -9.25 -11.92 -7.97
N SER A 682 -8.02 -11.94 -7.43
CA SER A 682 -7.19 -10.74 -7.41
C SER A 682 -6.76 -10.28 -8.79
N HIS A 683 -6.77 -11.17 -9.78
CA HIS A 683 -6.41 -10.78 -11.14
C HIS A 683 -7.37 -9.75 -11.69
N LYS A 684 -8.66 -9.86 -11.34
CA LYS A 684 -9.65 -8.92 -11.85
C LYS A 684 -9.46 -7.53 -11.27
N SER A 685 -9.10 -7.45 -9.98
CA SER A 685 -8.89 -6.16 -9.35
C SER A 685 -7.71 -5.43 -9.97
N LYS A 686 -6.65 -6.16 -10.34
CA LYS A 686 -5.49 -5.54 -10.97
C LYS A 686 -5.86 -4.94 -12.31
N ILE A 687 -6.53 -5.71 -13.17
CA ILE A 687 -6.87 -5.24 -14.51
C ILE A 687 -7.73 -3.99 -14.44
N VAL A 688 -8.65 -3.94 -13.48
CA VAL A 688 -9.40 -2.71 -13.21
C VAL A 688 -8.44 -1.59 -12.83
N GLU A 689 -7.57 -1.86 -11.84
CA GLU A 689 -6.62 -0.87 -11.36
C GLU A 689 -5.73 -0.35 -12.50
N TYR A 690 -5.32 -1.25 -13.41
CA TYR A 690 -4.51 -0.83 -14.55
C TYR A 690 -5.30 0.08 -15.49
N LEU A 691 -6.51 -0.34 -15.88
CA LEU A 691 -7.35 0.50 -16.71
C LEU A 691 -7.57 1.85 -16.06
N GLN A 692 -7.71 1.87 -14.73
CA GLN A 692 -7.88 3.13 -14.02
C GLN A 692 -6.59 3.95 -14.03
N SER A 693 -5.43 3.30 -14.14
CA SER A 693 -4.17 4.04 -14.21
C SER A 693 -4.13 4.92 -15.46
N TYR A 694 -4.70 4.44 -16.56
CA TYR A 694 -4.88 5.25 -17.75
C TYR A 694 -6.02 6.26 -17.61
N ASP A 695 -6.61 6.37 -16.42
CA ASP A 695 -7.57 7.44 -16.11
C ASP A 695 -8.79 7.40 -17.03
N GLU A 696 -9.35 6.20 -17.19
CA GLU A 696 -10.67 6.03 -17.78
C GLU A 696 -11.57 5.34 -16.77
N ILE A 697 -12.79 5.88 -16.61
CA ILE A 697 -13.74 5.34 -15.65
C ILE A 697 -14.18 3.95 -16.11
N THR A 698 -13.96 2.96 -15.25
CA THR A 698 -14.19 1.56 -15.58
C THR A 698 -15.38 1.01 -14.82
N ALA A 699 -16.09 0.09 -15.47
CA ALA A 699 -17.28 -0.54 -14.92
C ALA A 699 -17.08 -2.04 -14.87
N MET A 700 -17.35 -2.64 -13.72
CA MET A 700 -17.23 -4.08 -13.54
C MET A 700 -18.61 -4.69 -13.36
N THR A 701 -18.91 -5.69 -14.18
CA THR A 701 -20.15 -6.45 -14.09
C THR A 701 -19.82 -7.88 -13.69
N GLY A 702 -20.50 -8.38 -12.66
CA GLY A 702 -20.22 -9.72 -12.18
C GLY A 702 -21.41 -10.27 -11.41
N ASP A 703 -21.21 -11.46 -10.84
CA ASP A 703 -22.29 -12.12 -10.12
C ASP A 703 -21.76 -13.03 -9.02
N GLY A 704 -20.50 -13.45 -9.11
CA GLY A 704 -19.91 -14.35 -8.14
C GLY A 704 -19.20 -13.64 -7.02
N VAL A 705 -18.70 -14.44 -6.08
CA VAL A 705 -17.90 -13.89 -5.00
C VAL A 705 -16.54 -13.45 -5.52
N ASN A 706 -15.95 -14.23 -6.44
CA ASN A 706 -14.67 -13.91 -7.03
C ASN A 706 -14.66 -12.56 -7.76
N ASP A 707 -15.83 -11.96 -7.98
CA ASP A 707 -15.92 -10.65 -8.61
C ASP A 707 -15.93 -9.51 -7.61
N ALA A 708 -16.17 -9.80 -6.34
CA ALA A 708 -16.24 -8.75 -5.33
C ALA A 708 -15.00 -7.87 -5.25
N PRO A 709 -13.78 -8.37 -5.42
CA PRO A 709 -12.64 -7.42 -5.49
C PRO A 709 -12.74 -6.45 -6.64
N ALA A 710 -13.06 -6.95 -7.84
CA ALA A 710 -13.16 -6.07 -8.99
C ALA A 710 -14.38 -5.17 -8.89
N LEU A 711 -15.46 -5.67 -8.28
CA LEU A 711 -16.67 -4.86 -8.13
C LEU A 711 -16.41 -3.66 -7.22
N LYS A 712 -15.56 -3.82 -6.21
CA LYS A 712 -15.24 -2.73 -5.31
C LYS A 712 -14.24 -1.76 -5.93
N LYS A 713 -13.21 -2.29 -6.61
CA LYS A 713 -12.17 -1.44 -7.17
C LYS A 713 -12.74 -0.55 -8.28
N ALA A 714 -13.58 -1.12 -9.14
CA ALA A 714 -14.17 -0.36 -10.24
C ALA A 714 -14.98 0.81 -9.70
N GLU A 715 -15.01 1.91 -10.47
CA GLU A 715 -15.77 3.07 -10.08
C GLU A 715 -17.26 2.80 -10.03
N ILE A 716 -17.72 1.79 -10.77
CA ILE A 716 -19.14 1.44 -10.84
C ILE A 716 -19.24 -0.08 -10.86
N GLY A 717 -19.72 -0.66 -9.76
CA GLY A 717 -19.96 -2.09 -9.70
C GLY A 717 -21.40 -2.42 -10.05
N ILE A 718 -21.57 -3.44 -10.90
CA ILE A 718 -22.88 -3.87 -11.36
C ILE A 718 -23.00 -5.36 -11.11
N ALA A 719 -23.89 -5.75 -10.21
CA ALA A 719 -24.14 -7.15 -9.91
C ALA A 719 -25.41 -7.64 -10.60
N MET A 720 -25.39 -8.89 -11.05
CA MET A 720 -26.60 -9.50 -11.56
C MET A 720 -27.55 -9.83 -10.41
N GLY A 721 -28.84 -9.84 -10.73
CA GLY A 721 -29.83 -10.19 -9.72
C GLY A 721 -29.72 -11.64 -9.30
N SER A 722 -29.53 -12.55 -10.27
CA SER A 722 -29.36 -13.96 -9.98
C SER A 722 -28.06 -14.27 -9.26
N GLY A 723 -27.19 -13.28 -9.07
CA GLY A 723 -25.88 -13.50 -8.51
C GLY A 723 -25.89 -13.58 -6.99
N THR A 724 -24.69 -13.77 -6.45
CA THR A 724 -24.51 -13.92 -5.01
C THR A 724 -24.86 -12.63 -4.28
N ALA A 725 -25.11 -12.75 -2.98
CA ALA A 725 -25.28 -11.58 -2.15
C ALA A 725 -23.98 -10.77 -2.10
N VAL A 726 -22.85 -11.47 -1.94
CA VAL A 726 -21.55 -10.80 -1.85
C VAL A 726 -21.36 -9.82 -2.99
N ALA A 727 -21.64 -10.27 -4.22
CA ALA A 727 -21.45 -9.42 -5.39
C ALA A 727 -22.34 -8.19 -5.31
N LYS A 728 -23.63 -8.39 -4.97
CA LYS A 728 -24.55 -7.27 -4.83
C LYS A 728 -24.07 -6.29 -3.76
N THR A 729 -23.75 -6.81 -2.57
CA THR A 729 -23.28 -5.96 -1.49
C THR A 729 -22.01 -5.20 -1.85
N ALA A 730 -21.21 -5.69 -2.80
CA ALA A 730 -19.99 -5.01 -3.23
C ALA A 730 -20.22 -3.96 -4.29
N SER A 731 -21.35 -4.00 -4.99
CA SER A 731 -21.58 -3.20 -6.18
C SER A 731 -22.53 -2.04 -5.89
N GLU A 732 -22.63 -1.14 -6.86
CA GLU A 732 -23.49 0.04 -6.77
C GLU A 732 -24.75 -0.08 -7.60
N MET A 733 -24.97 -1.21 -8.26
CA MET A 733 -26.14 -1.37 -9.13
C MET A 733 -26.43 -2.85 -9.31
N VAL A 734 -27.72 -3.20 -9.24
CA VAL A 734 -28.17 -4.56 -9.47
C VAL A 734 -29.06 -4.57 -10.70
N LEU A 735 -28.82 -5.52 -11.59
CA LEU A 735 -29.70 -5.75 -12.74
C LEU A 735 -30.75 -6.75 -12.29
N ALA A 736 -31.90 -6.25 -11.84
CA ALA A 736 -32.96 -7.12 -11.34
C ALA A 736 -33.33 -8.18 -12.36
N ASP A 737 -33.51 -7.78 -13.62
CA ASP A 737 -33.99 -8.66 -14.68
C ASP A 737 -32.87 -9.40 -15.40
N ASP A 738 -31.62 -9.24 -14.96
CA ASP A 738 -30.46 -9.91 -15.55
C ASP A 738 -30.29 -9.54 -17.02
N ASN A 739 -31.14 -8.63 -17.51
CA ASN A 739 -31.04 -8.15 -18.88
C ASN A 739 -29.76 -7.35 -19.05
N PHE A 740 -28.85 -7.83 -19.90
CA PHE A 740 -27.65 -7.06 -20.13
C PHE A 740 -27.93 -5.78 -20.90
N SER A 741 -29.07 -5.70 -21.61
CA SER A 741 -29.42 -4.48 -22.33
C SER A 741 -29.63 -3.32 -21.38
N THR A 742 -30.01 -3.58 -20.13
CA THR A 742 -30.30 -2.49 -19.20
C THR A 742 -29.04 -1.74 -18.79
N ILE A 743 -27.86 -2.31 -19.00
CA ILE A 743 -26.62 -1.58 -18.76
C ILE A 743 -26.49 -0.43 -19.75
N VAL A 744 -26.62 -0.74 -21.05
CA VAL A 744 -26.61 0.30 -22.08
C VAL A 744 -27.62 1.38 -21.75
N ALA A 745 -28.81 0.97 -21.29
CA ALA A 745 -29.84 1.94 -20.91
C ALA A 745 -29.41 2.73 -19.68
N ALA A 746 -28.76 2.06 -18.71
CA ALA A 746 -28.31 2.74 -17.51
C ALA A 746 -27.30 3.83 -17.82
N VAL A 747 -26.44 3.59 -18.82
CA VAL A 747 -25.45 4.60 -19.22
C VAL A 747 -26.15 5.84 -19.76
N GLU A 748 -27.10 5.62 -20.68
CA GLU A 748 -27.84 6.72 -21.30
C GLU A 748 -28.40 7.68 -20.27
N GLU A 749 -29.00 7.14 -19.20
CA GLU A 749 -29.49 7.98 -18.12
C GLU A 749 -28.36 8.77 -17.48
N GLY A 750 -27.22 8.13 -17.23
CA GLY A 750 -26.10 8.84 -16.66
C GLY A 750 -25.65 10.01 -17.51
N ARG A 751 -25.51 9.79 -18.82
CA ARG A 751 -25.13 10.87 -19.73
C ARG A 751 -26.19 11.97 -19.72
N ALA A 752 -27.47 11.60 -19.69
CA ALA A 752 -28.53 12.60 -19.74
C ALA A 752 -28.60 13.41 -18.45
N ILE A 753 -28.48 12.74 -17.31
CA ILE A 753 -28.57 13.43 -16.01
C ILE A 753 -27.48 14.49 -15.90
N TYR A 754 -26.22 14.10 -16.16
CA TYR A 754 -25.10 15.02 -15.99
C TYR A 754 -25.27 16.26 -16.86
N ASN A 755 -25.77 16.09 -18.09
CA ASN A 755 -26.07 17.25 -18.94
C ASN A 755 -27.04 18.20 -18.24
N ASN A 756 -28.11 17.66 -17.65
CA ASN A 756 -29.02 18.50 -16.88
C ASN A 756 -28.38 18.96 -15.58
N MET A 757 -27.51 18.14 -14.98
CA MET A 757 -26.77 18.60 -13.82
C MET A 757 -25.89 19.79 -14.16
N LYS A 758 -25.26 19.76 -15.34
CA LYS A 758 -24.48 20.90 -15.78
C LYS A 758 -25.32 22.17 -15.80
N GLN A 759 -26.56 22.08 -16.29
CA GLN A 759 -27.40 23.27 -16.37
C GLN A 759 -27.71 23.82 -14.99
N PHE A 760 -28.33 23.02 -14.12
CA PHE A 760 -28.75 23.58 -12.84
C PHE A 760 -27.59 23.84 -11.90
N ILE A 761 -26.40 23.29 -12.17
CA ILE A 761 -25.23 23.76 -11.44
C ILE A 761 -24.79 25.12 -11.97
N ARG A 762 -24.70 25.26 -13.29
CA ARG A 762 -24.40 26.54 -13.89
C ARG A 762 -25.44 27.59 -13.50
N TYR A 763 -26.72 27.21 -13.54
CA TYR A 763 -27.79 28.15 -13.22
C TYR A 763 -27.69 28.63 -11.77
N LEU A 764 -27.51 27.69 -10.84
CA LEU A 764 -27.42 28.05 -9.42
C LEU A 764 -26.13 28.78 -9.08
N ILE A 765 -25.07 28.58 -9.86
CA ILE A 765 -23.81 29.24 -9.56
C ILE A 765 -23.81 30.67 -10.09
N SER A 766 -24.16 30.85 -11.37
CA SER A 766 -24.24 32.21 -11.91
C SER A 766 -25.32 33.04 -11.24
N SER A 767 -26.25 32.40 -10.52
CA SER A 767 -27.08 33.13 -9.59
C SER A 767 -26.28 33.56 -8.37
N ASN A 768 -25.41 32.68 -7.87
CA ASN A 768 -24.58 33.03 -6.73
C ASN A 768 -23.56 34.11 -7.06
N VAL A 769 -23.11 34.19 -8.32
CA VAL A 769 -22.11 35.19 -8.67
C VAL A 769 -22.73 36.58 -8.70
N GLY A 770 -24.03 36.68 -9.00
CA GLY A 770 -24.69 37.97 -8.94
C GLY A 770 -24.90 38.44 -7.53
N GLU A 771 -25.18 37.51 -6.62
CA GLU A 771 -25.37 37.86 -5.21
C GLU A 771 -24.08 38.35 -4.56
N VAL A 772 -22.93 38.04 -5.16
CA VAL A 772 -21.66 38.56 -4.65
C VAL A 772 -21.32 39.90 -5.29
N VAL A 773 -21.64 40.07 -6.58
CA VAL A 773 -21.46 41.37 -7.22
C VAL A 773 -22.34 42.42 -6.54
N CYS A 774 -23.55 42.03 -6.16
CA CYS A 774 -24.45 42.94 -5.46
C CYS A 774 -23.92 43.25 -4.06
N ILE A 775 -23.69 42.21 -3.26
CA ILE A 775 -23.25 42.40 -1.88
C ILE A 775 -21.96 43.19 -1.82
N PHE A 776 -21.13 43.10 -2.87
CA PHE A 776 -19.91 43.89 -2.92
C PHE A 776 -20.20 45.35 -3.24
N LEU A 777 -21.15 45.61 -4.14
CA LEU A 777 -21.49 47.00 -4.47
C LEU A 777 -22.08 47.72 -3.27
N THR A 778 -22.97 47.06 -2.54
CA THR A 778 -23.54 47.64 -1.32
C THR A 778 -22.54 47.70 -0.18
N ALA A 779 -21.30 47.28 -0.39
CA ALA A 779 -20.24 47.36 0.60
C ALA A 779 -19.07 48.25 0.19
N ALA A 780 -18.71 48.26 -1.10
CA ALA A 780 -17.68 49.19 -1.58
C ALA A 780 -18.17 50.62 -1.52
N LEU A 781 -19.29 50.89 -2.19
CA LEU A 781 -19.98 52.15 -2.00
C LEU A 781 -20.80 52.09 -0.72
N GLY A 782 -21.01 53.25 -0.11
CA GLY A 782 -21.69 53.31 1.17
C GLY A 782 -23.19 53.13 1.10
N LEU A 783 -23.65 52.16 0.33
CA LEU A 783 -25.08 51.93 0.17
C LEU A 783 -25.66 51.25 1.40
N PRO A 784 -26.76 51.76 1.96
CA PRO A 784 -27.44 51.01 3.03
C PRO A 784 -27.98 49.68 2.55
N GLU A 785 -28.71 49.69 1.44
CA GLU A 785 -29.49 48.55 1.00
C GLU A 785 -28.61 47.42 0.49
N ALA A 786 -28.20 46.54 1.39
CA ALA A 786 -27.69 45.24 1.01
C ALA A 786 -28.81 44.22 1.16
N LEU A 787 -28.82 43.23 0.27
CA LEU A 787 -29.75 42.12 0.45
C LEU A 787 -29.51 41.48 1.81
N ILE A 788 -30.59 41.12 2.49
CA ILE A 788 -30.48 40.50 3.81
C ILE A 788 -30.23 39.01 3.60
N PRO A 789 -29.33 38.39 4.39
CA PRO A 789 -29.02 36.97 4.16
C PRO A 789 -30.23 36.06 4.12
N VAL A 790 -31.31 36.38 4.85
CA VAL A 790 -32.51 35.55 4.81
C VAL A 790 -33.06 35.44 3.40
N GLN A 791 -33.04 36.56 2.67
CA GLN A 791 -33.54 36.55 1.29
C GLN A 791 -32.69 35.64 0.43
N LEU A 792 -31.37 35.81 0.48
CA LEU A 792 -30.47 34.96 -0.30
C LEU A 792 -30.70 33.49 0.02
N LEU A 793 -30.75 33.16 1.31
CA LEU A 793 -31.04 31.80 1.72
C LEU A 793 -32.35 31.30 1.14
N TRP A 794 -33.45 31.98 1.50
CA TRP A 794 -34.77 31.55 1.04
C TRP A 794 -34.83 31.43 -0.48
N VAL A 795 -34.17 32.34 -1.19
CA VAL A 795 -34.18 32.25 -2.65
C VAL A 795 -33.27 31.13 -3.13
N ASN A 796 -32.00 31.15 -2.69
CA ASN A 796 -31.08 30.10 -3.11
C ASN A 796 -31.55 28.71 -2.70
N LEU A 797 -32.45 28.60 -1.73
CA LEU A 797 -32.95 27.31 -1.31
C LEU A 797 -34.18 26.87 -2.12
N VAL A 798 -35.25 27.64 -2.07
CA VAL A 798 -36.53 27.22 -2.63
C VAL A 798 -36.95 28.07 -3.82
N THR A 799 -36.69 29.39 -3.78
CA THR A 799 -37.07 30.23 -4.92
C THR A 799 -36.18 29.94 -6.12
N ASP A 800 -34.91 29.65 -5.89
CA ASP A 800 -34.04 29.12 -6.93
C ASP A 800 -34.04 27.61 -6.97
N GLY A 801 -34.47 26.94 -5.91
CA GLY A 801 -34.48 25.49 -5.89
C GLY A 801 -35.48 24.89 -6.85
N LEU A 802 -36.73 25.37 -6.79
CA LEU A 802 -37.76 24.91 -7.73
C LEU A 802 -37.34 25.04 -9.19
N PRO A 803 -36.83 26.20 -9.67
CA PRO A 803 -36.41 26.26 -11.08
C PRO A 803 -35.25 25.33 -11.42
N ALA A 804 -34.20 25.31 -10.59
CA ALA A 804 -33.05 24.45 -10.85
C ALA A 804 -33.46 22.99 -11.02
N THR A 805 -34.33 22.50 -10.14
CA THR A 805 -34.84 21.15 -10.28
C THR A 805 -35.64 20.97 -11.57
N ALA A 806 -36.22 22.05 -12.11
CA ALA A 806 -36.91 21.95 -13.38
C ALA A 806 -35.94 21.88 -14.56
N LEU A 807 -34.76 22.48 -14.43
CA LEU A 807 -33.70 22.21 -15.39
C LEU A 807 -33.32 20.74 -15.43
N GLY A 808 -33.56 20.00 -14.35
CA GLY A 808 -33.30 18.57 -14.35
C GLY A 808 -34.20 17.78 -15.27
N PHE A 809 -35.32 18.36 -15.72
CA PHE A 809 -36.26 17.68 -16.60
C PHE A 809 -36.09 18.08 -18.07
N ASN A 810 -35.02 18.82 -18.39
CA ASN A 810 -34.79 19.24 -19.76
C ASN A 810 -34.71 18.03 -20.68
N PRO A 811 -35.14 18.16 -21.94
CA PRO A 811 -35.08 17.03 -22.85
C PRO A 811 -33.63 16.63 -23.12
N PRO A 812 -33.39 15.36 -23.40
CA PRO A 812 -32.03 14.92 -23.71
C PRO A 812 -31.68 15.12 -25.18
N ASP A 813 -30.38 15.09 -25.45
CA ASP A 813 -29.89 15.27 -26.82
C ASP A 813 -30.19 14.03 -27.66
N LEU A 814 -30.36 14.25 -28.97
CA LEU A 814 -30.66 13.16 -29.87
C LEU A 814 -29.45 12.23 -30.04
N ASP A 815 -28.26 12.79 -30.25
CA ASP A 815 -27.06 12.03 -30.46
C ASP A 815 -26.41 11.55 -29.17
N ILE A 816 -27.16 11.55 -28.06
CA ILE A 816 -26.60 11.30 -26.72
C ILE A 816 -25.80 10.01 -26.68
N MET A 817 -26.21 9.01 -27.48
CA MET A 817 -25.55 7.71 -27.47
C MET A 817 -24.70 7.48 -28.72
N ASP A 818 -24.30 8.55 -29.40
CA ASP A 818 -23.38 8.45 -30.52
C ASP A 818 -22.07 9.19 -30.27
N ARG A 819 -21.98 9.96 -29.20
CA ARG A 819 -20.78 10.66 -28.76
C ARG A 819 -19.98 9.77 -27.80
N PRO A 820 -18.66 9.86 -27.84
CA PRO A 820 -17.83 9.13 -26.88
C PRO A 820 -18.02 9.68 -25.49
N PRO A 821 -17.56 8.95 -24.46
CA PRO A 821 -17.76 9.43 -23.08
C PRO A 821 -17.02 10.73 -22.83
N ARG A 822 -17.62 11.58 -21.98
CA ARG A 822 -17.00 12.85 -21.61
C ARG A 822 -15.74 12.61 -20.81
N SER A 823 -14.78 13.54 -20.94
CA SER A 823 -13.61 13.50 -20.09
C SER A 823 -14.00 13.75 -18.64
N PRO A 824 -13.46 12.98 -17.69
CA PRO A 824 -13.79 13.23 -16.28
C PRO A 824 -13.25 14.55 -15.76
N LYS A 825 -12.21 15.10 -16.37
CA LYS A 825 -11.67 16.40 -15.99
C LYS A 825 -12.20 17.54 -16.85
N GLU A 826 -13.27 17.29 -17.62
CA GLU A 826 -13.93 18.37 -18.34
C GLU A 826 -14.51 19.37 -17.34
N PRO A 827 -14.22 20.65 -17.48
CA PRO A 827 -14.76 21.65 -16.55
C PRO A 827 -16.16 22.09 -16.94
N LEU A 828 -16.96 22.38 -15.92
CA LEU A 828 -18.35 22.79 -16.15
C LEU A 828 -18.44 24.20 -16.71
N ILE A 829 -17.82 25.17 -16.05
CA ILE A 829 -17.76 26.54 -16.54
C ILE A 829 -16.52 26.66 -17.40
N SER A 830 -16.70 26.79 -18.71
CA SER A 830 -15.59 26.77 -19.66
C SER A 830 -14.99 28.16 -19.82
N GLY A 831 -14.41 28.43 -20.99
CA GLY A 831 -13.81 29.73 -21.25
C GLY A 831 -14.83 30.82 -21.48
N TRP A 832 -15.57 30.72 -22.58
CA TRP A 832 -16.59 31.73 -22.88
C TRP A 832 -17.73 31.66 -21.87
N LEU A 833 -18.18 30.45 -21.51
CA LEU A 833 -19.25 30.30 -20.54
C LEU A 833 -18.91 30.98 -19.22
N PHE A 834 -17.62 31.09 -18.91
CA PHE A 834 -17.17 31.93 -17.80
C PHE A 834 -17.55 33.38 -18.05
N PHE A 835 -17.14 33.92 -19.20
CA PHE A 835 -17.49 35.30 -19.54
C PHE A 835 -19.00 35.49 -19.61
N ARG A 836 -19.70 34.53 -20.22
CA ARG A 836 -21.15 34.64 -20.36
C ARG A 836 -21.82 34.82 -19.01
N TYR A 837 -21.33 34.12 -17.99
CA TYR A 837 -21.85 34.28 -16.64
C TYR A 837 -21.20 35.43 -15.88
N MET A 838 -19.98 35.83 -16.26
CA MET A 838 -19.42 37.06 -15.73
C MET A 838 -20.27 38.26 -16.13
N ALA A 839 -20.72 38.28 -17.39
CA ALA A 839 -21.59 39.36 -17.85
C ALA A 839 -22.98 39.23 -17.23
N ILE A 840 -23.53 38.02 -17.23
CA ILE A 840 -24.81 37.79 -16.56
C ILE A 840 -24.69 38.10 -15.07
N GLY A 841 -23.57 37.73 -14.46
CA GLY A 841 -23.35 38.04 -13.05
C GLY A 841 -23.16 39.51 -12.79
N GLY A 842 -22.62 40.25 -13.77
CA GLY A 842 -22.49 41.68 -13.62
C GLY A 842 -23.83 42.39 -13.62
N TYR A 843 -24.73 41.98 -14.52
CA TYR A 843 -26.05 42.58 -14.63
C TYR A 843 -26.83 42.39 -13.33
N VAL A 844 -27.12 41.12 -12.98
CA VAL A 844 -27.92 40.84 -11.79
C VAL A 844 -27.27 41.42 -10.55
N GLY A 845 -25.95 41.59 -10.57
CA GLY A 845 -25.29 42.27 -9.47
C GLY A 845 -25.63 43.75 -9.43
N ALA A 846 -25.77 44.38 -10.60
CA ALA A 846 -26.16 45.79 -10.64
C ALA A 846 -27.67 45.95 -10.55
N ALA A 847 -28.44 45.02 -11.13
CA ALA A 847 -29.89 45.15 -11.17
C ALA A 847 -30.51 45.15 -9.78
N THR A 848 -29.94 44.38 -8.86
CA THR A 848 -30.46 44.37 -7.50
C THR A 848 -30.04 45.60 -6.70
N VAL A 849 -28.84 46.13 -6.95
CA VAL A 849 -28.38 47.31 -6.24
C VAL A 849 -28.88 48.60 -6.88
N GLY A 850 -29.18 48.57 -8.18
CA GLY A 850 -29.75 49.74 -8.83
C GLY A 850 -31.18 49.99 -8.40
N ALA A 851 -31.97 48.92 -8.29
CA ALA A 851 -33.30 49.06 -7.69
C ALA A 851 -33.19 49.75 -6.34
N ALA A 852 -32.34 49.24 -5.44
CA ALA A 852 -32.14 49.82 -4.12
C ALA A 852 -32.06 51.34 -4.13
N ALA A 853 -31.26 51.90 -5.03
CA ALA A 853 -31.09 53.35 -5.09
C ALA A 853 -32.32 54.04 -5.68
N TRP A 854 -33.07 53.34 -6.54
CA TRP A 854 -34.16 53.99 -7.27
C TRP A 854 -35.27 54.48 -6.35
N TRP A 855 -35.52 53.75 -5.26
CA TRP A 855 -36.54 54.12 -4.27
C TRP A 855 -36.27 55.51 -3.72
N PHE A 856 -35.15 55.68 -3.02
CA PHE A 856 -34.83 56.98 -2.43
C PHE A 856 -34.68 58.04 -3.51
N MET A 857 -33.84 57.77 -4.51
CA MET A 857 -33.42 58.81 -5.44
C MET A 857 -34.58 59.34 -6.28
N TYR A 858 -35.19 58.48 -7.11
CA TYR A 858 -36.13 58.92 -8.13
C TYR A 858 -37.45 58.15 -8.04
N ALA A 859 -38.10 58.21 -6.87
CA ALA A 859 -39.41 57.57 -6.72
C ALA A 859 -40.37 58.49 -5.98
N GLU A 860 -41.66 58.32 -6.27
CA GLU A 860 -42.68 59.18 -5.67
C GLU A 860 -42.84 58.91 -4.17
N ASP A 861 -42.78 57.64 -3.78
CA ASP A 861 -42.85 57.26 -2.37
C ASP A 861 -41.47 57.22 -1.71
N GLY A 862 -40.41 57.50 -2.46
CA GLY A 862 -39.06 57.50 -1.94
C GLY A 862 -38.64 58.87 -1.44
N PRO A 863 -38.58 59.02 -0.11
CA PRO A 863 -38.36 60.36 0.45
C PRO A 863 -36.90 60.78 0.44
N GLY A 864 -35.98 59.81 0.53
CA GLY A 864 -34.56 60.06 0.65
C GLY A 864 -33.94 60.95 -0.40
N VAL A 865 -33.89 60.48 -1.65
CA VAL A 865 -33.22 61.18 -2.75
C VAL A 865 -31.77 61.40 -2.37
N THR A 866 -31.25 62.60 -2.67
CA THR A 866 -29.93 63.05 -2.25
C THR A 866 -28.76 62.28 -2.86
N TYR A 867 -29.03 61.17 -3.56
CA TYR A 867 -28.05 60.15 -3.95
C TYR A 867 -26.70 60.20 -3.21
N HIS A 868 -25.94 61.29 -3.38
CA HIS A 868 -24.63 61.45 -2.73
C HIS A 868 -24.71 61.22 -1.22
N GLN A 869 -25.85 61.55 -0.60
CA GLN A 869 -26.05 61.33 0.82
C GLN A 869 -26.54 59.92 1.13
N LEU A 870 -27.23 59.27 0.20
CA LEU A 870 -27.45 57.83 0.32
C LEU A 870 -26.12 57.09 0.37
N THR A 871 -25.14 57.57 -0.39
CA THR A 871 -23.80 56.99 -0.36
C THR A 871 -23.10 57.26 0.97
N HIS A 872 -23.51 58.29 1.69
CA HIS A 872 -22.94 58.63 3.00
C HIS A 872 -24.04 58.81 4.02
N PHE A 873 -24.88 57.79 4.17
CA PHE A 873 -26.02 57.84 5.08
C PHE A 873 -25.67 57.39 6.49
N MET A 874 -24.45 56.89 6.70
CA MET A 874 -24.16 56.18 7.95
C MET A 874 -24.28 57.11 9.15
N GLN A 875 -23.71 58.30 9.06
CA GLN A 875 -23.64 59.19 10.21
C GLN A 875 -25.02 59.60 10.69
N CYS A 876 -25.84 60.11 9.76
CA CYS A 876 -27.12 60.74 10.10
C CYS A 876 -27.02 61.73 11.27
N HIS A 880 -26.55 66.33 11.23
CA HIS A 880 -27.96 66.50 10.88
C HIS A 880 -28.27 67.41 9.66
N PRO A 881 -27.57 68.55 9.49
CA PRO A 881 -27.94 69.46 8.39
C PRO A 881 -27.96 68.79 7.04
N HIS A 882 -27.12 67.78 6.84
CA HIS A 882 -27.11 67.06 5.58
C HIS A 882 -28.29 66.11 5.48
N PHE A 883 -28.78 65.63 6.62
CA PHE A 883 -29.93 64.73 6.68
C PHE A 883 -31.22 65.47 7.04
N GLU A 884 -31.22 66.79 6.96
CA GLU A 884 -32.34 67.58 7.45
C GLU A 884 -33.58 67.37 6.57
N GLY A 885 -34.71 67.05 7.21
CA GLY A 885 -35.98 66.87 6.53
C GLY A 885 -36.35 65.44 6.25
N LEU A 886 -35.45 64.48 6.49
CA LEU A 886 -35.65 63.08 6.17
C LEU A 886 -35.43 62.25 7.44
N ASP A 887 -36.34 61.34 7.72
CA ASP A 887 -36.17 60.43 8.85
C ASP A 887 -35.04 59.44 8.57
N CYS A 888 -34.25 59.16 9.61
CA CYS A 888 -33.16 58.19 9.48
C CYS A 888 -33.69 56.77 9.50
N GLU A 889 -34.70 56.51 10.32
CA GLU A 889 -35.29 55.18 10.38
C GLU A 889 -36.01 54.79 9.10
N ILE A 890 -36.08 55.69 8.11
CA ILE A 890 -36.66 55.36 6.80
C ILE A 890 -35.70 54.54 5.95
N PHE A 891 -34.43 54.47 6.32
CA PHE A 891 -33.51 53.61 5.57
C PHE A 891 -33.64 52.15 5.97
N GLU A 892 -34.07 51.89 7.21
CA GLU A 892 -34.45 50.54 7.62
C GLU A 892 -35.74 50.06 6.97
N ALA A 893 -36.40 50.90 6.18
CA ALA A 893 -37.72 50.57 5.66
C ALA A 893 -37.66 49.27 4.85
N PRO A 894 -38.69 48.43 4.94
CA PRO A 894 -38.70 47.18 4.16
C PRO A 894 -39.06 47.39 2.71
N GLU A 895 -39.72 48.49 2.38
CA GLU A 895 -40.12 48.74 1.01
C GLU A 895 -38.94 48.91 0.04
N PRO A 896 -37.82 49.55 0.39
CA PRO A 896 -36.73 49.69 -0.59
C PRO A 896 -35.97 48.41 -0.87
N MET A 897 -36.18 47.34 -0.13
CA MET A 897 -35.41 46.15 -0.38
C MET A 897 -36.19 45.07 -1.11
N THR A 898 -37.53 45.17 -1.13
CA THR A 898 -38.34 44.26 -1.93
C THR A 898 -37.93 44.29 -3.39
N MET A 899 -37.64 45.47 -3.92
CA MET A 899 -37.18 45.59 -5.30
C MET A 899 -35.92 44.76 -5.53
N ALA A 900 -34.94 44.89 -4.66
CA ALA A 900 -33.74 44.07 -4.75
C ALA A 900 -34.09 42.59 -4.75
N LEU A 901 -34.88 42.17 -3.76
CA LEU A 901 -35.33 40.78 -3.71
C LEU A 901 -36.17 40.44 -4.93
N SER A 902 -37.13 41.29 -5.28
CA SER A 902 -38.00 41.00 -6.41
C SER A 902 -37.28 41.12 -7.74
N VAL A 903 -36.22 41.94 -7.83
CA VAL A 903 -35.38 41.94 -9.02
C VAL A 903 -34.66 40.60 -9.15
N LEU A 904 -33.99 40.17 -8.08
CA LEU A 904 -33.26 38.91 -8.11
C LEU A 904 -34.21 37.73 -8.38
N VAL A 905 -35.40 37.76 -7.79
CA VAL A 905 -36.36 36.69 -8.01
C VAL A 905 -36.76 36.63 -9.48
N THR A 906 -37.22 37.77 -10.02
CA THR A 906 -37.69 37.78 -11.40
C THR A 906 -36.57 37.52 -12.39
N ILE A 907 -35.35 37.97 -12.10
CA ILE A 907 -34.26 37.77 -13.05
C ILE A 907 -33.78 36.32 -13.01
N GLU A 908 -33.83 35.66 -11.86
CA GLU A 908 -33.46 34.26 -11.79
C GLU A 908 -34.57 33.36 -12.31
N MET A 909 -35.83 33.77 -12.17
CA MET A 909 -36.90 33.13 -12.93
C MET A 909 -36.61 33.23 -14.41
N CYS A 910 -36.09 34.38 -14.85
CA CYS A 910 -35.77 34.58 -16.26
C CYS A 910 -34.45 33.92 -16.63
N ASN A 911 -33.47 33.95 -15.72
CA ASN A 911 -32.20 33.29 -15.98
C ASN A 911 -32.39 31.78 -16.09
N ALA A 912 -33.42 31.24 -15.41
CA ALA A 912 -33.73 29.83 -15.56
C ALA A 912 -34.30 29.52 -16.94
N LEU A 913 -34.99 30.48 -17.55
CA LEU A 913 -35.42 30.33 -18.94
C LEU A 913 -34.25 30.40 -19.91
N ASN A 914 -33.13 31.00 -19.48
CA ASN A 914 -31.91 30.94 -20.27
C ASN A 914 -31.13 29.66 -20.01
N SER A 915 -31.45 28.95 -18.93
CA SER A 915 -30.75 27.73 -18.55
C SER A 915 -31.31 26.47 -19.21
N LEU A 916 -32.47 26.56 -19.86
CA LEU A 916 -33.01 25.39 -20.55
C LEU A 916 -32.13 24.97 -21.73
N SER A 917 -31.13 25.77 -22.08
CA SER A 917 -30.20 25.44 -23.15
C SER A 917 -29.02 26.41 -23.15
N GLU A 918 -27.80 25.86 -23.17
CA GLU A 918 -26.63 26.69 -23.40
C GLU A 918 -26.45 26.92 -24.90
N ASN A 919 -26.15 28.16 -25.27
CA ASN A 919 -25.80 28.52 -26.64
C ASN A 919 -26.88 28.10 -27.62
N GLN A 920 -28.10 28.57 -27.36
CA GLN A 920 -29.19 28.35 -28.30
C GLN A 920 -30.35 29.27 -27.96
N SER A 921 -30.91 29.92 -28.97
CA SER A 921 -32.01 30.84 -28.77
C SER A 921 -33.25 30.10 -28.29
N LEU A 922 -34.05 30.77 -27.46
CA LEU A 922 -35.36 30.26 -27.11
C LEU A 922 -36.42 30.61 -28.14
N MET A 923 -36.14 31.56 -29.02
CA MET A 923 -36.93 31.68 -30.25
C MET A 923 -36.83 30.40 -31.07
N ARG A 924 -35.66 29.76 -31.05
CA ARG A 924 -35.47 28.47 -31.70
C ARG A 924 -35.76 27.30 -30.76
N MET A 925 -35.62 27.50 -29.45
CA MET A 925 -35.92 26.48 -28.44
C MET A 925 -36.94 27.06 -27.47
N PRO A 926 -38.22 27.02 -27.81
CA PRO A 926 -39.22 27.61 -26.92
C PRO A 926 -39.23 26.90 -25.58
N PRO A 927 -39.57 27.61 -24.51
CA PRO A 927 -39.73 26.95 -23.21
C PRO A 927 -40.87 25.94 -23.17
N TRP A 928 -41.62 25.80 -24.26
CA TRP A 928 -42.68 24.79 -24.32
C TRP A 928 -42.10 23.39 -24.18
N VAL A 929 -40.90 23.17 -24.71
CA VAL A 929 -40.33 21.83 -24.75
C VAL A 929 -40.13 21.27 -23.35
N ASN A 930 -39.89 22.15 -22.38
CA ASN A 930 -39.80 21.77 -20.97
C ASN A 930 -40.96 22.44 -20.26
N ILE A 931 -42.09 21.74 -20.21
CA ILE A 931 -43.27 22.26 -19.52
C ILE A 931 -43.00 22.34 -18.02
N TRP A 932 -42.19 21.42 -17.48
CA TRP A 932 -41.88 21.45 -16.06
C TRP A 932 -41.22 22.76 -15.66
N LEU A 933 -40.38 23.31 -16.53
CA LEU A 933 -39.69 24.56 -16.21
C LEU A 933 -40.67 25.67 -15.90
N LEU A 934 -41.68 25.84 -16.76
CA LEU A 934 -42.62 26.94 -16.60
C LEU A 934 -43.45 26.80 -15.34
N GLY A 935 -43.93 25.59 -15.04
CA GLY A 935 -44.70 25.39 -13.82
C GLY A 935 -43.90 25.66 -12.57
N SER A 936 -42.59 25.38 -12.61
CA SER A 936 -41.75 25.64 -11.45
C SER A 936 -41.52 27.14 -11.24
N ILE A 937 -41.44 27.90 -12.34
CA ILE A 937 -41.37 29.36 -12.22
C ILE A 937 -42.63 29.88 -11.56
N CYS A 938 -43.76 29.21 -11.78
CA CYS A 938 -45.03 29.67 -11.21
C CYS A 938 -45.06 29.50 -9.70
N LEU A 939 -44.58 28.35 -9.21
CA LEU A 939 -44.60 28.10 -7.77
C LEU A 939 -43.60 28.99 -7.03
N SER A 940 -42.43 29.26 -7.63
CA SER A 940 -41.51 30.21 -7.02
C SER A 940 -42.13 31.60 -6.95
N MET A 941 -42.92 31.96 -7.95
CA MET A 941 -43.64 33.23 -7.90
C MET A 941 -44.80 33.17 -6.91
N SER A 942 -45.58 32.09 -6.95
CA SER A 942 -46.68 31.92 -6.01
C SER A 942 -46.17 31.90 -4.57
N LEU A 943 -45.00 31.30 -4.34
CA LEU A 943 -44.40 31.36 -3.02
C LEU A 943 -43.82 32.75 -2.75
N HIS A 944 -43.24 33.38 -3.78
CA HIS A 944 -42.80 34.76 -3.63
C HIS A 944 -43.97 35.66 -3.26
N PHE A 945 -45.13 35.44 -3.87
CA PHE A 945 -46.33 36.17 -3.47
C PHE A 945 -46.71 35.88 -2.03
N LEU A 946 -46.39 34.69 -1.53
CA LEU A 946 -46.74 34.38 -0.15
C LEU A 946 -45.78 35.07 0.83
N ILE A 947 -44.54 35.31 0.41
CA ILE A 947 -43.55 35.82 1.36
C ILE A 947 -43.73 37.33 1.40
N LEU A 948 -44.73 37.82 0.69
CA LEU A 948 -45.02 39.24 0.63
C LEU A 948 -46.38 39.59 1.20
N TYR A 949 -47.17 38.61 1.66
CA TYR A 949 -48.56 38.89 1.97
C TYR A 949 -49.12 38.14 3.18
N VAL A 950 -48.27 37.65 4.09
CA VAL A 950 -48.81 37.04 5.30
C VAL A 950 -47.92 37.33 6.50
N ASP A 951 -48.37 38.26 7.35
CA ASP A 951 -47.65 38.93 8.44
C ASP A 951 -46.45 38.13 8.98
N PRO A 952 -46.59 36.85 9.36
CA PRO A 952 -45.38 36.12 9.80
C PRO A 952 -44.27 36.04 8.77
N LEU A 953 -44.54 36.23 7.46
CA LEU A 953 -43.45 36.11 6.50
C LEU A 953 -42.93 37.49 6.06
N PRO A 954 -43.80 38.47 5.69
CA PRO A 954 -43.29 39.83 5.50
C PRO A 954 -42.70 40.50 6.74
N MET A 955 -42.68 39.84 7.90
CA MET A 955 -41.94 40.41 9.02
C MET A 955 -40.48 39.97 8.99
N ILE A 956 -40.22 38.70 8.71
CA ILE A 956 -38.87 38.26 8.43
C ILE A 956 -38.38 38.84 7.10
N PHE A 957 -39.27 38.92 6.12
CA PHE A 957 -38.93 39.38 4.79
C PHE A 957 -39.41 40.82 4.61
N LYS A 958 -39.48 41.27 3.36
CA LYS A 958 -39.80 42.66 3.07
C LYS A 958 -41.26 42.84 2.68
N LEU A 959 -41.72 44.08 2.80
CA LEU A 959 -43.13 44.43 2.60
C LEU A 959 -43.38 44.82 1.14
N LYS A 960 -44.52 44.41 0.62
CA LYS A 960 -44.92 44.79 -0.74
C LYS A 960 -45.06 46.31 -0.83
N ALA A 961 -44.64 46.86 -1.95
CA ALA A 961 -44.61 48.32 -2.07
C ALA A 961 -44.68 48.72 -3.52
N LEU A 962 -45.19 49.94 -3.75
CA LEU A 962 -45.37 50.53 -5.09
C LEU A 962 -45.96 49.50 -6.07
N ASP A 963 -46.95 48.74 -5.57
CA ASP A 963 -47.47 47.57 -6.28
C ASP A 963 -47.76 47.84 -7.75
N LEU A 964 -48.47 48.93 -8.05
CA LEU A 964 -48.77 49.24 -9.44
C LEU A 964 -47.49 49.49 -10.24
N THR A 965 -46.54 50.25 -9.69
CA THR A 965 -45.36 50.71 -10.44
C THR A 965 -44.08 49.93 -10.13
N GLN A 966 -43.88 49.50 -8.87
CA GLN A 966 -42.70 48.71 -8.54
C GLN A 966 -42.64 47.42 -9.35
N TRP A 967 -43.75 46.69 -9.41
CA TRP A 967 -43.77 45.47 -10.20
C TRP A 967 -43.40 45.74 -11.64
N LEU A 968 -43.90 46.84 -12.22
CA LEU A 968 -43.51 47.20 -13.57
C LEU A 968 -42.02 47.51 -13.64
N MET A 969 -41.48 48.16 -12.61
CA MET A 969 -40.08 48.56 -12.64
C MET A 969 -39.17 47.34 -12.60
N VAL A 970 -39.49 46.35 -11.75
CA VAL A 970 -38.70 45.14 -11.67
C VAL A 970 -38.78 44.36 -12.98
N LEU A 971 -40.00 44.20 -13.51
CA LEU A 971 -40.17 43.56 -14.81
C LEU A 971 -39.47 44.35 -15.92
N LYS A 972 -39.33 45.67 -15.73
CA LYS A 972 -38.64 46.49 -16.72
C LYS A 972 -37.13 46.36 -16.59
N ILE A 973 -36.64 46.03 -15.40
CA ILE A 973 -35.20 45.80 -15.20
C ILE A 973 -34.83 44.38 -15.57
N SER A 974 -35.72 43.42 -15.32
CA SER A 974 -35.39 42.01 -15.50
C SER A 974 -35.41 41.59 -16.96
N LEU A 975 -36.10 42.32 -17.83
CA LEU A 975 -36.20 41.88 -19.22
C LEU A 975 -34.86 41.83 -19.93
N PRO A 976 -33.99 42.85 -19.86
CA PRO A 976 -32.75 42.80 -20.65
C PRO A 976 -31.82 41.64 -20.34
N VAL A 977 -32.02 40.91 -19.24
CA VAL A 977 -31.16 39.75 -18.99
C VAL A 977 -31.44 38.65 -20.02
N ILE A 978 -32.70 38.51 -20.44
CA ILE A 978 -33.00 37.58 -21.52
C ILE A 978 -32.35 38.06 -22.81
N GLY A 979 -32.40 39.37 -23.07
CA GLY A 979 -31.72 39.91 -24.22
C GLY A 979 -30.21 39.85 -24.10
N LEU A 980 -29.69 40.13 -22.90
CA LEU A 980 -28.25 40.02 -22.67
C LEU A 980 -27.77 38.61 -23.00
N ASP A 981 -28.50 37.59 -22.54
CA ASP A 981 -28.11 36.21 -22.82
C ASP A 981 -28.41 35.85 -24.27
N GLU A 982 -29.60 36.21 -24.77
CA GLU A 982 -29.93 35.92 -26.16
C GLU A 982 -28.95 36.57 -27.12
N ILE A 983 -28.41 37.74 -26.76
CA ILE A 983 -27.34 38.32 -27.56
C ILE A 983 -26.04 37.56 -27.32
N LEU A 984 -25.72 37.24 -26.07
CA LEU A 984 -24.56 36.41 -25.79
C LEU A 984 -24.72 35.02 -26.39
N LYS A 985 -25.94 34.50 -26.45
CA LYS A 985 -26.17 33.20 -27.09
C LYS A 985 -25.93 33.28 -28.60
N PHE A 986 -26.35 34.38 -29.23
CA PHE A 986 -26.10 34.53 -30.66
C PHE A 986 -24.64 34.83 -30.94
N ILE A 987 -24.00 35.60 -30.05
CA ILE A 987 -22.55 35.78 -30.13
C ILE A 987 -21.84 34.43 -30.09
N ALA A 988 -22.43 33.47 -29.38
CA ALA A 988 -21.79 32.17 -29.18
C ALA A 988 -21.87 31.32 -30.45
N ARG A 989 -23.07 31.11 -30.98
CA ARG A 989 -23.22 30.24 -32.15
C ARG A 989 -22.74 30.90 -33.44
N ASN A 990 -22.59 32.22 -33.46
CA ASN A 990 -21.96 32.86 -34.62
C ASN A 990 -20.45 32.63 -34.61
N TYR A 991 -19.84 32.54 -33.43
CA TYR A 991 -18.40 32.39 -33.32
C TYR A 991 -17.95 30.93 -33.24
N LEU A 992 -18.79 30.05 -32.68
CA LEU A 992 -18.43 28.64 -32.57
C LEU A 992 -18.38 27.95 -33.94
N GLU A 993 -19.12 28.46 -34.93
CA GLU A 993 -19.11 27.88 -36.27
C GLU A 993 -17.98 28.41 -37.13
N GLY A 994 -17.75 29.72 -37.12
CA GLY A 994 -16.68 30.32 -37.90
C GLY A 994 -16.87 30.20 -39.40
N MET B 1 19.00 4.09 -25.27
CA MET B 1 19.22 2.67 -25.50
C MET B 1 18.85 1.86 -24.27
N GLU B 2 17.61 1.37 -24.25
CA GLU B 2 17.03 0.90 -22.99
C GLU B 2 17.69 -0.39 -22.50
N ALA B 3 17.84 -1.37 -23.39
CA ALA B 3 18.44 -2.66 -23.04
C ALA B 3 19.52 -2.97 -24.07
N ALA B 4 20.69 -2.35 -23.91
CA ALA B 4 21.78 -2.57 -24.86
C ALA B 4 22.41 -3.94 -24.67
N HIS B 5 22.49 -4.40 -23.42
CA HIS B 5 23.06 -5.72 -23.14
C HIS B 5 22.38 -6.82 -23.95
N SER B 6 21.08 -6.67 -24.21
CA SER B 6 20.32 -7.71 -24.90
C SER B 6 20.54 -7.71 -26.40
N LYS B 7 21.07 -6.64 -26.96
CA LYS B 7 21.33 -6.53 -28.39
C LYS B 7 22.83 -6.68 -28.65
N SER B 8 23.14 -6.99 -29.91
CA SER B 8 24.51 -7.27 -30.30
C SER B 8 25.29 -5.96 -30.41
N THR B 9 26.55 -6.05 -30.85
CA THR B 9 27.36 -4.85 -31.05
C THR B 9 26.96 -4.13 -32.33
N GLU B 10 26.72 -4.87 -33.41
CA GLU B 10 26.24 -4.24 -34.64
C GLU B 10 24.91 -3.52 -34.39
N GLU B 11 24.02 -4.17 -33.63
CA GLU B 11 22.72 -3.56 -33.33
C GLU B 11 22.89 -2.26 -32.54
N CYS B 12 23.74 -2.29 -31.52
CA CYS B 12 23.99 -1.08 -30.74
C CYS B 12 24.56 0.04 -31.61
N LEU B 13 25.46 -0.31 -32.54
CA LEU B 13 25.98 0.70 -33.46
C LEU B 13 24.88 1.25 -34.37
N ALA B 14 23.91 0.40 -34.75
CA ALA B 14 22.84 0.84 -35.64
C ALA B 14 21.83 1.74 -34.92
N TYR B 15 21.59 1.50 -33.63
CA TYR B 15 20.60 2.27 -32.89
C TYR B 15 20.96 3.75 -32.89
N PHE B 16 22.21 4.07 -32.59
CA PHE B 16 22.70 5.44 -32.67
C PHE B 16 23.26 5.79 -34.05
N GLY B 17 23.44 4.81 -34.93
CA GLY B 17 23.97 5.06 -36.25
C GLY B 17 25.38 5.61 -36.28
N VAL B 18 26.28 5.03 -35.47
CA VAL B 18 27.64 5.54 -35.32
C VAL B 18 28.61 4.54 -35.94
N SER B 19 29.68 5.07 -36.53
CA SER B 19 30.76 4.24 -37.03
C SER B 19 31.71 3.88 -35.91
N GLU B 20 32.08 2.60 -35.82
CA GLU B 20 33.06 2.19 -34.83
C GLU B 20 34.44 2.71 -35.18
N THR B 21 34.73 2.86 -36.48
CA THR B 21 36.01 3.38 -36.93
C THR B 21 36.16 4.87 -36.68
N THR B 22 35.06 5.59 -36.46
CA THR B 22 35.08 7.04 -36.54
C THR B 22 34.54 7.73 -35.30
N GLY B 23 33.46 7.22 -34.70
CA GLY B 23 32.81 7.90 -33.61
C GLY B 23 31.71 8.80 -34.11
N LEU B 24 31.06 9.48 -33.16
CA LEU B 24 30.00 10.40 -33.53
C LEU B 24 30.57 11.59 -34.29
N THR B 25 29.84 12.05 -35.29
CA THR B 25 30.25 13.22 -36.05
C THR B 25 29.82 14.49 -35.32
N PRO B 26 30.50 15.63 -35.59
CA PRO B 26 30.19 16.88 -34.88
C PRO B 26 28.71 17.18 -34.72
N ASP B 27 27.95 17.10 -35.82
CA ASP B 27 26.51 17.36 -35.76
C ASP B 27 25.80 16.33 -34.89
N GLN B 28 26.18 15.05 -35.02
CA GLN B 28 25.61 14.02 -34.15
C GLN B 28 25.84 14.32 -32.67
N VAL B 29 26.97 14.94 -32.34
CA VAL B 29 27.29 15.17 -30.93
C VAL B 29 26.39 16.26 -30.35
N LYS B 30 26.25 17.38 -31.05
CA LYS B 30 25.35 18.44 -30.58
C LYS B 30 23.91 17.99 -30.61
N ARG B 31 23.56 17.09 -31.53
CA ARG B 31 22.20 16.58 -31.61
C ARG B 31 21.87 15.73 -30.39
N HIS B 32 22.67 14.68 -30.14
CA HIS B 32 22.45 13.82 -28.98
C HIS B 32 22.47 14.61 -27.68
N LEU B 33 23.43 15.54 -27.55
CA LEU B 33 23.52 16.36 -26.35
C LEU B 33 22.23 17.12 -26.11
N GLU B 34 21.60 17.61 -27.18
CA GLU B 34 20.31 18.29 -27.04
C GLU B 34 19.21 17.32 -26.62
N LYS B 35 19.30 16.05 -27.05
CA LYS B 35 18.28 15.07 -26.69
C LYS B 35 18.48 14.57 -25.26
N TYR B 36 19.62 13.93 -24.99
CA TYR B 36 19.85 13.23 -23.73
C TYR B 36 20.48 14.10 -22.65
N GLY B 37 20.80 15.35 -22.95
CA GLY B 37 21.34 16.26 -21.96
C GLY B 37 22.77 15.91 -21.56
N HIS B 38 23.26 16.65 -20.57
CA HIS B 38 24.59 16.43 -20.04
C HIS B 38 24.62 15.19 -19.15
N ASN B 39 25.77 14.52 -19.13
CA ASN B 39 25.96 13.27 -18.39
C ASN B 39 26.51 13.59 -17.00
N GLU B 40 25.61 13.98 -16.11
CA GLU B 40 25.99 14.28 -14.74
C GLU B 40 24.81 14.01 -13.82
N LEU B 41 25.13 13.81 -12.54
CA LEU B 41 24.12 13.58 -11.52
C LEU B 41 23.71 14.91 -10.93
N PRO B 42 22.46 15.33 -11.09
CA PRO B 42 22.02 16.58 -10.45
C PRO B 42 22.12 16.46 -8.94
N ALA B 43 22.40 17.58 -8.29
CA ALA B 43 22.54 17.60 -6.84
C ALA B 43 21.17 17.38 -6.21
N GLU B 44 21.11 17.46 -4.88
CA GLU B 44 19.86 17.27 -4.16
C GLU B 44 19.17 18.60 -3.99
N GLU B 45 17.90 18.66 -4.37
CA GLU B 45 17.12 19.89 -4.27
C GLU B 45 16.95 20.31 -2.81
N GLY B 46 16.92 21.62 -2.58
CA GLY B 46 16.80 22.18 -1.25
C GLY B 46 15.45 22.85 -1.05
N LYS B 47 15.00 22.87 0.20
CA LYS B 47 13.73 23.51 0.52
C LYS B 47 13.83 25.01 0.28
N SER B 48 12.82 25.56 -0.39
CA SER B 48 12.73 27.00 -0.57
C SER B 48 12.78 27.68 0.79
N LEU B 49 13.55 28.78 0.87
CA LEU B 49 13.76 29.46 2.14
C LEU B 49 12.45 29.75 2.86
N TRP B 50 11.37 29.92 2.10
CA TRP B 50 10.05 30.05 2.72
C TRP B 50 9.69 28.79 3.49
N GLU B 51 9.74 27.63 2.81
CA GLU B 51 9.39 26.37 3.45
C GLU B 51 10.26 26.09 4.68
N LEU B 52 11.49 26.60 4.70
CA LEU B 52 12.32 26.45 5.89
C LEU B 52 11.74 27.22 7.07
N VAL B 53 11.32 28.46 6.83
CA VAL B 53 10.66 29.24 7.88
C VAL B 53 9.32 28.62 8.23
N ILE B 54 8.59 28.13 7.22
CA ILE B 54 7.26 27.59 7.45
C ILE B 54 7.33 26.30 8.26
N GLU B 55 8.31 25.43 7.94
CA GLU B 55 8.46 24.18 8.67
C GLU B 55 8.74 24.43 10.16
N GLN B 56 9.45 25.51 10.47
CA GLN B 56 9.78 25.80 11.87
C GLN B 56 8.52 26.06 12.68
N PHE B 57 7.62 26.89 12.15
CA PHE B 57 6.37 27.20 12.84
C PHE B 57 5.27 26.19 12.54
N GLU B 58 5.61 25.08 11.90
CA GLU B 58 4.61 24.04 11.65
C GLU B 58 4.26 23.31 12.94
N ASP B 59 5.21 23.23 13.88
CA ASP B 59 4.92 22.66 15.19
C ASP B 59 3.75 23.39 15.84
N LEU B 60 2.80 22.63 16.36
CA LEU B 60 1.58 23.24 16.87
C LEU B 60 1.77 23.76 18.29
N LEU B 61 2.47 23.02 19.15
CA LEU B 61 2.54 23.40 20.55
C LEU B 61 3.29 24.71 20.73
N VAL B 62 4.19 25.06 19.82
CA VAL B 62 4.81 26.38 19.88
C VAL B 62 3.97 27.43 19.14
N ARG B 63 3.23 27.04 18.10
CA ARG B 63 2.42 28.01 17.37
C ARG B 63 1.32 28.58 18.24
N ILE B 64 0.76 27.76 19.14
CA ILE B 64 -0.19 28.26 20.12
C ILE B 64 0.54 28.96 21.26
N LEU B 65 1.66 28.40 21.72
CA LEU B 65 2.37 28.96 22.86
C LEU B 65 2.92 30.35 22.56
N LEU B 66 3.49 30.55 21.36
CA LEU B 66 4.06 31.85 21.04
C LEU B 66 2.96 32.91 20.97
N LEU B 67 1.76 32.53 20.56
CA LEU B 67 0.66 33.49 20.57
C LEU B 67 0.26 33.85 22.00
N ALA B 68 0.44 32.93 22.95
CA ALA B 68 0.24 33.27 24.36
C ALA B 68 1.27 34.29 24.82
N ALA B 69 2.51 34.16 24.35
CA ALA B 69 3.53 35.16 24.65
C ALA B 69 3.13 36.52 24.10
N CYS B 70 2.45 36.54 22.95
CA CYS B 70 2.10 37.80 22.31
C CYS B 70 1.08 38.57 23.13
N ILE B 71 0.02 37.90 23.59
CA ILE B 71 -0.97 38.58 24.41
C ILE B 71 -0.45 38.81 25.82
N SER B 72 0.54 38.03 26.26
CA SER B 72 1.19 38.31 27.53
C SER B 72 1.81 39.70 27.54
N PHE B 73 2.20 40.20 26.36
CA PHE B 73 2.80 41.52 26.22
C PHE B 73 1.77 42.63 26.08
N VAL B 74 0.76 42.42 25.22
CA VAL B 74 -0.30 43.41 25.06
C VAL B 74 -0.96 43.69 26.40
N LEU B 75 -1.27 42.63 27.14
CA LEU B 75 -1.80 42.79 28.49
C LEU B 75 -0.77 43.42 29.42
N ALA B 76 0.53 43.21 29.14
CA ALA B 76 1.56 43.81 29.97
C ALA B 76 1.63 45.32 29.78
N TRP B 77 1.46 45.78 28.54
CA TRP B 77 1.49 47.22 28.30
C TRP B 77 0.35 47.93 29.02
N PHE B 78 -0.89 47.51 28.75
CA PHE B 78 -2.05 48.09 29.42
C PHE B 78 -2.27 47.40 30.78
N GLU B 79 -1.28 47.51 31.65
CA GLU B 79 -1.44 47.01 33.00
C GLU B 79 -2.19 48.05 33.85
N GLU B 80 -2.54 47.65 35.07
CA GLU B 80 -3.48 48.46 35.85
C GLU B 80 -2.85 49.76 36.35
N GLY B 81 -1.54 49.79 36.57
CA GLY B 81 -0.89 51.02 36.96
C GLY B 81 -0.07 50.93 38.23
N GLU B 82 0.84 51.88 38.43
CA GLU B 82 1.73 51.93 39.61
C GLU B 82 2.57 50.66 39.74
N GLU B 83 2.72 49.91 38.66
CA GLU B 83 3.24 48.56 38.72
C GLU B 83 4.72 48.56 39.07
N THR B 84 5.19 47.41 39.57
CA THR B 84 6.60 47.22 39.84
C THR B 84 7.37 47.13 38.52
N ILE B 85 8.70 47.25 38.63
CA ILE B 85 9.57 47.27 37.46
C ILE B 85 9.48 45.97 36.65
N THR B 86 8.91 44.91 37.22
CA THR B 86 8.81 43.61 36.55
C THR B 86 7.67 43.58 35.52
N ALA B 87 7.39 44.72 34.89
CA ALA B 87 6.20 44.83 34.06
C ALA B 87 6.26 43.93 32.83
N PHE B 88 7.46 43.67 32.30
CA PHE B 88 7.61 42.90 31.07
C PHE B 88 8.42 41.62 31.25
N VAL B 89 8.64 41.18 32.48
CA VAL B 89 9.41 39.94 32.66
C VAL B 89 8.60 38.73 32.20
N GLU B 90 7.26 38.79 32.32
CA GLU B 90 6.45 37.66 31.88
C GLU B 90 6.51 37.47 30.37
N PRO B 91 6.28 38.49 29.53
CA PRO B 91 6.31 38.25 28.08
C PRO B 91 7.68 37.84 27.55
N PHE B 92 8.77 38.13 28.26
CA PHE B 92 10.10 37.82 27.75
C PHE B 92 10.58 36.43 28.18
N VAL B 93 10.20 35.96 29.35
CA VAL B 93 10.54 34.60 29.77
C VAL B 93 9.77 33.59 28.92
N ILE B 94 8.51 33.88 28.63
CA ILE B 94 7.67 33.03 27.79
C ILE B 94 8.12 33.16 26.34
N LEU B 95 9.12 34.03 26.11
CA LEU B 95 9.74 34.21 24.80
C LEU B 95 11.14 33.61 24.75
N LEU B 96 11.97 33.86 25.76
CA LEU B 96 13.34 33.35 25.74
C LEU B 96 13.38 31.84 25.91
N ILE B 97 12.41 31.27 26.62
CA ILE B 97 12.29 29.81 26.67
C ILE B 97 11.94 29.28 25.28
N LEU B 98 11.04 29.98 24.58
CA LEU B 98 10.63 29.57 23.24
C LEU B 98 11.79 29.64 22.25
N ILE B 99 12.72 30.57 22.46
CA ILE B 99 13.90 30.68 21.61
C ILE B 99 14.89 29.57 21.90
N ALA B 100 15.19 29.34 23.18
CA ALA B 100 16.09 28.25 23.55
C ALA B 100 15.51 26.88 23.20
N ASN B 101 14.19 26.75 23.23
CA ASN B 101 13.56 25.52 22.75
C ASN B 101 13.75 25.32 21.26
N ALA B 102 14.06 26.38 20.52
CA ALA B 102 14.30 26.27 19.08
C ALA B 102 15.76 25.99 18.76
N ILE B 103 16.69 26.42 19.62
CA ILE B 103 18.10 26.13 19.39
C ILE B 103 18.48 24.72 19.81
N VAL B 104 17.63 24.06 20.61
CA VAL B 104 17.89 22.67 20.97
C VAL B 104 17.19 21.68 20.05
N GLY B 105 16.18 22.12 19.30
CA GLY B 105 15.62 21.29 18.25
C GLY B 105 16.59 21.00 17.13
N VAL B 106 17.78 21.60 17.16
CA VAL B 106 18.79 21.33 16.15
C VAL B 106 19.86 20.35 16.65
N TRP B 107 19.98 20.15 17.96
CA TRP B 107 20.89 19.14 18.47
C TRP B 107 20.52 17.75 17.96
N GLN B 108 19.23 17.52 17.74
CA GLN B 108 18.73 16.26 17.24
C GLN B 108 18.71 16.18 15.72
N GLU B 109 19.14 17.24 15.04
CA GLU B 109 19.21 17.21 13.58
C GLU B 109 20.27 16.22 13.13
N ARG B 110 20.04 15.61 11.98
CA ARG B 110 21.00 14.66 11.45
C ARG B 110 22.24 15.39 10.94
N ASN B 111 23.29 14.60 10.67
CA ASN B 111 24.57 15.16 10.30
C ASN B 111 24.46 15.93 8.99
N ALA B 112 25.33 16.93 8.83
CA ALA B 112 25.29 17.77 7.64
C ALA B 112 25.78 17.02 6.41
N GLU B 113 26.67 16.03 6.58
CA GLU B 113 27.23 15.28 5.47
C GLU B 113 26.15 14.77 4.53
N ASN B 114 26.06 15.36 3.34
CA ASN B 114 25.10 14.91 2.35
C ASN B 114 25.63 13.68 1.61
N ALA B 115 24.80 12.65 1.54
CA ALA B 115 25.23 11.37 0.99
C ALA B 115 25.19 11.32 -0.53
N ILE B 116 24.45 12.24 -1.17
CA ILE B 116 24.49 12.31 -2.63
C ILE B 116 25.78 12.96 -3.10
N GLU B 117 26.30 13.94 -2.35
CA GLU B 117 27.63 14.47 -2.61
C GLU B 117 28.65 13.35 -2.63
N ALA B 118 28.67 12.53 -1.58
CA ALA B 118 29.61 11.42 -1.50
C ALA B 118 29.42 10.46 -2.66
N LEU B 119 28.21 10.38 -3.22
CA LEU B 119 27.98 9.49 -4.35
C LEU B 119 28.56 10.06 -5.63
N LYS B 120 28.43 11.38 -5.84
CA LYS B 120 29.00 12.02 -7.03
C LYS B 120 30.52 11.94 -7.06
N GLU B 121 31.16 11.57 -5.94
CA GLU B 121 32.59 11.27 -5.93
C GLU B 121 32.94 10.14 -6.89
N TYR B 122 31.95 9.37 -7.33
CA TYR B 122 32.15 8.28 -8.27
C TYR B 122 31.94 8.70 -9.72
N GLU B 123 31.82 10.00 -9.97
CA GLU B 123 31.81 10.50 -11.34
C GLU B 123 33.21 10.93 -11.72
N PRO B 124 33.86 10.31 -12.71
CA PRO B 124 35.16 10.80 -13.14
C PRO B 124 35.03 12.18 -13.77
N GLU B 125 36.08 12.99 -13.64
CA GLU B 125 36.03 14.33 -14.20
C GLU B 125 36.14 14.29 -15.72
N MET B 126 36.97 13.38 -16.24
CA MET B 126 37.27 13.29 -17.66
C MET B 126 36.96 11.89 -18.17
N GLY B 127 36.85 11.79 -19.51
CA GLY B 127 36.65 10.53 -20.19
C GLY B 127 37.28 10.59 -21.57
N LYS B 128 37.46 9.42 -22.16
CA LYS B 128 38.14 9.28 -23.44
C LYS B 128 37.14 8.82 -24.50
N VAL B 129 37.00 9.58 -25.58
CA VAL B 129 36.08 9.25 -26.65
C VAL B 129 36.82 9.35 -27.99
N TYR B 130 36.31 8.62 -28.97
CA TYR B 130 36.72 8.75 -30.36
C TYR B 130 35.58 9.44 -31.10
N ARG B 131 35.86 10.62 -31.65
CA ARG B 131 34.87 11.36 -32.41
C ARG B 131 35.43 11.65 -33.80
N ALA B 132 34.52 11.97 -34.72
CA ALA B 132 34.89 12.08 -36.12
C ALA B 132 35.88 13.21 -36.36
N ASP B 133 35.90 14.22 -35.51
CA ASP B 133 36.75 15.39 -35.73
C ASP B 133 38.22 15.12 -35.45
N ARG B 134 38.53 14.06 -34.69
CA ARG B 134 39.90 13.74 -34.32
C ARG B 134 40.20 12.28 -34.63
N LYS B 135 41.44 12.02 -35.04
CA LYS B 135 41.88 10.65 -35.22
C LYS B 135 42.34 10.05 -33.90
N SER B 136 43.17 10.78 -33.16
CA SER B 136 43.56 10.35 -31.82
C SER B 136 42.35 10.43 -30.88
N VAL B 137 42.46 9.75 -29.74
CA VAL B 137 41.33 9.66 -28.82
C VAL B 137 41.25 10.96 -28.03
N GLN B 138 40.17 11.72 -28.24
CA GLN B 138 39.93 12.90 -27.42
C GLN B 138 39.74 12.50 -25.97
N ARG B 139 40.19 13.37 -25.06
CA ARG B 139 40.04 13.17 -23.62
C ARG B 139 39.26 14.36 -23.08
N ILE B 140 37.94 14.24 -23.09
CA ILE B 140 37.05 15.38 -22.86
C ILE B 140 36.48 15.32 -21.45
N LYS B 141 35.73 16.35 -21.07
CA LYS B 141 35.02 16.33 -19.79
C LYS B 141 33.98 15.22 -19.81
N ALA B 142 33.72 14.64 -18.63
CA ALA B 142 32.77 13.54 -18.56
C ALA B 142 31.33 14.00 -18.78
N ARG B 143 31.01 15.23 -18.34
CA ARG B 143 29.65 15.72 -18.51
C ARG B 143 29.29 15.93 -19.98
N ASP B 144 30.30 16.05 -20.84
CA ASP B 144 30.07 16.25 -22.27
C ASP B 144 29.98 14.95 -23.06
N ILE B 145 29.90 13.81 -22.38
CA ILE B 145 29.75 12.51 -23.03
C ILE B 145 28.26 12.22 -23.20
N VAL B 146 27.90 11.77 -24.40
CA VAL B 146 26.50 11.58 -24.76
C VAL B 146 26.32 10.13 -25.18
N PRO B 147 25.08 9.62 -25.17
CA PRO B 147 24.83 8.30 -25.74
C PRO B 147 25.24 8.25 -27.21
N GLY B 148 25.65 7.06 -27.65
CA GLY B 148 26.18 6.87 -28.99
C GLY B 148 27.67 7.12 -29.13
N ASP B 149 28.29 7.78 -28.15
CA ASP B 149 29.72 8.02 -28.20
C ASP B 149 30.49 6.70 -28.17
N ILE B 150 31.51 6.61 -29.02
CA ILE B 150 32.46 5.51 -28.94
C ILE B 150 33.46 5.86 -27.85
N VAL B 151 33.38 5.17 -26.73
CA VAL B 151 34.18 5.47 -25.55
C VAL B 151 35.31 4.45 -25.45
N GLU B 152 36.28 4.74 -24.59
CA GLU B 152 37.42 3.86 -24.37
C GLU B 152 37.84 3.89 -22.91
N VAL B 153 38.17 2.72 -22.37
CA VAL B 153 38.65 2.59 -21.00
C VAL B 153 39.88 1.70 -20.99
N ALA B 154 40.62 1.77 -19.88
CA ALA B 154 41.81 0.95 -19.68
C ALA B 154 42.09 0.86 -18.18
N VAL B 155 43.19 0.17 -17.84
CA VAL B 155 43.57 -0.11 -16.45
C VAL B 155 43.52 1.15 -15.61
N GLY B 156 42.73 1.13 -14.54
CA GLY B 156 42.67 2.22 -13.59
C GLY B 156 41.63 3.28 -13.89
N ASP B 157 41.01 3.24 -15.06
CA ASP B 157 39.98 4.21 -15.38
C ASP B 157 38.76 4.04 -14.48
N LYS B 158 38.00 5.11 -14.33
CA LYS B 158 36.70 5.09 -13.66
C LYS B 158 35.65 5.24 -14.76
N VAL B 159 34.88 4.19 -15.01
CA VAL B 159 33.97 4.13 -16.15
C VAL B 159 33.03 5.33 -16.12
N PRO B 160 33.00 6.15 -17.18
CA PRO B 160 32.28 7.43 -17.13
C PRO B 160 30.81 7.37 -17.54
N ALA B 161 30.32 6.22 -17.95
CA ALA B 161 28.93 6.09 -18.42
C ALA B 161 28.53 4.63 -18.34
N ASP B 162 27.27 4.36 -18.65
CA ASP B 162 26.79 2.99 -18.83
C ASP B 162 27.03 2.62 -20.27
N ILE B 163 27.98 1.71 -20.49
CA ILE B 163 28.60 1.51 -21.80
C ILE B 163 28.47 0.06 -22.20
N ARG B 164 27.93 -0.17 -23.39
CA ARG B 164 27.93 -1.50 -23.99
C ARG B 164 29.30 -1.77 -24.59
N ILE B 165 29.98 -2.79 -24.08
CA ILE B 165 31.32 -3.12 -24.57
C ILE B 165 31.23 -3.64 -25.99
N LEU B 166 32.11 -3.12 -26.86
CA LEU B 166 32.18 -3.53 -28.25
C LEU B 166 33.41 -4.37 -28.59
N SER B 167 34.56 -4.05 -28.01
CA SER B 167 35.81 -4.70 -28.38
C SER B 167 36.77 -4.64 -27.20
N ILE B 168 37.29 -5.78 -26.79
CA ILE B 168 38.29 -5.87 -25.73
C ILE B 168 39.64 -6.05 -26.40
N LYS B 169 40.52 -5.06 -26.22
CA LYS B 169 41.82 -5.09 -26.88
C LYS B 169 42.79 -6.00 -26.13
N SER B 170 42.72 -6.00 -24.81
CA SER B 170 43.52 -6.90 -24.01
C SER B 170 42.93 -8.31 -24.05
N THR B 171 43.72 -9.27 -23.59
CA THR B 171 43.23 -10.66 -23.53
C THR B 171 42.02 -10.76 -22.62
N THR B 172 42.06 -10.10 -21.48
CA THR B 172 40.96 -10.10 -20.52
C THR B 172 40.69 -8.68 -20.03
N LEU B 173 39.43 -8.39 -19.75
CA LEU B 173 39.02 -7.12 -19.18
C LEU B 173 38.33 -7.38 -17.84
N ARG B 174 38.90 -6.84 -16.77
CA ARG B 174 38.43 -7.09 -15.41
C ARG B 174 37.93 -5.79 -14.80
N VAL B 175 36.76 -5.83 -14.17
CA VAL B 175 36.09 -4.64 -13.66
C VAL B 175 35.75 -4.84 -12.19
N ASP B 176 35.85 -3.75 -11.42
CA ASP B 176 35.43 -3.72 -10.02
C ASP B 176 34.06 -3.05 -9.98
N GLN B 177 33.03 -3.87 -9.82
CA GLN B 177 31.65 -3.39 -9.81
C GLN B 177 31.08 -3.31 -8.40
N SER B 178 31.95 -3.19 -7.38
CA SER B 178 31.47 -3.19 -6.00
C SER B 178 30.47 -2.08 -5.74
N ILE B 179 30.44 -1.05 -6.58
CA ILE B 179 29.43 0.00 -6.44
C ILE B 179 28.03 -0.59 -6.59
N LEU B 180 27.88 -1.56 -7.49
CA LEU B 180 26.57 -2.10 -7.80
C LEU B 180 26.32 -3.47 -7.21
N THR B 181 27.36 -4.27 -7.00
CA THR B 181 27.20 -5.62 -6.49
C THR B 181 27.79 -5.83 -5.10
N GLY B 182 28.42 -4.81 -4.51
CA GLY B 182 29.12 -4.95 -3.25
C GLY B 182 30.23 -5.98 -3.24
N GLU B 183 30.58 -6.57 -4.38
CA GLU B 183 31.64 -7.57 -4.45
C GLU B 183 32.89 -6.94 -5.05
N SER B 184 34.00 -7.04 -4.32
CA SER B 184 35.26 -6.46 -4.77
C SER B 184 36.06 -7.40 -5.65
N VAL B 185 35.47 -8.51 -6.07
CA VAL B 185 36.12 -9.40 -7.01
C VAL B 185 36.00 -8.83 -8.41
N SER B 186 37.07 -8.95 -9.20
CA SER B 186 37.12 -8.35 -10.52
C SER B 186 36.32 -9.19 -11.51
N VAL B 187 35.14 -8.70 -11.88
CA VAL B 187 34.31 -9.37 -12.88
C VAL B 187 35.01 -9.33 -14.23
N ILE B 188 34.89 -10.41 -14.99
CA ILE B 188 35.52 -10.54 -16.31
C ILE B 188 34.43 -10.42 -17.37
N LYS B 189 34.57 -9.42 -18.23
CA LYS B 189 33.53 -9.07 -19.18
C LYS B 189 33.76 -9.75 -20.53
N HIS B 190 32.74 -9.67 -21.38
CA HIS B 190 32.80 -10.15 -22.75
C HIS B 190 31.93 -9.23 -23.62
N THR B 191 31.85 -9.55 -24.91
CA THR B 191 31.12 -8.71 -25.86
C THR B 191 29.90 -9.39 -26.47
N GLU B 192 29.67 -10.67 -26.16
CA GLU B 192 28.50 -11.35 -26.69
C GLU B 192 27.23 -10.85 -25.98
N PRO B 193 26.09 -10.90 -26.66
CA PRO B 193 24.86 -10.33 -26.07
C PRO B 193 24.29 -11.21 -24.96
N VAL B 194 23.88 -10.55 -23.87
CA VAL B 194 23.15 -11.19 -22.77
C VAL B 194 21.66 -11.05 -23.07
N PRO B 195 20.99 -12.10 -23.52
CA PRO B 195 19.66 -11.93 -24.15
C PRO B 195 18.52 -11.71 -23.19
N ASP B 196 18.61 -12.18 -21.95
CA ASP B 196 17.52 -12.00 -21.00
C ASP B 196 17.30 -10.51 -20.73
N PRO B 197 16.17 -9.94 -21.13
CA PRO B 197 15.94 -8.52 -20.87
C PRO B 197 15.72 -8.21 -19.40
N ARG B 198 15.25 -9.17 -18.60
CA ARG B 198 15.12 -9.02 -17.17
C ARG B 198 16.40 -9.32 -16.41
N ALA B 199 17.54 -9.35 -17.11
CA ALA B 199 18.82 -9.61 -16.48
C ALA B 199 19.12 -8.54 -15.43
N VAL B 200 19.87 -8.93 -14.41
CA VAL B 200 20.34 -7.98 -13.43
C VAL B 200 21.74 -7.55 -13.82
N ASN B 201 22.32 -6.60 -13.08
CA ASN B 201 23.66 -6.13 -13.39
C ASN B 201 24.67 -7.27 -13.44
N GLN B 202 24.60 -8.18 -12.45
CA GLN B 202 25.56 -9.28 -12.39
C GLN B 202 25.51 -10.12 -13.67
N ASP B 203 24.33 -10.29 -14.26
CA ASP B 203 24.19 -11.02 -15.51
C ASP B 203 24.64 -10.22 -16.72
N LYS B 204 24.66 -8.88 -16.63
CA LYS B 204 25.06 -8.02 -17.74
C LYS B 204 26.58 -7.95 -17.80
N LYS B 205 27.17 -9.05 -18.28
CA LYS B 205 28.62 -9.14 -18.39
C LYS B 205 29.18 -8.48 -19.65
N ASN B 206 28.35 -7.83 -20.45
CA ASN B 206 28.83 -7.07 -21.60
C ASN B 206 28.71 -5.56 -21.40
N MET B 207 28.28 -5.12 -20.23
CA MET B 207 28.11 -3.71 -19.93
C MET B 207 29.20 -3.23 -18.98
N LEU B 208 29.58 -1.97 -19.14
CA LEU B 208 30.38 -1.24 -18.16
C LEU B 208 29.51 -0.16 -17.55
N PHE B 209 29.49 -0.09 -16.24
CA PHE B 209 28.56 0.78 -15.53
C PHE B 209 29.27 2.00 -14.98
N SER B 210 28.63 3.15 -15.13
CA SER B 210 29.18 4.40 -14.62
C SER B 210 29.39 4.32 -13.12
N GLY B 211 30.61 4.64 -12.68
CA GLY B 211 30.98 4.53 -11.28
C GLY B 211 32.00 3.43 -11.01
N THR B 212 31.85 2.30 -11.70
CA THR B 212 32.81 1.22 -11.56
C THR B 212 34.17 1.65 -12.12
N ASN B 213 35.21 0.90 -11.76
CA ASN B 213 36.56 1.19 -12.24
C ASN B 213 37.20 -0.07 -12.81
N ILE B 214 38.07 0.13 -13.79
CA ILE B 214 38.74 -0.98 -14.48
C ILE B 214 39.89 -1.47 -13.62
N ALA B 215 39.85 -2.75 -13.23
CA ALA B 215 40.96 -3.34 -12.50
C ALA B 215 42.12 -3.66 -13.44
N ALA B 216 41.83 -4.23 -14.61
CA ALA B 216 42.87 -4.57 -15.57
C ALA B 216 42.24 -4.76 -16.93
N GLY B 217 42.91 -4.30 -17.98
CA GLY B 217 42.46 -4.49 -19.34
C GLY B 217 42.35 -3.19 -20.10
N LYS B 218 41.94 -3.31 -21.36
CA LYS B 218 41.62 -2.15 -22.18
C LYS B 218 40.53 -2.55 -23.16
N ALA B 219 39.45 -1.77 -23.22
CA ALA B 219 38.33 -2.09 -24.07
C ALA B 219 37.72 -0.82 -24.64
N LEU B 220 36.93 -1.00 -25.70
CA LEU B 220 36.21 0.05 -26.38
C LEU B 220 34.72 -0.29 -26.38
N GLY B 221 33.87 0.72 -26.49
CA GLY B 221 32.45 0.44 -26.43
C GLY B 221 31.58 1.65 -26.68
N ILE B 222 30.29 1.37 -26.93
CA ILE B 222 29.27 2.40 -27.13
C ILE B 222 28.71 2.80 -25.78
N VAL B 223 28.45 4.09 -25.61
CA VAL B 223 27.70 4.58 -24.47
C VAL B 223 26.22 4.28 -24.69
N ALA B 224 25.64 3.47 -23.80
CA ALA B 224 24.22 3.12 -23.93
C ALA B 224 23.33 4.20 -23.32
N THR B 225 23.55 4.53 -22.05
CA THR B 225 22.78 5.56 -21.36
C THR B 225 23.74 6.45 -20.57
N THR B 226 23.28 7.67 -20.29
CA THR B 226 24.05 8.64 -19.54
C THR B 226 23.19 9.27 -18.46
N GLY B 227 23.86 10.02 -17.57
CA GLY B 227 23.15 10.85 -16.60
C GLY B 227 22.38 10.02 -15.59
N VAL B 228 21.13 10.42 -15.36
CA VAL B 228 20.28 9.75 -14.39
C VAL B 228 19.84 8.36 -14.87
N SER B 229 19.81 8.15 -16.18
CA SER B 229 19.37 6.88 -16.77
C SER B 229 20.33 5.72 -16.49
N THR B 230 21.41 5.94 -15.74
CA THR B 230 22.41 4.92 -15.47
C THR B 230 22.14 4.23 -14.13
N GLU B 231 22.70 3.03 -13.98
CA GLU B 231 22.51 2.28 -12.74
C GLU B 231 22.93 3.10 -11.52
N ILE B 232 24.03 3.85 -11.65
CA ILE B 232 24.44 4.76 -10.58
C ILE B 232 23.40 5.85 -10.38
N GLY B 233 22.79 6.31 -11.48
CA GLY B 233 21.75 7.31 -11.36
C GLY B 233 20.54 6.80 -10.59
N LYS B 234 20.09 5.59 -10.92
CA LYS B 234 18.98 5.00 -10.19
C LYS B 234 19.30 4.86 -8.71
N ILE B 235 20.58 4.71 -8.37
CA ILE B 235 20.98 4.62 -6.98
C ILE B 235 20.64 5.91 -6.25
N ARG B 236 20.92 7.04 -6.88
CA ARG B 236 20.71 8.32 -6.21
C ARG B 236 19.33 8.90 -6.49
N ASP B 237 18.72 8.59 -7.64
CA ASP B 237 17.27 8.78 -7.80
C ASP B 237 16.53 8.26 -6.57
N GLN B 238 16.62 6.95 -6.34
CA GLN B 238 16.04 6.32 -5.16
C GLN B 238 16.59 6.89 -3.86
N MET B 239 17.86 7.30 -3.86
CA MET B 239 18.46 7.85 -2.65
C MET B 239 17.90 9.22 -2.32
N ALA B 240 17.69 10.06 -3.34
CA ALA B 240 17.18 11.39 -3.11
C ALA B 240 15.69 11.39 -2.77
N ALA B 241 14.95 10.39 -3.28
CA ALA B 241 13.50 10.40 -3.13
C ALA B 241 13.04 9.93 -1.76
N THR B 242 13.77 9.01 -1.13
CA THR B 242 13.39 8.53 0.19
C THR B 242 13.72 9.56 1.25
N GLU B 243 12.88 9.63 2.28
CA GLU B 243 13.01 10.65 3.31
C GLU B 243 12.62 10.06 4.66
N GLN B 244 13.47 10.30 5.66
CA GLN B 244 13.29 9.69 6.97
C GLN B 244 12.01 10.18 7.63
N ASP B 245 11.21 9.23 8.14
CA ASP B 245 9.99 9.56 8.84
C ASP B 245 10.29 9.95 10.28
N LYS B 246 9.25 10.40 10.97
CA LYS B 246 9.36 10.71 12.39
C LYS B 246 9.45 9.42 13.19
N THR B 247 10.21 9.48 14.29
CA THR B 247 10.29 8.35 15.18
C THR B 247 8.93 8.11 15.83
N PRO B 248 8.62 6.87 16.23
CA PRO B 248 7.36 6.61 16.94
C PRO B 248 7.08 7.58 18.07
N LEU B 249 8.09 7.93 18.86
CA LEU B 249 7.90 8.88 19.95
C LEU B 249 7.37 10.21 19.43
N GLN B 250 7.93 10.69 18.31
CA GLN B 250 7.54 11.99 17.79
C GLN B 250 6.09 12.02 17.33
N GLN B 251 5.68 11.00 16.56
CA GLN B 251 4.30 10.96 16.07
C GLN B 251 3.31 10.95 17.22
N LYS B 252 3.72 10.46 18.39
CA LYS B 252 2.85 10.47 19.56
C LYS B 252 2.79 11.85 20.22
N LEU B 253 3.90 12.59 20.18
CA LEU B 253 3.89 13.95 20.71
C LEU B 253 3.24 14.91 19.73
N ASP B 254 3.47 14.70 18.43
CA ASP B 254 2.74 15.46 17.42
C ASP B 254 1.25 15.15 17.48
N GLU B 255 0.89 13.91 17.80
CA GLU B 255 -0.51 13.59 18.07
C GLU B 255 -0.96 14.22 19.38
N PHE B 256 -0.14 14.10 20.42
CA PHE B 256 -0.44 14.77 21.69
C PHE B 256 -0.61 16.26 21.48
N GLY B 257 0.30 16.88 20.72
CA GLY B 257 0.22 18.29 20.43
C GLY B 257 -1.05 18.67 19.70
N GLU B 258 -1.28 18.05 18.55
CA GLU B 258 -2.43 18.42 17.73
C GLU B 258 -3.77 18.01 18.36
N GLN B 259 -3.75 17.24 19.45
CA GLN B 259 -4.96 16.96 20.21
C GLN B 259 -5.02 17.70 21.53
N LEU B 260 -3.89 18.19 22.05
CA LEU B 260 -3.92 19.08 23.20
C LEU B 260 -4.45 20.46 22.81
N SER B 261 -4.23 20.88 21.56
CA SER B 261 -4.75 22.16 21.11
C SER B 261 -6.27 22.14 21.00
N LYS B 262 -6.84 21.00 20.59
CA LYS B 262 -8.30 20.87 20.61
C LYS B 262 -8.87 20.85 22.01
N VAL B 263 -8.02 20.74 23.04
CA VAL B 263 -8.48 20.74 24.43
C VAL B 263 -8.39 22.14 25.03
N ILE B 264 -7.32 22.88 24.76
CA ILE B 264 -7.29 24.27 25.17
C ILE B 264 -8.42 25.03 24.50
N SER B 265 -8.85 24.58 23.31
CA SER B 265 -10.03 25.17 22.68
C SER B 265 -11.32 24.73 23.37
N LEU B 266 -11.26 23.73 24.25
CA LEU B 266 -12.45 23.32 25.01
C LEU B 266 -12.52 24.14 26.29
N ILE B 267 -11.52 23.98 27.17
CA ILE B 267 -11.53 24.64 28.46
C ILE B 267 -11.51 26.16 28.35
N CYS B 268 -11.23 26.71 27.16
CA CYS B 268 -11.42 28.14 26.96
C CYS B 268 -12.90 28.50 27.06
N VAL B 269 -13.76 27.76 26.37
CA VAL B 269 -15.19 28.02 26.43
C VAL B 269 -15.79 27.54 27.75
N ALA B 270 -15.12 26.62 28.45
CA ALA B 270 -15.62 26.17 29.74
C ALA B 270 -15.34 27.18 30.84
N VAL B 271 -14.28 27.98 30.71
CA VAL B 271 -14.12 29.15 31.55
C VAL B 271 -15.21 30.16 31.23
N TRP B 272 -15.64 30.18 29.98
CA TRP B 272 -16.64 31.13 29.50
C TRP B 272 -18.06 30.80 29.98
N LEU B 273 -18.22 29.75 30.80
CA LEU B 273 -19.48 29.50 31.47
C LEU B 273 -19.71 30.44 32.65
N ILE B 274 -18.82 31.41 32.85
CA ILE B 274 -18.91 32.34 33.97
C ILE B 274 -19.23 33.76 33.51
N ASN B 275 -18.88 34.11 32.27
CA ASN B 275 -19.09 35.44 31.71
C ASN B 275 -20.57 35.78 31.49
N ILE B 276 -21.48 34.85 31.78
CA ILE B 276 -22.91 35.11 31.65
C ILE B 276 -23.43 35.81 32.90
N GLY B 277 -22.54 36.35 33.72
CA GLY B 277 -22.92 37.24 34.80
C GLY B 277 -22.54 38.67 34.50
N HIS B 278 -21.49 38.86 33.70
CA HIS B 278 -21.03 40.17 33.26
C HIS B 278 -22.09 40.92 32.48
N PHE B 279 -22.88 41.75 33.16
CA PHE B 279 -23.87 42.57 32.47
C PHE B 279 -23.95 44.00 32.97
N ASN B 280 -23.31 44.35 34.08
CA ASN B 280 -23.35 45.69 34.65
C ASN B 280 -24.78 46.13 34.97
N GLY B 285 -20.37 51.55 34.49
CA GLY B 285 -19.68 52.57 35.25
C GLY B 285 -18.44 52.04 35.96
N GLY B 286 -18.48 50.76 36.32
CA GLY B 286 -17.36 50.15 37.00
C GLY B 286 -16.77 48.96 36.26
N SER B 287 -15.45 48.98 36.07
CA SER B 287 -14.71 47.93 35.36
C SER B 287 -15.35 47.65 34.00
N TRP B 288 -15.20 48.64 33.12
CA TRP B 288 -15.85 48.57 31.81
C TRP B 288 -15.40 47.35 31.02
N ILE B 289 -14.10 47.03 31.08
CA ILE B 289 -13.59 45.85 30.38
C ILE B 289 -12.52 45.17 31.22
N ARG B 290 -12.56 45.40 32.53
CA ARG B 290 -11.61 44.71 33.40
C ARG B 290 -11.95 43.23 33.55
N GLY B 291 -13.02 42.76 32.91
CA GLY B 291 -13.27 41.35 32.78
C GLY B 291 -12.43 40.74 31.68
N ALA B 292 -12.40 41.42 30.52
CA ALA B 292 -11.56 40.96 29.42
C ALA B 292 -10.09 41.01 29.80
N ILE B 293 -9.71 41.89 30.72
CA ILE B 293 -8.36 41.86 31.26
C ILE B 293 -8.18 40.67 32.19
N TYR B 294 -9.23 40.30 32.92
CA TYR B 294 -9.15 39.19 33.87
C TYR B 294 -9.17 37.83 33.17
N TYR B 295 -9.84 37.72 32.02
CA TYR B 295 -9.93 36.45 31.31
C TYR B 295 -8.75 36.20 30.39
N PHE B 296 -8.23 37.26 29.75
CA PHE B 296 -7.01 37.11 28.96
C PHE B 296 -5.83 36.74 29.85
N LYS B 297 -5.81 37.27 31.08
CA LYS B 297 -4.73 36.92 32.01
C LYS B 297 -4.78 35.46 32.40
N ILE B 298 -5.97 34.86 32.41
CA ILE B 298 -6.08 33.43 32.67
C ILE B 298 -5.66 32.63 31.43
N ALA B 299 -5.84 33.19 30.24
CA ALA B 299 -5.45 32.48 29.02
C ALA B 299 -3.94 32.21 29.01
N VAL B 300 -3.14 33.23 29.26
CA VAL B 300 -1.70 33.04 29.40
C VAL B 300 -1.41 32.08 30.54
N ALA B 301 -2.16 32.20 31.65
CA ALA B 301 -2.00 31.28 32.76
C ALA B 301 -2.30 29.84 32.33
N LEU B 302 -3.28 29.66 31.44
CA LEU B 302 -3.65 28.31 31.01
C LEU B 302 -2.63 27.73 30.03
N ALA B 303 -2.18 28.54 29.06
CA ALA B 303 -1.33 28.02 28.00
C ALA B 303 0.02 27.53 28.55
N VAL B 304 0.65 28.30 29.42
CA VAL B 304 1.94 27.91 29.96
C VAL B 304 1.81 26.71 30.90
N ALA B 305 0.60 26.45 31.41
CA ALA B 305 0.36 25.31 32.29
C ALA B 305 0.08 24.03 31.52
N ALA B 306 -0.43 24.13 30.30
CA ALA B 306 -0.79 22.95 29.52
C ALA B 306 0.35 22.39 28.68
N ILE B 307 1.36 23.21 28.39
CA ILE B 307 2.46 22.81 27.50
C ILE B 307 3.67 22.49 28.36
N PRO B 308 4.25 21.19 28.29
CA PRO B 308 5.44 20.84 29.09
C PRO B 308 6.73 21.40 28.49
N GLU B 309 6.95 22.70 28.68
CA GLU B 309 8.21 23.30 28.28
C GLU B 309 9.34 22.81 29.19
N GLY B 310 10.56 22.84 28.65
CA GLY B 310 11.69 22.21 29.28
C GLY B 310 11.72 20.69 29.11
N LEU B 311 10.61 20.07 28.66
CA LEU B 311 10.60 18.66 28.27
C LEU B 311 11.43 18.46 27.02
N PRO B 312 11.32 19.31 26.01
CA PRO B 312 12.31 19.28 24.92
C PRO B 312 13.73 19.48 25.39
N ALA B 313 13.93 20.08 26.57
CA ALA B 313 15.28 20.29 27.09
C ALA B 313 15.83 19.07 27.83
N VAL B 314 14.99 18.15 28.28
CA VAL B 314 15.45 16.96 28.98
C VAL B 314 15.56 15.76 28.05
N ILE B 315 14.65 15.64 27.07
CA ILE B 315 14.77 14.54 26.12
C ILE B 315 16.08 14.64 25.35
N THR B 316 16.53 15.86 25.07
CA THR B 316 17.78 16.10 24.36
C THR B 316 19.00 16.10 25.30
N THR B 317 18.83 15.72 26.56
CA THR B 317 19.96 15.52 27.47
C THR B 317 20.25 14.05 27.73
N CYS B 318 19.23 13.22 27.95
CA CYS B 318 19.47 11.79 28.09
C CYS B 318 19.89 11.17 26.76
N LEU B 319 19.34 11.67 25.65
CA LEU B 319 19.80 11.26 24.33
C LEU B 319 21.27 11.63 24.13
N ALA B 320 21.66 12.83 24.58
CA ALA B 320 23.04 13.26 24.42
C ALA B 320 23.99 12.46 25.31
N LEU B 321 23.50 11.97 26.45
CA LEU B 321 24.33 11.14 27.32
C LEU B 321 24.47 9.73 26.76
N GLY B 322 23.34 9.12 26.38
CA GLY B 322 23.39 7.76 25.85
C GLY B 322 24.24 7.65 24.60
N THR B 323 24.15 8.64 23.72
CA THR B 323 24.99 8.66 22.52
C THR B 323 26.46 8.71 22.87
N ARG B 324 26.81 9.41 23.96
CA ARG B 324 28.20 9.42 24.41
C ARG B 324 28.60 8.09 25.02
N ARG B 325 27.66 7.43 25.70
CA ARG B 325 27.90 6.07 26.19
C ARG B 325 28.28 5.14 25.05
N MET B 326 27.42 5.06 24.03
CA MET B 326 27.66 4.17 22.90
C MET B 326 28.89 4.54 22.10
N ALA B 327 29.38 5.78 22.24
CA ALA B 327 30.65 6.14 21.62
C ALA B 327 31.81 5.41 22.30
N LYS B 328 31.80 5.35 23.63
CA LYS B 328 32.77 4.51 24.34
C LYS B 328 32.54 3.04 24.04
N LYS B 329 31.32 2.66 23.68
CA LYS B 329 31.03 1.34 23.15
C LYS B 329 31.28 1.25 21.64
N ASN B 330 31.89 2.29 21.06
CA ASN B 330 32.30 2.30 19.65
C ASN B 330 31.10 2.23 18.70
N ALA B 331 30.05 2.98 19.00
CA ALA B 331 28.87 3.09 18.15
C ALA B 331 28.57 4.58 17.95
N ILE B 332 29.09 5.14 16.87
CA ILE B 332 28.94 6.57 16.61
C ILE B 332 27.52 6.82 16.08
N VAL B 333 26.81 7.73 16.74
CA VAL B 333 25.40 7.99 16.46
C VAL B 333 25.29 9.30 15.69
N ARG B 334 24.73 9.24 14.49
CA ARG B 334 24.61 10.42 13.64
C ARG B 334 23.28 11.14 13.79
N SER B 335 22.24 10.44 14.25
CA SER B 335 20.92 11.03 14.45
C SER B 335 20.49 10.76 15.88
N LEU B 336 20.42 11.82 16.68
CA LEU B 336 20.07 11.66 18.09
C LEU B 336 18.71 11.00 18.31
N PRO B 337 17.64 11.33 17.59
CA PRO B 337 16.35 10.65 17.85
C PRO B 337 16.36 9.17 17.54
N SER B 338 17.26 8.69 16.67
CA SER B 338 17.26 7.29 16.28
C SER B 338 17.74 6.36 17.37
N VAL B 339 18.37 6.88 18.43
CA VAL B 339 18.78 6.03 19.54
C VAL B 339 17.57 5.47 20.26
N GLU B 340 16.40 6.09 20.10
CA GLU B 340 15.17 5.54 20.66
C GLU B 340 14.64 4.41 19.78
N THR B 341 14.61 4.61 18.47
CA THR B 341 14.04 3.64 17.54
C THR B 341 14.85 2.36 17.45
N LEU B 342 16.08 2.33 17.94
CA LEU B 342 16.81 1.08 17.99
C LEU B 342 16.13 0.08 18.92
N GLY B 343 15.43 0.57 19.95
CA GLY B 343 14.70 -0.33 20.82
C GLY B 343 13.47 -0.91 20.14
N CYS B 344 12.76 -0.09 19.38
CA CYS B 344 11.56 -0.54 18.65
C CYS B 344 11.90 -1.45 17.47
N THR B 345 13.17 -1.73 17.22
CA THR B 345 13.55 -2.58 16.11
C THR B 345 12.90 -3.96 16.25
N SER B 346 12.45 -4.51 15.12
CA SER B 346 11.92 -5.87 15.07
C SER B 346 12.62 -6.75 14.05
N VAL B 347 13.30 -6.18 13.06
CA VAL B 347 14.01 -6.94 12.05
C VAL B 347 15.22 -6.14 11.60
N ILE B 348 16.38 -6.80 11.54
CA ILE B 348 17.61 -6.20 11.02
C ILE B 348 17.93 -6.84 9.68
N CYS B 349 17.98 -6.01 8.64
CA CYS B 349 18.52 -6.43 7.35
C CYS B 349 20.02 -6.15 7.34
N SER B 350 20.74 -6.93 6.55
CA SER B 350 22.20 -6.82 6.57
C SER B 350 22.79 -7.28 5.25
N ASP B 351 23.79 -6.52 4.80
CA ASP B 351 24.68 -6.94 3.72
C ASP B 351 25.44 -8.18 4.15
N LYS B 352 26.02 -8.88 3.18
CA LYS B 352 26.84 -10.04 3.53
C LYS B 352 28.34 -9.74 3.47
N THR B 353 28.79 -9.17 2.36
CA THR B 353 30.21 -8.92 2.16
C THR B 353 30.59 -7.59 2.78
N GLY B 354 31.61 -7.61 3.63
CA GLY B 354 32.06 -6.39 4.24
C GLY B 354 31.35 -6.18 5.56
N THR B 355 30.09 -6.64 5.63
CA THR B 355 29.25 -6.45 6.80
C THR B 355 29.36 -7.64 7.74
N LEU B 356 28.69 -8.75 7.41
CA LEU B 356 28.91 -9.99 8.13
C LEU B 356 30.30 -10.55 7.87
N THR B 357 30.90 -10.17 6.76
CA THR B 357 32.13 -10.77 6.26
C THR B 357 33.29 -9.79 6.33
N THR B 358 34.50 -10.31 6.47
CA THR B 358 35.71 -9.51 6.42
C THR B 358 36.05 -8.98 5.03
N ASN B 359 35.37 -9.48 3.99
CA ASN B 359 35.66 -9.15 2.58
C ASN B 359 37.13 -9.39 2.24
N GLN B 360 37.82 -10.20 3.03
CA GLN B 360 39.23 -10.52 2.79
C GLN B 360 39.27 -12.00 2.40
N MET B 361 39.40 -12.24 1.10
CA MET B 361 39.43 -13.61 0.59
C MET B 361 40.60 -14.37 1.19
N SER B 362 40.32 -15.58 1.67
CA SER B 362 41.37 -16.40 2.28
C SER B 362 41.04 -17.87 2.04
N VAL B 363 42.04 -18.62 1.60
CA VAL B 363 41.87 -20.06 1.44
C VAL B 363 41.90 -20.71 2.82
N CYS B 364 41.00 -21.68 3.02
CA CYS B 364 40.86 -22.35 4.31
C CYS B 364 40.87 -23.86 4.16
N LYS B 365 41.09 -24.37 2.95
CA LYS B 365 41.20 -25.80 2.71
C LYS B 365 42.12 -26.04 1.54
N MET B 366 42.70 -27.24 1.51
CA MET B 366 43.68 -27.61 0.50
C MET B 366 43.98 -29.08 0.64
N PHE B 367 44.26 -29.75 -0.48
CA PHE B 367 44.66 -31.14 -0.41
C PHE B 367 45.66 -31.48 -1.50
N ILE B 368 46.60 -32.35 -1.15
CA ILE B 368 47.50 -32.99 -2.10
C ILE B 368 47.21 -34.48 -2.06
N ILE B 369 47.90 -35.25 -2.89
CA ILE B 369 47.67 -36.69 -2.94
C ILE B 369 48.35 -37.36 -1.75
N ASP B 370 47.73 -38.42 -1.26
CA ASP B 370 48.28 -39.20 -0.15
C ASP B 370 48.94 -40.47 -0.69
N LYS B 371 48.12 -41.46 -1.04
CA LYS B 371 48.61 -42.74 -1.56
C LYS B 371 47.85 -43.09 -2.84
N VAL B 372 48.58 -43.60 -3.82
CA VAL B 372 47.99 -44.07 -5.07
C VAL B 372 48.37 -45.53 -5.24
N ASP B 373 47.39 -46.43 -5.09
CA ASP B 373 47.59 -47.87 -5.27
C ASP B 373 46.50 -48.37 -6.20
N GLY B 374 46.81 -48.49 -7.48
CA GLY B 374 45.89 -49.01 -8.46
C GLY B 374 44.54 -48.32 -8.47
N ASP B 375 43.50 -49.06 -8.09
CA ASP B 375 42.14 -48.53 -8.04
C ASP B 375 41.86 -47.73 -6.78
N PHE B 376 42.81 -47.63 -5.86
CA PHE B 376 42.64 -46.90 -4.62
C PHE B 376 43.51 -45.65 -4.61
N CYS B 377 42.93 -44.55 -4.16
CA CYS B 377 43.64 -43.28 -4.02
C CYS B 377 43.06 -42.53 -2.84
N SER B 378 43.94 -42.01 -1.99
CA SER B 378 43.56 -41.21 -0.84
C SER B 378 44.24 -39.85 -0.93
N LEU B 379 43.79 -38.93 -0.07
CA LEU B 379 44.23 -37.55 -0.12
C LEU B 379 44.61 -37.06 1.27
N ASN B 380 45.58 -36.14 1.29
CA ASN B 380 45.97 -35.40 2.48
C ASN B 380 45.23 -34.07 2.48
N GLU B 381 44.25 -33.92 3.36
CA GLU B 381 43.46 -32.71 3.47
C GLU B 381 43.94 -31.86 4.63
N PHE B 382 44.01 -30.55 4.41
CA PHE B 382 44.43 -29.60 5.43
C PHE B 382 43.42 -28.46 5.47
N SER B 383 43.34 -27.81 6.64
CA SER B 383 42.59 -26.58 6.79
C SER B 383 43.54 -25.48 7.22
N ILE B 384 43.10 -24.22 7.09
CA ILE B 384 43.90 -23.07 7.45
C ILE B 384 43.03 -22.08 8.24
N THR B 385 43.53 -21.65 9.39
CA THR B 385 42.86 -20.63 10.19
C THR B 385 43.23 -19.24 9.68
N GLY B 386 42.44 -18.25 10.08
CA GLY B 386 42.69 -16.89 9.64
C GLY B 386 41.65 -16.40 8.65
N SER B 387 41.01 -15.29 8.96
CA SER B 387 39.92 -14.75 8.15
C SER B 387 40.28 -13.44 7.47
N THR B 388 41.53 -12.99 7.58
CA THR B 388 41.98 -11.74 7.00
C THR B 388 43.14 -11.99 6.04
N TYR B 389 43.50 -10.96 5.29
CA TYR B 389 44.67 -11.03 4.42
C TYR B 389 45.98 -11.06 5.21
N ALA B 390 45.92 -10.88 6.52
CA ALA B 390 47.15 -10.84 7.31
C ALA B 390 47.82 -12.21 7.32
N PRO B 391 49.13 -12.27 7.30
CA PRO B 391 49.85 -13.55 7.32
C PRO B 391 49.90 -14.17 8.71
N GLU B 392 48.72 -14.48 9.26
CA GLU B 392 48.61 -15.00 10.62
C GLU B 392 47.62 -16.15 10.61
N GLY B 393 48.12 -17.37 10.81
CA GLY B 393 47.25 -18.53 10.84
C GLY B 393 48.06 -19.80 10.85
N GLU B 394 47.34 -20.91 11.03
CA GLU B 394 47.93 -22.24 11.15
C GLU B 394 47.36 -23.16 10.09
N VAL B 395 48.23 -24.01 9.53
CA VAL B 395 47.80 -25.14 8.73
C VAL B 395 47.58 -26.33 9.66
N LEU B 396 46.38 -26.89 9.62
CA LEU B 396 46.02 -27.99 10.51
C LEU B 396 45.66 -29.21 9.67
N LYS B 397 46.11 -30.39 10.12
CA LYS B 397 45.84 -31.64 9.41
C LYS B 397 44.56 -32.28 9.93
N ASN B 398 44.62 -32.86 11.12
CA ASN B 398 43.44 -33.39 11.78
C ASN B 398 43.21 -32.62 13.07
N ASP B 399 42.97 -31.32 12.95
CA ASP B 399 42.82 -30.36 14.05
C ASP B 399 44.12 -30.11 14.81
N LYS B 400 45.24 -30.65 14.35
CA LYS B 400 46.45 -30.38 15.10
C LYS B 400 47.43 -29.53 14.29
N PRO B 401 48.19 -28.67 14.96
CA PRO B 401 49.08 -27.75 14.23
C PRO B 401 50.20 -28.50 13.53
N ILE B 402 50.36 -28.23 12.24
CA ILE B 402 51.34 -28.88 11.39
C ILE B 402 52.26 -27.83 10.81
N ARG B 403 53.57 -28.11 10.84
CA ARG B 403 54.51 -27.39 9.99
C ARG B 403 54.24 -27.80 8.54
N SER B 404 53.97 -26.82 7.68
CA SER B 404 53.52 -27.14 6.33
C SER B 404 54.60 -27.86 5.53
N GLY B 405 55.87 -27.59 5.81
CA GLY B 405 56.97 -28.12 5.03
C GLY B 405 57.16 -29.61 5.23
N GLN B 406 56.35 -30.20 6.11
CA GLN B 406 56.46 -31.63 6.35
C GLN B 406 56.01 -32.45 5.14
N PHE B 407 55.17 -31.87 4.28
CA PHE B 407 54.59 -32.55 3.14
C PHE B 407 55.22 -32.00 1.87
N ASP B 408 55.91 -32.88 1.13
CA ASP B 408 56.59 -32.46 -0.09
C ASP B 408 55.61 -31.86 -1.11
N GLY B 409 54.38 -32.36 -1.13
CA GLY B 409 53.39 -31.80 -2.04
C GLY B 409 53.01 -30.37 -1.68
N LEU B 410 52.91 -30.08 -0.38
CA LEU B 410 52.53 -28.74 0.05
C LEU B 410 53.61 -27.72 -0.27
N VAL B 411 54.86 -28.13 -0.37
CA VAL B 411 55.92 -27.22 -0.79
C VAL B 411 55.72 -26.82 -2.25
N GLU B 412 55.44 -27.80 -3.11
CA GLU B 412 55.16 -27.50 -4.51
C GLU B 412 53.89 -26.68 -4.65
N LEU B 413 52.89 -26.96 -3.81
CA LEU B 413 51.66 -26.16 -3.82
C LEU B 413 51.96 -24.71 -3.51
N ALA B 414 52.73 -24.46 -2.45
CA ALA B 414 53.13 -23.10 -2.12
C ALA B 414 53.93 -22.46 -3.24
N THR B 415 54.71 -23.25 -3.97
CA THR B 415 55.49 -22.72 -5.08
C THR B 415 54.59 -22.21 -6.19
N ILE B 416 53.61 -23.03 -6.60
CA ILE B 416 52.65 -22.59 -7.60
C ILE B 416 51.89 -21.37 -7.11
N CYS B 417 51.39 -21.42 -5.87
CA CYS B 417 50.65 -20.30 -5.31
C CYS B 417 51.49 -19.02 -5.30
N ALA B 418 52.80 -19.14 -5.13
CA ALA B 418 53.62 -17.94 -4.98
C ALA B 418 54.06 -17.39 -6.32
N LEU B 419 54.36 -18.26 -7.29
CA LEU B 419 54.92 -17.87 -8.56
C LEU B 419 53.88 -17.65 -9.65
N CYS B 420 52.87 -18.51 -9.75
CA CYS B 420 51.76 -18.31 -10.69
C CYS B 420 50.74 -17.37 -10.04
N ASN B 421 51.18 -16.12 -9.85
CA ASN B 421 50.45 -15.16 -9.04
C ASN B 421 50.92 -13.77 -9.43
N ASP B 422 49.97 -12.86 -9.65
CA ASP B 422 50.29 -11.50 -10.08
C ASP B 422 50.09 -10.47 -8.98
N SER B 423 49.75 -10.89 -7.76
CA SER B 423 49.40 -9.97 -6.69
C SER B 423 50.42 -10.11 -5.55
N SER B 424 50.28 -9.24 -4.55
CA SER B 424 51.21 -9.20 -3.42
C SER B 424 50.50 -8.60 -2.22
N LEU B 425 51.26 -8.34 -1.15
CA LEU B 425 50.74 -7.89 0.12
C LEU B 425 51.47 -6.64 0.58
N ASP B 426 50.70 -5.60 0.91
CA ASP B 426 51.22 -4.35 1.42
C ASP B 426 50.78 -4.15 2.85
N PHE B 427 51.63 -3.49 3.65
CA PHE B 427 51.26 -3.09 5.00
C PHE B 427 51.11 -1.58 5.07
N ASN B 428 49.94 -1.14 5.53
CA ASN B 428 49.57 0.26 5.60
C ASN B 428 49.75 0.74 7.05
N GLU B 429 50.81 1.51 7.29
CA GLU B 429 51.08 2.00 8.64
C GLU B 429 49.97 2.92 9.11
N THR B 430 49.40 3.73 8.21
CA THR B 430 48.31 4.63 8.59
C THR B 430 47.10 3.83 9.07
N LYS B 431 46.61 2.90 8.24
CA LYS B 431 45.50 2.05 8.64
C LYS B 431 45.91 1.00 9.67
N GLY B 432 47.20 0.71 9.78
CA GLY B 432 47.70 -0.25 10.75
C GLY B 432 47.36 -1.69 10.42
N VAL B 433 46.92 -1.98 9.19
CA VAL B 433 46.46 -3.30 8.80
C VAL B 433 47.22 -3.73 7.54
N TYR B 434 46.92 -4.95 7.10
CA TYR B 434 47.42 -5.48 5.83
C TYR B 434 46.35 -5.30 4.76
N GLU B 435 46.78 -4.93 3.55
CA GLU B 435 45.87 -4.74 2.43
C GLU B 435 46.33 -5.60 1.27
N LYS B 436 45.40 -5.88 0.36
CA LYS B 436 45.74 -6.64 -0.83
C LYS B 436 46.30 -5.72 -1.90
N VAL B 437 47.12 -6.31 -2.77
CA VAL B 437 47.70 -5.60 -3.91
C VAL B 437 47.51 -6.47 -5.16
N GLY B 438 46.39 -6.27 -5.85
CA GLY B 438 46.01 -7.12 -6.95
C GLY B 438 44.69 -7.82 -6.69
N GLU B 439 44.47 -8.97 -7.33
CA GLU B 439 43.22 -9.68 -7.19
C GLU B 439 43.05 -10.23 -5.78
N ALA B 440 41.82 -10.18 -5.27
CA ALA B 440 41.53 -10.77 -3.98
C ALA B 440 41.79 -12.28 -4.01
N THR B 441 41.48 -12.92 -5.14
CA THR B 441 41.77 -14.34 -5.30
C THR B 441 43.27 -14.61 -5.19
N GLU B 442 44.08 -13.86 -5.93
CA GLU B 442 45.52 -14.12 -5.93
C GLU B 442 46.17 -13.71 -4.62
N THR B 443 45.71 -12.62 -4.01
CA THR B 443 46.26 -12.22 -2.71
C THR B 443 45.91 -13.25 -1.64
N ALA B 444 44.76 -13.92 -1.78
CA ALA B 444 44.43 -15.02 -0.89
C ALA B 444 45.47 -16.12 -0.98
N LEU B 445 45.92 -16.44 -2.19
CA LEU B 445 47.02 -17.40 -2.34
C LEU B 445 48.33 -16.83 -1.82
N THR B 446 48.53 -15.51 -1.96
CA THR B 446 49.72 -14.88 -1.42
C THR B 446 49.77 -15.01 0.10
N THR B 447 48.67 -14.66 0.78
CA THR B 447 48.62 -14.78 2.23
C THR B 447 48.77 -16.24 2.66
N LEU B 448 48.19 -17.17 1.88
CA LEU B 448 48.30 -18.59 2.21
C LEU B 448 49.76 -19.03 2.26
N VAL B 449 50.56 -18.61 1.29
CA VAL B 449 51.98 -18.96 1.28
C VAL B 449 52.67 -18.43 2.54
N GLU B 450 52.26 -17.25 2.99
CA GLU B 450 52.83 -16.69 4.21
C GLU B 450 52.37 -17.44 5.45
N LYS B 451 51.13 -17.94 5.43
CA LYS B 451 50.64 -18.78 6.53
C LYS B 451 51.46 -20.06 6.63
N MET B 452 51.65 -20.76 5.51
CA MET B 452 52.36 -22.03 5.52
C MET B 452 53.79 -21.85 6.01
N ASN B 453 54.59 -21.05 5.29
CA ASN B 453 56.02 -20.94 5.53
C ASN B 453 56.69 -22.32 5.39
N VAL B 454 56.57 -22.88 4.18
CA VAL B 454 57.01 -24.25 3.93
C VAL B 454 58.51 -24.43 4.13
N PHE B 455 59.28 -23.36 4.27
CA PHE B 455 60.72 -23.44 4.50
C PHE B 455 61.09 -23.10 5.94
N ASN B 456 60.12 -22.74 6.77
CA ASN B 456 60.34 -22.44 8.19
C ASN B 456 61.33 -21.29 8.36
N THR B 457 61.37 -20.38 7.39
CA THR B 457 62.23 -19.20 7.49
C THR B 457 61.86 -18.41 8.73
N GLU B 458 62.87 -18.02 9.51
CA GLU B 458 62.62 -17.34 10.76
C GLU B 458 62.04 -15.96 10.48
N VAL B 459 60.76 -15.78 10.82
CA VAL B 459 60.05 -14.54 10.56
C VAL B 459 59.53 -13.89 11.84
N ARG B 460 59.72 -14.52 13.00
CA ARG B 460 59.22 -13.96 14.25
C ARG B 460 59.91 -12.66 14.62
N ASN B 461 61.10 -12.41 14.07
CA ASN B 461 61.85 -11.19 14.34
C ASN B 461 61.71 -10.16 13.22
N LEU B 462 60.94 -10.45 12.18
CA LEU B 462 60.76 -9.51 11.08
C LEU B 462 59.76 -8.42 11.45
N SER B 463 59.87 -7.30 10.76
CA SER B 463 58.90 -6.23 10.90
C SER B 463 57.62 -6.59 10.14
N LYS B 464 56.55 -5.85 10.44
CA LYS B 464 55.30 -6.05 9.73
C LYS B 464 55.41 -5.69 8.26
N VAL B 465 56.31 -4.78 7.91
CA VAL B 465 56.48 -4.40 6.52
C VAL B 465 57.27 -5.45 5.76
N GLU B 466 58.24 -6.08 6.41
CA GLU B 466 59.03 -7.13 5.75
C GLU B 466 58.26 -8.44 5.72
N ARG B 467 57.52 -8.75 6.78
CA ARG B 467 56.79 -10.01 6.88
C ARG B 467 55.79 -10.17 5.75
N ALA B 468 55.27 -9.05 5.22
CA ALA B 468 54.16 -9.07 4.26
C ALA B 468 54.38 -10.06 3.13
N ASN B 469 55.54 -9.98 2.47
CA ASN B 469 55.87 -10.89 1.38
C ASN B 469 57.13 -11.69 1.68
N ALA B 470 57.40 -11.94 2.96
CA ALA B 470 58.65 -12.60 3.35
C ALA B 470 58.73 -14.01 2.78
N CYS B 471 57.77 -14.86 3.13
CA CYS B 471 57.80 -16.25 2.68
C CYS B 471 57.66 -16.37 1.16
N ASN B 472 56.96 -15.42 0.53
CA ASN B 472 56.87 -15.42 -0.92
C ASN B 472 58.22 -15.08 -1.56
N SER B 473 58.94 -14.11 -0.98
CA SER B 473 60.25 -13.74 -1.52
C SER B 473 61.23 -14.89 -1.46
N VAL B 474 61.09 -15.78 -0.47
CA VAL B 474 61.97 -16.93 -0.38
C VAL B 474 61.81 -17.84 -1.59
N ILE B 475 60.58 -17.97 -2.10
CA ILE B 475 60.34 -18.82 -3.26
C ILE B 475 60.77 -18.12 -4.54
N ARG B 476 60.64 -16.79 -4.59
CA ARG B 476 61.04 -16.05 -5.78
C ARG B 476 62.53 -16.13 -6.05
N GLN B 477 63.33 -16.44 -5.02
CA GLN B 477 64.74 -16.68 -5.24
C GLN B 477 65.01 -18.11 -5.70
N LEU B 478 64.05 -19.03 -5.49
CA LEU B 478 64.21 -20.40 -5.94
C LEU B 478 64.01 -20.51 -7.45
N MET B 479 63.13 -19.69 -8.03
CA MET B 479 62.81 -19.76 -9.44
C MET B 479 62.76 -18.36 -10.03
N LYS B 480 63.14 -18.25 -11.29
CA LYS B 480 63.10 -16.99 -12.04
C LYS B 480 61.95 -17.06 -13.04
N LYS B 481 60.90 -16.29 -12.78
CA LYS B 481 59.74 -16.24 -13.66
C LYS B 481 60.15 -15.58 -14.97
N GLU B 482 60.36 -16.38 -16.01
CA GLU B 482 60.87 -15.87 -17.28
C GLU B 482 59.81 -15.16 -18.11
N PHE B 483 58.53 -15.50 -17.92
CA PHE B 483 57.40 -14.80 -18.54
C PHE B 483 56.12 -15.44 -18.01
N THR B 484 54.98 -14.80 -18.30
CA THR B 484 53.69 -15.28 -17.84
C THR B 484 52.75 -15.42 -19.04
N LEU B 485 51.91 -16.46 -19.01
CA LEU B 485 50.85 -16.64 -19.99
C LEU B 485 49.55 -16.15 -19.35
N GLU B 486 49.03 -15.03 -19.88
CA GLU B 486 47.92 -14.32 -19.26
C GLU B 486 46.70 -15.24 -19.11
N PHE B 487 45.88 -14.95 -18.10
CA PHE B 487 44.64 -15.68 -17.92
C PHE B 487 43.72 -15.49 -19.12
N SER B 488 43.16 -16.58 -19.62
CA SER B 488 42.26 -16.57 -20.77
C SER B 488 40.83 -16.88 -20.33
N ARG B 489 39.89 -16.64 -21.23
CA ARG B 489 38.49 -16.95 -20.97
C ARG B 489 38.12 -18.38 -21.35
N ASP B 490 38.77 -18.94 -22.36
CA ASP B 490 38.44 -20.30 -22.78
C ASP B 490 39.04 -21.34 -21.85
N ARG B 491 40.37 -21.36 -21.71
CA ARG B 491 41.02 -22.39 -20.91
C ARG B 491 40.79 -22.21 -19.42
N LYS B 492 40.51 -20.98 -18.98
CA LYS B 492 40.27 -20.68 -17.57
C LYS B 492 41.46 -21.08 -16.70
N SER B 493 42.66 -20.82 -17.19
CA SER B 493 43.85 -21.14 -16.43
C SER B 493 44.95 -20.14 -16.76
N MET B 494 45.91 -20.04 -15.86
CA MET B 494 47.06 -19.16 -16.00
C MET B 494 48.32 -19.94 -15.66
N SER B 495 49.41 -19.64 -16.36
CA SER B 495 50.67 -20.34 -16.14
C SER B 495 51.84 -19.38 -16.21
N VAL B 496 52.92 -19.76 -15.53
CA VAL B 496 54.17 -19.01 -15.50
C VAL B 496 55.31 -19.95 -15.85
N TYR B 497 56.27 -19.45 -16.61
CA TYR B 497 57.41 -20.24 -17.09
C TYR B 497 58.65 -19.81 -16.30
N CYS B 498 59.15 -20.72 -15.46
CA CYS B 498 60.22 -20.41 -14.52
C CYS B 498 61.39 -21.36 -14.70
N SER B 499 62.66 -20.80 -14.61
CA SER B 499 64.00 -21.37 -14.61
C SER B 499 64.58 -21.38 -13.19
N PRO B 500 65.45 -22.33 -12.84
CA PRO B 500 65.79 -22.55 -11.43
C PRO B 500 66.68 -21.49 -10.81
N ALA B 501 67.10 -20.50 -11.59
CA ALA B 501 67.79 -19.29 -11.12
C ALA B 501 69.18 -19.54 -10.54
N LYS B 502 69.67 -20.80 -10.55
CA LYS B 502 71.07 -21.06 -10.24
C LYS B 502 71.86 -21.51 -11.47
N SER B 503 71.20 -21.57 -12.64
CA SER B 503 71.89 -21.71 -13.93
C SER B 503 72.63 -23.03 -14.06
N SER B 504 72.01 -24.10 -13.56
CA SER B 504 72.46 -25.43 -13.94
C SER B 504 72.29 -25.59 -15.45
N ARG B 505 73.14 -26.41 -16.05
CA ARG B 505 73.22 -26.51 -17.50
C ARG B 505 72.79 -27.89 -17.96
N ALA B 506 71.84 -27.92 -18.90
CA ALA B 506 71.34 -29.10 -19.62
C ALA B 506 70.50 -30.02 -18.76
N ALA B 507 70.36 -29.77 -17.46
CA ALA B 507 69.49 -30.57 -16.61
C ALA B 507 68.50 -29.71 -15.86
N VAL B 508 68.25 -28.49 -16.36
CA VAL B 508 67.38 -27.55 -15.66
C VAL B 508 65.97 -28.12 -15.56
N GLY B 509 65.37 -28.46 -16.70
CA GLY B 509 63.99 -28.85 -16.72
C GLY B 509 63.13 -27.76 -16.09
N ASN B 510 63.23 -26.54 -16.60
CA ASN B 510 62.35 -25.47 -16.17
C ASN B 510 60.90 -25.89 -16.28
N LYS B 511 60.10 -25.59 -15.27
CA LYS B 511 58.74 -26.10 -15.13
C LYS B 511 57.72 -24.96 -15.20
N MET B 512 56.69 -25.14 -16.04
CA MET B 512 55.54 -24.25 -16.02
C MET B 512 54.65 -24.60 -14.83
N PHE B 513 54.21 -23.57 -14.10
CA PHE B 513 53.30 -23.72 -12.96
C PHE B 513 51.94 -23.17 -13.35
N VAL B 514 50.91 -24.01 -13.26
CA VAL B 514 49.60 -23.72 -13.82
C VAL B 514 48.57 -23.58 -12.69
N LYS B 515 47.68 -22.61 -12.85
CA LYS B 515 46.63 -22.33 -11.89
C LYS B 515 45.38 -21.96 -12.67
N GLY B 516 44.28 -22.62 -12.38
CA GLY B 516 43.07 -22.32 -13.11
C GLY B 516 41.90 -23.13 -12.59
N ALA B 517 40.85 -23.15 -13.41
CA ALA B 517 39.63 -23.85 -13.04
C ALA B 517 39.90 -25.35 -12.96
N PRO B 518 39.35 -26.03 -11.94
CA PRO B 518 39.72 -27.46 -11.75
C PRO B 518 39.37 -28.37 -12.91
N GLU B 519 38.15 -28.26 -13.46
CA GLU B 519 37.79 -29.13 -14.58
C GLU B 519 38.76 -28.98 -15.74
N GLY B 520 39.19 -27.75 -16.01
CA GLY B 520 40.10 -27.48 -17.11
C GLY B 520 41.49 -28.08 -16.97
N VAL B 521 42.19 -27.76 -15.87
CA VAL B 521 43.58 -28.19 -15.74
C VAL B 521 43.67 -29.69 -15.53
N ILE B 522 42.66 -30.31 -14.94
CA ILE B 522 42.74 -31.73 -14.62
C ILE B 522 42.58 -32.58 -15.87
N ASP B 523 41.67 -32.20 -16.77
CA ASP B 523 41.55 -32.87 -18.06
C ASP B 523 42.79 -32.65 -18.93
N ARG B 524 43.71 -31.82 -18.47
CA ARG B 524 44.97 -31.59 -19.14
C ARG B 524 46.14 -32.33 -18.48
N CYS B 525 45.88 -33.09 -17.42
CA CYS B 525 46.92 -33.79 -16.69
C CYS B 525 47.01 -35.24 -17.16
N ASN B 526 48.23 -35.68 -17.46
CA ASN B 526 48.50 -37.10 -17.66
C ASN B 526 49.14 -37.74 -16.44
N TYR B 527 49.72 -36.93 -15.56
CA TYR B 527 50.46 -37.41 -14.40
C TYR B 527 49.84 -36.85 -13.14
N VAL B 528 50.28 -37.39 -12.00
CA VAL B 528 49.84 -36.93 -10.68
C VAL B 528 51.05 -36.96 -9.75
N ARG B 529 51.33 -35.83 -9.11
CA ARG B 529 52.44 -35.77 -8.17
C ARG B 529 52.02 -36.32 -6.82
N VAL B 530 52.79 -37.31 -6.34
CA VAL B 530 52.60 -37.88 -5.01
C VAL B 530 53.90 -37.63 -4.26
N GLY B 531 53.88 -36.67 -3.35
CA GLY B 531 55.09 -36.25 -2.69
C GLY B 531 56.08 -35.68 -3.68
N THR B 532 57.09 -36.48 -4.05
CA THR B 532 58.04 -36.10 -5.09
C THR B 532 57.95 -36.98 -6.33
N THR B 533 57.46 -38.21 -6.19
CA THR B 533 57.30 -39.10 -7.32
C THR B 533 56.11 -38.65 -8.19
N ARG B 534 55.99 -39.28 -9.35
CA ARG B 534 55.02 -38.87 -10.37
C ARG B 534 54.41 -40.13 -11.00
N VAL B 535 53.27 -40.55 -10.47
CA VAL B 535 52.54 -41.69 -11.02
C VAL B 535 51.59 -41.17 -12.09
N PRO B 536 51.24 -41.97 -13.09
CA PRO B 536 50.32 -41.49 -14.12
C PRO B 536 48.93 -41.27 -13.56
N MET B 537 48.27 -40.22 -14.03
CA MET B 537 46.90 -39.94 -13.66
C MET B 537 45.98 -41.02 -14.25
N THR B 538 45.27 -41.74 -13.38
CA THR B 538 44.41 -42.84 -13.79
C THR B 538 42.94 -42.46 -13.58
N GLY B 539 42.05 -43.36 -14.00
CA GLY B 539 40.64 -43.20 -13.82
C GLY B 539 40.22 -43.02 -12.36
N PRO B 540 40.55 -43.98 -11.50
CA PRO B 540 40.11 -43.88 -10.10
C PRO B 540 40.72 -42.71 -9.35
N VAL B 541 41.91 -42.23 -9.74
CA VAL B 541 42.46 -41.10 -9.01
C VAL B 541 41.84 -39.79 -9.48
N LYS B 542 41.44 -39.71 -10.75
CA LYS B 542 40.72 -38.54 -11.22
C LYS B 542 39.40 -38.41 -10.49
N GLU B 543 38.71 -39.53 -10.25
CA GLU B 543 37.42 -39.49 -9.59
C GLU B 543 37.54 -39.01 -8.15
N LYS B 544 38.59 -39.44 -7.45
CA LYS B 544 38.77 -39.00 -6.07
C LYS B 544 39.07 -37.52 -5.99
N ILE B 545 39.90 -37.01 -6.90
CA ILE B 545 40.15 -35.57 -6.94
C ILE B 545 38.85 -34.81 -7.20
N LEU B 546 38.09 -35.25 -8.20
CA LEU B 546 36.88 -34.53 -8.60
C LEU B 546 35.79 -34.63 -7.54
N SER B 547 35.75 -35.75 -6.80
CA SER B 547 34.70 -35.92 -5.81
C SER B 547 34.91 -35.00 -4.62
N VAL B 548 36.14 -34.93 -4.11
CA VAL B 548 36.41 -34.06 -2.97
C VAL B 548 36.31 -32.59 -3.35
N ILE B 549 36.56 -32.26 -4.62
CA ILE B 549 36.29 -30.90 -5.10
C ILE B 549 34.79 -30.63 -5.05
N LYS B 550 33.99 -31.54 -5.64
CA LYS B 550 32.54 -31.38 -5.63
C LYS B 550 31.99 -31.28 -4.22
N GLU B 551 32.60 -32.01 -3.28
CA GLU B 551 32.17 -31.92 -1.89
C GLU B 551 32.45 -30.54 -1.30
N TRP B 552 33.60 -29.96 -1.61
CA TRP B 552 33.94 -28.64 -1.07
C TRP B 552 33.11 -27.54 -1.73
N GLY B 553 32.71 -27.72 -2.98
CA GLY B 553 31.96 -26.72 -3.69
C GLY B 553 30.51 -26.57 -3.31
N THR B 554 29.99 -27.45 -2.46
CA THR B 554 28.58 -27.43 -2.10
C THR B 554 28.41 -27.79 -0.63
N GLY B 555 27.23 -27.50 -0.10
CA GLY B 555 26.85 -27.95 1.23
C GLY B 555 27.14 -26.97 2.34
N ARG B 556 27.52 -27.50 3.51
CA ARG B 556 27.85 -26.66 4.66
C ARG B 556 28.87 -25.59 4.31
N ASP B 557 29.92 -25.97 3.58
CA ASP B 557 30.88 -25.02 3.04
C ASP B 557 30.77 -25.00 1.53
N THR B 558 30.70 -23.80 0.96
CA THR B 558 30.61 -23.60 -0.49
C THR B 558 31.82 -22.75 -0.90
N LEU B 559 32.89 -23.41 -1.32
CA LEU B 559 34.20 -22.78 -1.50
C LEU B 559 34.58 -22.75 -2.98
N ARG B 560 35.06 -21.60 -3.44
CA ARG B 560 35.67 -21.52 -4.76
C ARG B 560 37.00 -22.25 -4.74
N CYS B 561 37.26 -23.04 -5.79
CA CYS B 561 38.39 -23.95 -5.82
C CYS B 561 39.28 -23.69 -7.01
N LEU B 562 40.54 -23.36 -6.75
CA LEU B 562 41.58 -23.36 -7.77
C LEU B 562 42.29 -24.70 -7.75
N ALA B 563 42.63 -25.19 -8.93
CA ALA B 563 43.44 -26.39 -9.06
C ALA B 563 44.85 -25.99 -9.46
N LEU B 564 45.83 -26.64 -8.85
CA LEU B 564 47.23 -26.31 -9.06
C LEU B 564 47.92 -27.49 -9.72
N ALA B 565 48.62 -27.22 -10.82
CA ALA B 565 49.32 -28.26 -11.56
C ALA B 565 50.60 -27.67 -12.13
N THR B 566 51.46 -28.56 -12.65
CA THR B 566 52.73 -28.16 -13.20
C THR B 566 53.05 -29.01 -14.43
N ARG B 567 53.62 -28.39 -15.47
CA ARG B 567 54.08 -29.10 -16.64
C ARG B 567 55.57 -29.38 -16.50
N ASP B 568 55.93 -30.66 -16.52
CA ASP B 568 57.31 -31.04 -16.14
C ASP B 568 58.29 -30.86 -17.28
N THR B 569 58.02 -31.41 -18.43
CA THR B 569 58.87 -31.07 -19.56
C THR B 569 58.14 -30.12 -20.51
N PRO B 570 58.19 -28.81 -20.29
CA PRO B 570 57.46 -27.88 -21.15
C PRO B 570 58.23 -27.66 -22.43
N PRO B 571 57.62 -27.03 -23.43
CA PRO B 571 58.33 -26.75 -24.68
C PRO B 571 59.47 -25.78 -24.45
N LYS B 572 60.32 -25.68 -25.47
CA LYS B 572 61.49 -24.82 -25.39
C LYS B 572 61.06 -23.36 -25.36
N ARG B 573 61.91 -22.53 -24.77
CA ARG B 573 61.65 -21.10 -24.67
C ARG B 573 61.27 -20.50 -26.03
N GLU B 574 61.92 -20.96 -27.09
CA GLU B 574 61.73 -20.34 -28.40
C GLU B 574 60.50 -20.87 -29.13
N GLU B 575 60.11 -22.11 -28.86
CA GLU B 575 58.97 -22.72 -29.52
C GLU B 575 57.65 -22.07 -29.14
N MET B 576 57.63 -21.14 -28.20
CA MET B 576 56.40 -20.56 -27.68
C MET B 576 56.18 -19.18 -28.29
N VAL B 577 54.94 -18.93 -28.74
CA VAL B 577 54.53 -17.65 -29.30
C VAL B 577 53.66 -16.98 -28.25
N LEU B 578 54.25 -16.01 -27.54
CA LEU B 578 53.59 -15.38 -26.39
C LEU B 578 52.53 -14.36 -26.81
N ASP B 579 52.46 -14.00 -28.09
CA ASP B 579 51.50 -12.99 -28.55
C ASP B 579 50.08 -13.52 -28.54
N ASP B 580 49.78 -14.45 -29.46
CA ASP B 580 48.45 -15.03 -29.57
C ASP B 580 48.15 -15.87 -28.34
N SER B 581 47.09 -15.51 -27.62
CA SER B 581 46.74 -16.23 -26.40
C SER B 581 46.08 -17.58 -26.68
N SER B 582 45.57 -17.81 -27.89
CA SER B 582 44.86 -19.05 -28.17
C SER B 582 45.76 -20.28 -28.10
N ARG B 583 47.06 -20.13 -28.32
CA ARG B 583 47.99 -21.25 -28.24
C ARG B 583 48.38 -21.62 -26.81
N PHE B 584 47.84 -20.92 -25.81
CA PHE B 584 48.31 -21.13 -24.44
C PHE B 584 47.81 -22.44 -23.86
N MET B 585 46.58 -22.86 -24.22
CA MET B 585 46.03 -24.09 -23.68
C MET B 585 46.89 -25.28 -24.07
N GLU B 586 47.27 -25.37 -25.35
CA GLU B 586 48.18 -26.42 -25.80
C GLU B 586 49.51 -26.36 -25.07
N TYR B 587 49.99 -25.15 -24.78
CA TYR B 587 51.22 -25.01 -24.00
C TYR B 587 51.08 -25.58 -22.60
N GLU B 588 49.86 -25.78 -22.12
CA GLU B 588 49.60 -26.32 -20.79
C GLU B 588 49.06 -27.74 -20.85
N THR B 589 49.50 -28.53 -21.81
CA THR B 589 49.16 -29.94 -21.85
C THR B 589 50.18 -30.74 -21.05
N ASP B 590 49.94 -32.05 -20.93
CA ASP B 590 50.89 -32.98 -20.31
C ASP B 590 51.23 -32.54 -18.88
N LEU B 591 50.24 -31.98 -18.18
CA LEU B 591 50.49 -31.42 -16.87
C LEU B 591 50.64 -32.54 -15.82
N THR B 592 51.16 -32.15 -14.67
CA THR B 592 51.19 -33.00 -13.50
C THR B 592 50.38 -32.33 -12.39
N PHE B 593 49.29 -32.97 -11.98
CA PHE B 593 48.49 -32.47 -10.88
C PHE B 593 49.34 -32.30 -9.63
N VAL B 594 48.94 -31.36 -8.76
CA VAL B 594 49.63 -31.13 -7.50
C VAL B 594 48.64 -31.04 -6.35
N GLY B 595 47.63 -30.19 -6.47
CA GLY B 595 46.70 -30.02 -5.37
C GLY B 595 45.54 -29.13 -5.74
N VAL B 596 44.78 -28.76 -4.70
CA VAL B 596 43.57 -27.97 -4.86
C VAL B 596 43.40 -27.10 -3.63
N VAL B 597 43.14 -25.81 -3.83
CA VAL B 597 42.86 -24.90 -2.73
C VAL B 597 41.40 -24.49 -2.79
N GLY B 598 40.84 -24.17 -1.63
CA GLY B 598 39.48 -23.67 -1.55
C GLY B 598 39.37 -22.47 -0.63
N MET B 599 38.82 -21.36 -1.15
CA MET B 599 38.84 -20.09 -0.44
C MET B 599 37.43 -19.56 -0.22
N LEU B 600 37.30 -18.69 0.79
CA LEU B 600 36.02 -18.17 1.22
C LEU B 600 36.11 -16.67 1.47
N ASP B 601 34.96 -16.03 1.46
CA ASP B 601 34.76 -14.74 2.07
C ASP B 601 34.25 -14.99 3.49
N PRO B 602 35.14 -15.09 4.48
CA PRO B 602 34.75 -15.66 5.78
C PRO B 602 34.05 -14.65 6.66
N PRO B 603 33.11 -15.09 7.49
CA PRO B 603 32.42 -14.18 8.41
C PRO B 603 33.26 -13.87 9.65
N ARG B 604 32.83 -12.86 10.38
CA ARG B 604 33.49 -12.45 11.61
C ARG B 604 33.01 -13.30 12.79
N LYS B 605 33.93 -13.61 13.70
CA LYS B 605 33.60 -14.50 14.82
C LYS B 605 32.47 -13.93 15.66
N GLU B 606 32.46 -12.61 15.84
CA GLU B 606 31.47 -11.95 16.69
C GLU B 606 30.06 -12.12 16.15
N VAL B 607 29.90 -12.49 14.88
CA VAL B 607 28.60 -12.44 14.23
C VAL B 607 27.69 -13.54 14.74
N MET B 608 28.21 -14.77 14.86
CA MET B 608 27.36 -15.90 15.22
C MET B 608 26.69 -15.69 16.57
N GLY B 609 27.49 -15.35 17.59
CA GLY B 609 26.92 -15.09 18.90
C GLY B 609 25.99 -13.88 18.90
N SER B 610 26.32 -12.86 18.11
CA SER B 610 25.52 -11.65 18.10
C SER B 610 24.11 -11.91 17.59
N ILE B 611 23.98 -12.73 16.53
CA ILE B 611 22.66 -13.06 16.01
C ILE B 611 21.85 -13.82 17.04
N GLN B 612 22.51 -14.64 17.85
CA GLN B 612 21.80 -15.36 18.91
C GLN B 612 21.16 -14.40 19.90
N LEU B 613 21.87 -13.32 20.24
CA LEU B 613 21.30 -12.33 21.16
C LEU B 613 20.16 -11.56 20.52
N CYS B 614 20.19 -11.39 19.19
CA CYS B 614 19.06 -10.77 18.49
C CYS B 614 17.84 -11.66 18.52
N ARG B 615 18.05 -12.98 18.57
CA ARG B 615 16.94 -13.92 18.65
C ARG B 615 16.25 -13.82 20.00
N ASP B 616 17.03 -13.76 21.09
CA ASP B 616 16.47 -13.58 22.42
C ASP B 616 15.61 -12.32 22.46
N ALA B 617 16.13 -11.22 21.94
CA ALA B 617 15.38 -9.98 21.83
C ALA B 617 14.24 -10.05 20.82
N GLY B 618 14.04 -11.19 20.17
CA GLY B 618 12.97 -11.29 19.18
C GLY B 618 13.18 -10.45 17.94
N ILE B 619 14.42 -10.21 17.56
CA ILE B 619 14.75 -9.40 16.39
C ILE B 619 15.10 -10.33 15.24
N ARG B 620 14.35 -10.22 14.15
CA ARG B 620 14.59 -11.03 12.97
C ARG B 620 15.76 -10.49 12.17
N VAL B 621 16.53 -11.38 11.56
CA VAL B 621 17.73 -10.99 10.82
C VAL B 621 17.65 -11.58 9.42
N ILE B 622 17.78 -10.73 8.40
CA ILE B 622 17.70 -11.12 7.01
C ILE B 622 18.99 -10.75 6.31
N MET B 623 19.46 -11.61 5.41
CA MET B 623 20.62 -11.34 4.59
C MET B 623 20.18 -10.89 3.21
N ILE B 624 20.67 -9.72 2.79
CA ILE B 624 20.47 -9.21 1.44
C ILE B 624 21.85 -8.97 0.84
N THR B 625 22.12 -9.59 -0.30
CA THR B 625 23.46 -9.54 -0.85
C THR B 625 23.39 -9.53 -2.37
N GLY B 626 24.43 -9.00 -2.98
CA GLY B 626 24.64 -9.07 -4.41
C GLY B 626 25.46 -10.25 -4.85
N ASP B 627 25.96 -11.04 -3.91
CA ASP B 627 26.72 -12.25 -4.20
C ASP B 627 25.79 -13.36 -4.67
N ASN B 628 26.38 -14.42 -5.20
CA ASN B 628 25.60 -15.51 -5.77
C ASN B 628 24.80 -16.23 -4.68
N LYS B 629 23.71 -16.87 -5.11
CA LYS B 629 22.76 -17.46 -4.16
C LYS B 629 23.40 -18.56 -3.34
N GLY B 630 24.16 -19.45 -4.00
CA GLY B 630 24.76 -20.56 -3.28
C GLY B 630 25.67 -20.14 -2.15
N THR B 631 26.47 -19.10 -2.37
CA THR B 631 27.40 -18.65 -1.34
C THR B 631 26.66 -17.96 -0.19
N ALA B 632 25.61 -17.20 -0.51
CA ALA B 632 24.88 -16.49 0.52
C ALA B 632 24.19 -17.45 1.49
N ILE B 633 23.62 -18.54 0.95
CA ILE B 633 22.99 -19.54 1.81
C ILE B 633 24.02 -20.23 2.70
N ALA B 634 25.20 -20.52 2.15
CA ALA B 634 26.22 -21.22 2.91
C ALA B 634 26.70 -20.40 4.10
N ILE B 635 26.81 -19.08 3.92
CA ILE B 635 27.15 -18.21 5.04
C ILE B 635 26.01 -18.18 6.05
N CYS B 636 24.76 -18.12 5.57
CA CYS B 636 23.60 -18.10 6.47
C CYS B 636 23.61 -19.30 7.40
N ARG B 637 24.08 -20.46 6.92
CA ARG B 637 24.19 -21.62 7.79
C ARG B 637 25.32 -21.45 8.79
N ARG B 638 26.46 -20.91 8.35
CA ARG B 638 27.60 -20.73 9.24
C ARG B 638 27.26 -19.78 10.38
N ILE B 639 26.78 -18.58 10.06
CA ILE B 639 26.51 -17.58 11.08
C ILE B 639 25.21 -17.81 11.83
N GLY B 640 24.44 -18.84 11.47
CA GLY B 640 23.26 -19.20 12.23
C GLY B 640 21.97 -18.56 11.78
N ILE B 641 21.87 -18.11 10.53
CA ILE B 641 20.59 -17.62 10.02
C ILE B 641 19.72 -18.80 9.62
N PHE B 642 20.30 -19.82 9.01
CA PHE B 642 19.60 -21.04 8.65
C PHE B 642 20.14 -22.22 9.47
N GLY B 643 19.30 -23.23 9.63
CA GLY B 643 19.76 -24.47 10.21
C GLY B 643 20.88 -25.08 9.39
N GLU B 644 21.78 -25.79 10.08
CA GLU B 644 22.92 -26.38 9.39
C GLU B 644 22.51 -27.49 8.43
N ASN B 645 21.29 -28.01 8.55
CA ASN B 645 20.77 -29.01 7.63
C ASN B 645 19.38 -28.66 7.11
N GLU B 646 18.92 -27.42 7.30
CA GLU B 646 17.60 -27.02 6.86
C GLU B 646 17.55 -26.88 5.34
N GLU B 647 16.43 -27.33 4.75
CA GLU B 647 16.18 -27.13 3.33
C GLU B 647 15.52 -25.78 3.12
N VAL B 648 16.15 -24.94 2.29
CA VAL B 648 15.68 -23.58 2.10
C VAL B 648 15.28 -23.37 0.64
N ALA B 649 14.07 -23.81 0.29
CA ALA B 649 13.55 -23.56 -1.05
C ALA B 649 12.64 -22.34 -1.05
N ASP B 650 11.66 -22.32 -0.16
CA ASP B 650 10.72 -21.21 -0.09
C ASP B 650 11.25 -20.04 0.73
N ARG B 651 12.53 -20.04 1.12
CA ARG B 651 13.03 -19.02 2.03
C ARG B 651 14.33 -18.37 1.52
N ALA B 652 14.64 -18.52 0.24
CA ALA B 652 15.82 -17.85 -0.33
C ALA B 652 15.57 -17.62 -1.82
N TYR B 653 15.53 -16.35 -2.22
CA TYR B 653 15.26 -15.98 -3.59
C TYR B 653 16.39 -15.11 -4.13
N THR B 654 16.71 -15.29 -5.40
CA THR B 654 17.56 -14.33 -6.07
C THR B 654 16.75 -13.13 -6.50
N GLY B 655 17.45 -12.08 -6.93
CA GLY B 655 16.78 -10.85 -7.28
C GLY B 655 15.79 -11.05 -8.42
N ARG B 656 16.20 -11.83 -9.43
CA ARG B 656 15.33 -12.06 -10.57
C ARG B 656 14.22 -13.06 -10.25
N GLU B 657 14.47 -14.03 -9.38
CA GLU B 657 13.40 -14.87 -8.86
C GLU B 657 12.36 -14.01 -8.14
N PHE B 658 12.83 -13.12 -7.26
CA PHE B 658 11.96 -12.13 -6.63
C PHE B 658 11.23 -11.31 -7.69
N ASP B 659 11.97 -10.84 -8.71
CA ASP B 659 11.37 -10.03 -9.76
C ASP B 659 10.36 -10.81 -10.59
N ASP B 660 10.39 -12.14 -10.53
CA ASP B 660 9.40 -12.93 -11.27
C ASP B 660 8.03 -12.86 -10.61
N LEU B 661 7.99 -12.83 -9.28
CA LEU B 661 6.73 -12.93 -8.57
C LEU B 661 5.86 -11.69 -8.82
N PRO B 662 4.55 -11.85 -8.96
CA PRO B 662 3.66 -10.68 -8.98
C PRO B 662 3.85 -9.84 -7.73
N LEU B 663 3.41 -8.57 -7.83
CA LEU B 663 3.76 -7.57 -6.83
C LEU B 663 3.34 -7.98 -5.43
N ALA B 664 2.15 -8.59 -5.29
CA ALA B 664 1.68 -8.99 -3.98
C ALA B 664 2.45 -10.20 -3.45
N GLU B 665 2.68 -11.20 -4.31
CA GLU B 665 3.35 -12.41 -3.87
C GLU B 665 4.80 -12.15 -3.45
N GLN B 666 5.44 -11.13 -4.03
CA GLN B 666 6.80 -10.81 -3.61
C GLN B 666 6.80 -10.03 -2.29
N ARG B 667 5.74 -9.28 -2.01
CA ARG B 667 5.59 -8.70 -0.68
C ARG B 667 5.38 -9.79 0.35
N GLU B 668 4.63 -10.84 -0.02
CA GLU B 668 4.44 -11.98 0.88
C GLU B 668 5.78 -12.61 1.23
N ALA B 669 6.61 -12.88 0.22
CA ALA B 669 7.87 -13.59 0.45
C ALA B 669 8.80 -12.82 1.38
N CYS B 670 8.67 -11.49 1.44
CA CYS B 670 9.56 -10.68 2.27
C CYS B 670 9.41 -10.97 3.75
N ARG B 671 8.33 -11.62 4.18
CA ARG B 671 8.16 -12.01 5.57
C ARG B 671 8.52 -13.46 5.85
N ARG B 672 8.45 -14.33 4.84
CA ARG B 672 8.78 -15.75 4.95
C ARG B 672 10.27 -16.03 4.80
N ALA B 673 10.92 -15.43 3.81
CA ALA B 673 12.31 -15.70 3.49
C ALA B 673 13.26 -14.89 4.37
N CYS B 674 14.48 -15.41 4.50
CA CYS B 674 15.51 -14.77 5.31
C CYS B 674 16.83 -14.55 4.56
N CYS B 675 16.86 -14.76 3.25
CA CYS B 675 18.11 -14.67 2.51
C CYS B 675 17.80 -14.30 1.07
N PHE B 676 18.14 -13.08 0.67
CA PHE B 676 17.96 -12.61 -0.70
C PHE B 676 19.33 -12.33 -1.30
N ALA B 677 19.61 -12.95 -2.44
CA ALA B 677 20.96 -12.91 -3.02
C ALA B 677 20.89 -12.44 -4.47
N ARG B 678 22.06 -12.06 -4.99
CA ARG B 678 22.23 -11.59 -6.37
C ARG B 678 21.21 -10.49 -6.70
N VAL B 679 21.22 -9.45 -5.88
CA VAL B 679 20.25 -8.37 -5.98
C VAL B 679 20.94 -7.11 -6.47
N GLU B 680 20.17 -6.25 -7.07
CA GLU B 680 20.54 -4.91 -7.48
C GLU B 680 20.27 -3.93 -6.34
N PRO B 681 20.98 -2.81 -6.28
CA PRO B 681 20.84 -1.90 -5.11
C PRO B 681 19.42 -1.50 -4.81
N SER B 682 18.57 -1.43 -5.83
CA SER B 682 17.18 -1.04 -5.62
C SER B 682 16.37 -2.16 -4.98
N HIS B 683 16.75 -3.43 -5.21
CA HIS B 683 16.04 -4.55 -4.61
C HIS B 683 16.04 -4.43 -3.09
N LYS B 684 17.21 -4.11 -2.51
CA LYS B 684 17.32 -4.01 -1.06
C LYS B 684 16.36 -2.99 -0.49
N SER B 685 16.09 -1.91 -1.24
CA SER B 685 15.10 -0.93 -0.80
C SER B 685 13.69 -1.51 -0.86
N LYS B 686 13.35 -2.16 -1.99
CA LYS B 686 12.03 -2.77 -2.12
C LYS B 686 11.77 -3.79 -1.02
N ILE B 687 12.83 -4.43 -0.51
CA ILE B 687 12.65 -5.41 0.56
C ILE B 687 12.32 -4.71 1.88
N VAL B 688 13.07 -3.67 2.21
CA VAL B 688 12.78 -2.92 3.44
C VAL B 688 11.41 -2.28 3.35
N GLU B 689 11.09 -1.69 2.20
CA GLU B 689 9.76 -1.11 1.98
C GLU B 689 8.66 -2.13 2.25
N TYR B 690 8.89 -3.39 1.84
CA TYR B 690 7.90 -4.44 2.10
C TYR B 690 7.87 -4.82 3.56
N LEU B 691 9.03 -4.91 4.21
CA LEU B 691 9.05 -5.20 5.65
C LEU B 691 8.37 -4.10 6.44
N GLN B 692 8.42 -2.87 5.95
CA GLN B 692 7.69 -1.77 6.57
C GLN B 692 6.24 -1.71 6.14
N SER B 693 5.81 -2.56 5.20
CA SER B 693 4.39 -2.71 4.91
C SER B 693 3.64 -3.41 6.03
N TYR B 694 4.35 -3.96 7.02
CA TYR B 694 3.76 -4.62 8.18
C TYR B 694 4.11 -3.88 9.47
N ASP B 695 4.29 -2.55 9.37
CA ASP B 695 4.50 -1.69 10.53
C ASP B 695 5.64 -2.17 11.42
N GLU B 696 6.67 -2.76 10.81
CA GLU B 696 7.82 -3.24 11.56
C GLU B 696 8.96 -2.23 11.44
N ILE B 697 9.51 -1.82 12.58
CA ILE B 697 10.64 -0.90 12.58
C ILE B 697 11.86 -1.68 12.14
N THR B 698 12.29 -1.45 10.91
CA THR B 698 13.39 -2.18 10.31
C THR B 698 14.70 -1.44 10.51
N ALA B 699 15.80 -2.13 10.19
CA ALA B 699 17.12 -1.53 10.32
C ALA B 699 18.06 -2.24 9.36
N MET B 700 18.82 -1.46 8.60
CA MET B 700 19.69 -1.99 7.56
C MET B 700 21.15 -1.75 7.92
N THR B 701 21.98 -2.77 7.73
CA THR B 701 23.42 -2.70 7.98
C THR B 701 24.17 -2.94 6.67
N GLY B 702 25.18 -2.12 6.39
CA GLY B 702 25.94 -2.23 5.16
C GLY B 702 27.22 -1.41 5.18
N ASP B 703 27.92 -1.40 4.05
CA ASP B 703 29.24 -0.77 4.02
C ASP B 703 29.40 -0.10 2.66
N GLY B 704 28.74 -0.66 1.65
CA GLY B 704 28.99 -0.29 0.27
C GLY B 704 27.94 0.68 -0.28
N VAL B 705 28.14 1.04 -1.54
CA VAL B 705 27.26 2.00 -2.19
C VAL B 705 25.89 1.38 -2.45
N ASN B 706 25.86 0.12 -2.90
CA ASN B 706 24.59 -0.54 -3.14
C ASN B 706 23.74 -0.64 -1.88
N ASP B 707 24.36 -0.51 -0.71
CA ASP B 707 23.60 -0.46 0.53
C ASP B 707 22.96 0.89 0.77
N ALA B 708 23.46 1.95 0.12
CA ALA B 708 22.99 3.29 0.41
C ALA B 708 21.49 3.47 0.17
N PRO B 709 20.90 3.01 -0.97
CA PRO B 709 19.44 3.11 -1.11
C PRO B 709 18.69 2.46 0.05
N ALA B 710 19.01 1.20 0.32
CA ALA B 710 18.39 0.51 1.45
C ALA B 710 18.73 1.20 2.77
N LEU B 711 19.95 1.74 2.89
CA LEU B 711 20.34 2.40 4.13
C LEU B 711 19.44 3.60 4.43
N LYS B 712 19.06 4.35 3.39
CA LYS B 712 18.18 5.50 3.61
C LYS B 712 16.76 5.06 3.94
N LYS B 713 16.21 4.12 3.14
CA LYS B 713 14.82 3.73 3.31
C LYS B 713 14.55 3.15 4.69
N ALA B 714 15.55 2.53 5.31
CA ALA B 714 15.34 1.86 6.58
C ALA B 714 15.14 2.87 7.71
N GLU B 715 14.51 2.39 8.78
CA GLU B 715 14.30 3.23 9.96
C GLU B 715 15.63 3.65 10.57
N ILE B 716 16.58 2.72 10.66
CA ILE B 716 17.91 3.01 11.19
C ILE B 716 18.95 2.39 10.28
N GLY B 717 19.81 3.22 9.71
CA GLY B 717 20.91 2.70 8.91
C GLY B 717 22.17 2.51 9.72
N ILE B 718 22.73 1.30 9.72
CA ILE B 718 23.97 1.02 10.43
C ILE B 718 25.06 0.86 9.39
N ALA B 719 26.11 1.68 9.48
CA ALA B 719 27.22 1.62 8.55
C ALA B 719 28.42 0.96 9.22
N MET B 720 29.18 0.22 8.42
CA MET B 720 30.43 -0.34 8.92
C MET B 720 31.50 0.75 9.02
N GLY B 721 32.27 0.71 10.10
CA GLY B 721 33.27 1.74 10.35
C GLY B 721 34.31 1.87 9.26
N SER B 722 34.55 0.79 8.52
CA SER B 722 35.45 0.80 7.37
C SER B 722 34.70 0.85 6.04
N GLY B 723 33.39 1.03 6.07
CA GLY B 723 32.61 1.07 4.85
C GLY B 723 32.85 2.34 4.05
N THR B 724 32.20 2.39 2.89
CA THR B 724 32.27 3.57 2.05
C THR B 724 31.66 4.77 2.77
N ALA B 725 32.20 5.96 2.47
CA ALA B 725 31.60 7.17 3.02
C ALA B 725 30.16 7.33 2.55
N VAL B 726 29.85 6.84 1.35
CA VAL B 726 28.47 6.90 0.85
C VAL B 726 27.53 6.20 1.81
N ALA B 727 27.93 5.01 2.27
CA ALA B 727 27.15 4.29 3.28
C ALA B 727 27.15 5.04 4.61
N LYS B 728 28.33 5.45 5.06
CA LYS B 728 28.45 6.14 6.35
C LYS B 728 27.58 7.39 6.39
N THR B 729 27.54 8.15 5.29
CA THR B 729 26.74 9.37 5.28
C THR B 729 25.24 9.07 5.22
N ALA B 730 24.86 7.92 4.64
CA ALA B 730 23.44 7.56 4.55
C ALA B 730 22.92 6.89 5.82
N SER B 731 23.72 6.83 6.88
CA SER B 731 23.39 6.05 8.06
C SER B 731 23.03 6.94 9.23
N GLU B 732 22.37 6.34 10.21
CA GLU B 732 22.13 6.93 11.51
C GLU B 732 23.15 6.50 12.55
N MET B 733 24.06 5.59 12.19
CA MET B 733 25.00 5.01 13.14
C MET B 733 26.09 4.29 12.37
N VAL B 734 27.33 4.45 12.83
CA VAL B 734 28.45 3.67 12.31
C VAL B 734 29.11 2.96 13.48
N LEU B 735 29.70 1.80 13.19
CA LEU B 735 30.31 0.95 14.20
C LEU B 735 31.82 1.18 14.16
N ALA B 736 32.33 1.90 15.15
CA ALA B 736 33.73 2.30 15.16
C ALA B 736 34.65 1.09 15.19
N ASP B 737 34.54 0.26 16.24
CA ASP B 737 35.37 -0.92 16.33
C ASP B 737 35.06 -1.95 15.24
N ASP B 738 33.96 -1.78 14.51
CA ASP B 738 33.57 -2.57 13.33
C ASP B 738 33.01 -3.93 13.68
N ASN B 739 32.74 -4.21 14.95
CA ASN B 739 32.25 -5.52 15.38
C ASN B 739 30.73 -5.50 15.44
N PHE B 740 30.10 -6.42 14.72
CA PHE B 740 28.65 -6.56 14.70
C PHE B 740 28.09 -6.74 16.10
N SER B 741 28.92 -7.14 17.07
CA SER B 741 28.47 -7.29 18.44
C SER B 741 28.02 -5.98 19.07
N THR B 742 28.50 -4.85 18.55
CA THR B 742 28.10 -3.56 19.10
C THR B 742 26.68 -3.15 18.69
N ILE B 743 26.11 -3.80 17.68
CA ILE B 743 24.73 -3.54 17.31
C ILE B 743 23.81 -3.93 18.46
N VAL B 744 23.92 -5.18 18.91
CA VAL B 744 23.06 -5.66 20.00
C VAL B 744 23.23 -4.81 21.23
N ALA B 745 24.47 -4.43 21.54
CA ALA B 745 24.73 -3.55 22.66
C ALA B 745 24.02 -2.21 22.47
N ALA B 746 23.92 -1.74 21.23
CA ALA B 746 23.25 -0.48 20.96
C ALA B 746 21.73 -0.61 21.12
N VAL B 747 21.17 -1.74 20.67
CA VAL B 747 19.74 -1.97 20.86
C VAL B 747 19.41 -2.02 22.35
N GLU B 748 20.31 -2.60 23.15
CA GLU B 748 20.12 -2.61 24.59
C GLU B 748 20.01 -1.20 25.13
N GLU B 749 20.96 -0.33 24.77
CA GLU B 749 20.89 1.07 25.19
C GLU B 749 19.61 1.73 24.71
N GLY B 750 19.11 1.34 23.53
CA GLY B 750 17.88 1.87 23.01
C GLY B 750 16.68 1.51 23.86
N ARG B 751 16.42 0.22 24.04
CA ARG B 751 15.36 -0.21 24.94
C ARG B 751 15.58 0.32 26.36
N ALA B 752 16.83 0.48 26.76
CA ALA B 752 17.12 1.01 28.10
C ALA B 752 16.58 2.43 28.24
N ILE B 753 16.85 3.29 27.26
CA ILE B 753 16.44 4.69 27.40
C ILE B 753 14.97 4.87 27.05
N TYR B 754 14.49 4.21 25.99
CA TYR B 754 13.06 4.23 25.68
C TYR B 754 12.23 3.74 26.85
N ASN B 755 12.83 2.96 27.77
CA ASN B 755 12.17 2.66 29.04
C ASN B 755 12.31 3.85 30.00
N ASN B 756 13.53 4.33 30.22
CA ASN B 756 13.74 5.45 31.12
C ASN B 756 13.14 6.73 30.58
N MET B 757 12.91 6.83 29.27
CA MET B 757 12.26 8.01 28.72
C MET B 757 10.75 7.94 28.85
N LYS B 758 10.17 6.75 28.62
CA LYS B 758 8.72 6.61 28.66
C LYS B 758 8.13 7.06 29.99
N GLN B 759 8.93 7.10 31.05
CA GLN B 759 8.43 7.46 32.37
C GLN B 759 8.58 8.95 32.68
N PHE B 760 9.68 9.59 32.25
CA PHE B 760 9.82 11.01 32.55
C PHE B 760 9.03 11.88 31.59
N ILE B 761 8.55 11.34 30.48
CA ILE B 761 7.49 12.03 29.73
C ILE B 761 6.18 11.92 30.49
N ARG B 762 5.94 10.78 31.13
CA ARG B 762 4.70 10.59 31.90
C ARG B 762 4.65 11.53 33.09
N TYR B 763 5.81 11.80 33.72
CA TYR B 763 5.85 12.60 34.94
C TYR B 763 5.76 14.09 34.65
N LEU B 764 6.29 14.55 33.52
CA LEU B 764 6.18 15.97 33.17
C LEU B 764 4.78 16.32 32.69
N ILE B 765 4.22 15.49 31.80
CA ILE B 765 2.87 15.75 31.31
C ILE B 765 1.84 15.57 32.43
N SER B 766 2.14 14.73 33.43
CA SER B 766 1.24 14.56 34.56
C SER B 766 1.05 15.88 35.31
N SER B 767 2.15 16.59 35.56
CA SER B 767 2.05 17.91 36.18
C SER B 767 1.27 18.87 35.28
N ASN B 768 1.52 18.82 33.97
CA ASN B 768 0.78 19.65 33.03
C ASN B 768 -0.71 19.27 32.97
N VAL B 769 -1.07 18.07 33.41
CA VAL B 769 -2.48 17.72 33.55
C VAL B 769 -3.08 18.43 34.75
N GLY B 770 -2.44 18.27 35.91
CA GLY B 770 -2.98 18.86 37.13
C GLY B 770 -2.85 20.37 37.21
N GLU B 771 -1.86 20.94 36.51
CA GLU B 771 -1.72 22.39 36.48
C GLU B 771 -2.95 23.04 35.84
N VAL B 772 -3.47 22.45 34.77
CA VAL B 772 -4.63 23.02 34.08
C VAL B 772 -5.86 22.98 34.97
N VAL B 773 -6.08 21.85 35.64
CA VAL B 773 -7.30 21.69 36.45
C VAL B 773 -7.33 22.71 37.58
N CYS B 774 -6.16 23.14 38.06
CA CYS B 774 -6.12 24.20 39.07
C CYS B 774 -6.58 25.53 38.47
N ILE B 775 -5.96 25.93 37.36
CA ILE B 775 -6.31 27.20 36.73
C ILE B 775 -7.73 27.15 36.17
N PHE B 776 -8.13 26.00 35.62
CA PHE B 776 -9.47 25.90 35.06
C PHE B 776 -10.54 26.11 36.12
N LEU B 777 -10.30 25.63 37.33
CA LEU B 777 -11.30 25.74 38.40
C LEU B 777 -11.26 27.09 39.11
N THR B 778 -10.09 27.72 39.20
CA THR B 778 -10.04 29.08 39.75
C THR B 778 -10.79 30.05 38.86
N ALA B 779 -10.72 29.85 37.54
CA ALA B 779 -11.54 30.64 36.63
C ALA B 779 -12.98 30.18 36.63
N ALA B 780 -13.22 28.90 36.91
CA ALA B 780 -14.60 28.40 36.96
C ALA B 780 -15.32 28.94 38.19
N LEU B 781 -14.61 29.19 39.27
CA LEU B 781 -15.22 29.58 40.53
C LEU B 781 -15.24 31.07 40.74
N GLY B 782 -14.21 31.77 40.25
CA GLY B 782 -14.08 33.20 40.46
C GLY B 782 -12.86 33.60 41.26
N LEU B 783 -12.31 32.65 42.04
CA LEU B 783 -11.15 32.92 42.87
C LEU B 783 -10.00 33.49 42.05
N PRO B 784 -9.74 34.81 42.17
CA PRO B 784 -8.65 35.40 41.40
C PRO B 784 -7.30 34.86 41.80
N GLU B 785 -7.11 34.61 43.09
CA GLU B 785 -5.88 34.03 43.56
C GLU B 785 -5.69 32.65 42.95
N ALA B 786 -4.55 32.47 42.30
CA ALA B 786 -4.14 31.23 41.66
C ALA B 786 -2.64 31.35 41.39
N LEU B 787 -2.08 30.42 40.64
CA LEU B 787 -0.65 30.49 40.39
C LEU B 787 -0.35 31.55 39.32
N ILE B 788 0.85 32.12 39.36
CA ILE B 788 1.28 33.11 38.37
C ILE B 788 2.04 32.39 37.28
N PRO B 789 1.77 32.69 36.00
CA PRO B 789 2.49 31.96 34.93
C PRO B 789 4.00 32.07 35.06
N VAL B 790 4.51 33.18 35.59
CA VAL B 790 5.95 33.33 35.75
C VAL B 790 6.49 32.36 36.80
N GLN B 791 5.67 32.01 37.81
CA GLN B 791 6.07 30.93 38.70
C GLN B 791 5.88 29.56 38.04
N LEU B 792 4.85 29.42 37.20
CA LEU B 792 4.69 28.19 36.45
C LEU B 792 5.94 27.97 35.62
N LEU B 793 6.17 28.87 34.67
CA LEU B 793 7.32 28.83 33.76
C LEU B 793 8.59 28.35 34.43
N TRP B 794 9.10 29.10 35.41
CA TRP B 794 10.41 28.79 35.96
C TRP B 794 10.38 27.53 36.83
N VAL B 795 9.38 27.41 37.71
CA VAL B 795 9.30 26.22 38.57
C VAL B 795 8.99 24.98 37.74
N ASN B 796 8.02 25.08 36.83
CA ASN B 796 7.64 23.95 36.00
C ASN B 796 8.74 23.54 35.02
N LEU B 797 9.77 24.37 34.86
CA LEU B 797 10.90 24.07 33.99
C LEU B 797 12.14 23.67 34.76
N VAL B 798 12.44 24.35 35.86
CA VAL B 798 13.64 24.03 36.64
C VAL B 798 13.37 22.87 37.57
N THR B 799 12.37 23.00 38.45
CA THR B 799 12.11 21.96 39.44
C THR B 799 11.82 20.63 38.77
N ASP B 800 10.74 20.55 38.00
CA ASP B 800 10.41 19.30 37.31
C ASP B 800 11.50 18.87 36.34
N GLY B 801 12.41 19.77 35.96
CA GLY B 801 13.45 19.41 35.02
C GLY B 801 14.55 18.56 35.63
N LEU B 802 14.82 18.71 36.93
CA LEU B 802 15.94 17.99 37.53
C LEU B 802 15.53 16.58 37.94
N PRO B 803 14.41 16.37 38.65
CA PRO B 803 13.85 15.01 38.74
C PRO B 803 13.66 14.32 37.40
N ALA B 804 13.26 15.04 36.35
CA ALA B 804 13.09 14.41 35.05
C ALA B 804 14.41 13.86 34.52
N THR B 805 15.48 14.66 34.64
CA THR B 805 16.80 14.21 34.21
C THR B 805 17.28 13.02 35.04
N ALA B 806 16.85 12.93 36.30
CA ALA B 806 17.26 11.81 37.14
C ALA B 806 16.60 10.51 36.72
N LEU B 807 15.38 10.58 36.19
CA LEU B 807 14.69 9.39 35.69
C LEU B 807 15.37 8.78 34.48
N GLY B 808 16.37 9.45 33.90
CA GLY B 808 17.16 8.85 32.84
C GLY B 808 18.39 8.16 33.38
N PHE B 809 18.78 8.50 34.60
CA PHE B 809 19.98 7.94 35.22
C PHE B 809 19.68 6.83 36.23
N ASN B 810 18.45 6.30 36.25
CA ASN B 810 18.11 5.22 37.15
C ASN B 810 18.51 3.86 36.56
N PRO B 811 18.61 2.82 37.38
CA PRO B 811 19.04 1.50 36.88
C PRO B 811 17.94 0.85 36.06
N PRO B 812 18.33 0.11 35.02
CA PRO B 812 17.31 -0.59 34.20
C PRO B 812 17.11 -2.03 34.64
N ASP B 813 15.89 -2.54 34.56
CA ASP B 813 15.66 -3.94 34.88
C ASP B 813 16.32 -4.83 33.82
N LEU B 814 16.34 -6.14 34.09
CA LEU B 814 17.24 -7.04 33.39
C LEU B 814 16.58 -7.82 32.26
N ASP B 815 15.27 -8.02 32.31
CA ASP B 815 14.61 -8.76 31.23
C ASP B 815 14.49 -7.94 29.93
N ILE B 816 15.15 -6.78 29.81
CA ILE B 816 15.00 -5.96 28.61
C ILE B 816 15.45 -6.73 27.38
N MET B 817 16.60 -7.39 27.46
CA MET B 817 17.12 -8.15 26.33
C MET B 817 16.46 -9.52 26.20
N ASP B 818 15.41 -9.79 26.98
CA ASP B 818 14.61 -11.00 26.83
C ASP B 818 13.18 -10.72 26.42
N ARG B 819 12.77 -9.46 26.34
CA ARG B 819 11.42 -9.10 25.90
C ARG B 819 11.32 -9.20 24.37
N PRO B 820 10.09 -9.27 23.86
CA PRO B 820 9.88 -9.00 22.42
C PRO B 820 10.06 -7.52 22.14
N PRO B 821 10.12 -7.12 20.86
CA PRO B 821 10.26 -5.68 20.56
C PRO B 821 9.07 -4.89 21.05
N ARG B 822 9.34 -3.82 21.81
CA ARG B 822 8.29 -2.89 22.19
C ARG B 822 7.63 -2.32 20.95
N SER B 823 6.33 -2.55 20.82
CA SER B 823 5.61 -2.13 19.64
C SER B 823 5.72 -0.61 19.46
N PRO B 824 5.78 -0.14 18.22
CA PRO B 824 5.79 1.31 18.01
C PRO B 824 4.44 1.94 18.31
N LYS B 825 3.37 1.33 17.82
CA LYS B 825 2.03 1.89 17.95
C LYS B 825 1.43 1.72 19.34
N GLU B 826 2.26 1.41 20.39
CA GLU B 826 1.57 1.50 21.66
C GLU B 826 1.61 2.93 22.19
N PRO B 827 0.52 3.41 22.79
CA PRO B 827 0.53 4.77 23.34
C PRO B 827 1.27 4.82 24.67
N LEU B 828 1.81 6.00 24.98
CA LEU B 828 2.59 6.15 26.21
C LEU B 828 1.70 6.04 27.44
N ILE B 829 0.52 6.62 27.39
CA ILE B 829 -0.45 6.55 28.49
C ILE B 829 -1.82 6.23 27.90
N SER B 830 -2.48 5.23 28.46
CA SER B 830 -3.78 4.81 27.96
C SER B 830 -4.45 3.92 28.99
N GLY B 831 -5.73 3.65 28.76
CA GLY B 831 -6.47 2.70 29.58
C GLY B 831 -6.49 3.08 31.04
N TRP B 832 -5.97 2.19 31.88
CA TRP B 832 -5.98 2.42 33.32
C TRP B 832 -5.12 3.61 33.71
N LEU B 833 -3.98 3.80 33.04
CA LEU B 833 -3.12 4.93 33.36
C LEU B 833 -3.76 6.26 32.95
N PHE B 834 -4.62 6.25 31.93
CA PHE B 834 -5.36 7.44 31.58
C PHE B 834 -6.20 7.93 32.75
N PHE B 835 -7.01 7.05 33.33
CA PHE B 835 -7.82 7.41 34.49
C PHE B 835 -7.03 7.38 35.79
N ARG B 836 -5.84 6.77 35.80
CA ARG B 836 -4.97 6.88 36.96
C ARG B 836 -4.29 8.25 37.00
N TYR B 837 -3.89 8.77 35.84
CA TYR B 837 -3.27 10.09 35.80
C TYR B 837 -4.30 11.20 35.76
N MET B 838 -5.49 10.94 35.21
CA MET B 838 -6.58 11.90 35.32
C MET B 838 -6.99 12.10 36.78
N ALA B 839 -6.74 11.13 37.65
CA ALA B 839 -7.11 11.21 39.06
C ALA B 839 -6.02 11.83 39.91
N ILE B 840 -4.80 11.27 39.85
CA ILE B 840 -3.70 11.81 40.65
C ILE B 840 -3.45 13.27 40.28
N GLY B 841 -3.60 13.62 39.00
CA GLY B 841 -3.49 15.01 38.60
C GLY B 841 -4.71 15.83 38.94
N GLY B 842 -5.90 15.20 38.97
CA GLY B 842 -7.11 15.92 39.30
C GLY B 842 -7.16 16.40 40.73
N TYR B 843 -6.47 15.70 41.64
CA TYR B 843 -6.40 16.11 43.03
C TYR B 843 -5.22 17.02 43.32
N VAL B 844 -4.20 17.01 42.47
CA VAL B 844 -3.09 17.94 42.61
C VAL B 844 -3.58 19.38 42.45
N GLY B 845 -4.33 19.65 41.37
CA GLY B 845 -4.76 21.00 41.10
C GLY B 845 -5.76 21.52 42.12
N ALA B 846 -6.47 20.62 42.76
CA ALA B 846 -7.41 21.03 43.79
C ALA B 846 -6.73 21.22 45.13
N ALA B 847 -5.64 20.49 45.37
CA ALA B 847 -4.91 20.63 46.63
C ALA B 847 -4.11 21.93 46.69
N THR B 848 -3.91 22.58 45.54
CA THR B 848 -3.22 23.87 45.50
C THR B 848 -4.20 25.04 45.65
N VAL B 849 -5.36 24.95 45.00
CA VAL B 849 -6.39 25.98 45.17
C VAL B 849 -6.81 26.06 46.63
N GLY B 850 -6.92 24.91 47.29
CA GLY B 850 -7.24 24.89 48.71
C GLY B 850 -6.20 25.63 49.53
N ALA B 851 -4.91 25.40 49.25
CA ALA B 851 -3.86 26.10 49.98
C ALA B 851 -3.97 27.61 49.79
N ALA B 852 -4.48 28.06 48.64
CA ALA B 852 -4.63 29.49 48.43
C ALA B 852 -5.93 30.01 49.02
N ALA B 853 -6.95 29.17 49.11
CA ALA B 853 -8.22 29.56 49.71
C ALA B 853 -8.24 29.31 51.22
N TRP B 854 -7.43 28.36 51.70
CA TRP B 854 -7.31 28.15 53.14
C TRP B 854 -6.79 29.40 53.84
N TRP B 855 -5.81 30.07 53.23
CA TRP B 855 -5.32 31.35 53.72
C TRP B 855 -6.41 32.41 53.78
N PHE B 856 -7.55 32.17 53.12
CA PHE B 856 -8.64 33.14 53.03
C PHE B 856 -9.85 32.80 53.90
N MET B 857 -10.17 31.53 54.10
CA MET B 857 -11.26 31.20 55.00
C MET B 857 -10.85 31.37 56.45
N TYR B 858 -9.60 31.00 56.77
CA TYR B 858 -9.00 31.25 58.08
C TYR B 858 -7.52 30.91 58.04
N ALA B 859 -6.65 31.86 58.38
CA ALA B 859 -5.22 31.66 58.36
C ALA B 859 -4.62 32.14 59.67
N GLU B 860 -3.32 31.88 59.85
CA GLU B 860 -2.62 32.35 61.03
C GLU B 860 -2.63 33.86 61.11
N ASP B 861 -2.23 34.53 60.03
CA ASP B 861 -2.30 35.99 59.95
C ASP B 861 -3.20 36.49 58.85
N GLY B 862 -3.52 35.66 57.85
CA GLY B 862 -4.48 36.03 56.83
C GLY B 862 -5.87 36.14 57.42
N PRO B 863 -6.60 37.20 57.03
CA PRO B 863 -7.93 37.44 57.62
C PRO B 863 -8.98 36.56 56.96
N GLY B 864 -9.58 35.67 57.75
CA GLY B 864 -10.59 34.77 57.25
C GLY B 864 -11.98 35.36 57.12
N VAL B 865 -12.11 36.70 57.25
CA VAL B 865 -13.39 37.37 57.42
C VAL B 865 -14.00 37.49 56.04
N THR B 866 -13.27 37.03 55.03
CA THR B 866 -13.80 37.12 53.68
C THR B 866 -14.88 36.06 53.42
N TYR B 867 -14.50 34.78 53.46
CA TYR B 867 -15.42 33.64 53.30
C TYR B 867 -16.02 33.67 51.90
N HIS B 868 -17.35 33.71 51.75
CA HIS B 868 -17.96 33.58 50.43
C HIS B 868 -17.57 34.73 49.51
N GLN B 869 -17.51 35.94 50.05
CA GLN B 869 -17.30 37.11 49.20
C GLN B 869 -15.95 37.06 48.50
N LEU B 870 -15.09 36.12 48.88
CA LEU B 870 -13.80 35.96 48.21
C LEU B 870 -13.98 35.64 46.73
N THR B 871 -15.08 34.98 46.37
CA THR B 871 -15.31 34.60 44.98
C THR B 871 -15.48 35.81 44.08
N HIS B 872 -15.81 36.97 44.64
CA HIS B 872 -16.00 38.20 43.87
C HIS B 872 -14.95 39.22 44.31
N PHE B 873 -13.89 39.37 43.53
CA PHE B 873 -12.89 40.38 43.86
C PHE B 873 -13.05 41.65 43.06
N MET B 874 -13.63 41.56 41.87
CA MET B 874 -13.84 42.71 41.01
C MET B 874 -14.75 43.72 41.69
N CYS B 876 -15.12 44.31 45.12
CA CYS B 876 -14.53 44.96 46.29
C CYS B 876 -14.13 46.39 45.97
N THR B 877 -13.79 46.64 44.72
CA THR B 877 -13.40 47.98 44.28
C THR B 877 -14.62 48.87 44.09
N ASP B 879 -18.11 48.08 46.27
CA ASP B 879 -18.86 48.25 47.49
C ASP B 879 -18.11 47.60 48.66
N HIS B 880 -17.05 48.26 49.14
CA HIS B 880 -16.31 47.72 50.27
C HIS B 880 -16.98 47.88 51.64
N PRO B 881 -17.96 48.77 51.87
CA PRO B 881 -18.51 48.85 53.24
C PRO B 881 -19.21 47.59 53.71
N HIS B 882 -19.74 46.76 52.82
CA HIS B 882 -20.60 45.69 53.28
C HIS B 882 -19.82 44.48 53.80
N PHE B 883 -18.60 44.27 53.32
CA PHE B 883 -17.89 43.08 53.77
C PHE B 883 -16.40 43.17 53.47
N GLU B 884 -15.65 42.32 54.16
CA GLU B 884 -14.22 42.06 54.00
C GLU B 884 -13.34 43.15 54.61
N GLY B 885 -13.93 44.10 55.33
CA GLY B 885 -13.20 45.06 56.14
C GLY B 885 -11.88 45.60 55.62
N LEU B 886 -10.89 44.72 55.42
CA LEU B 886 -9.54 45.16 55.09
C LEU B 886 -9.46 45.62 53.63
N ASP B 887 -8.36 46.32 53.32
CA ASP B 887 -8.17 46.91 51.99
C ASP B 887 -8.16 45.83 50.91
N CYS B 888 -8.68 46.19 49.73
CA CYS B 888 -8.91 45.22 48.66
C CYS B 888 -7.59 44.80 48.03
N GLU B 889 -6.49 45.31 48.56
CA GLU B 889 -5.17 44.94 48.05
C GLU B 889 -4.58 43.73 48.78
N ILE B 890 -4.82 43.60 50.09
CA ILE B 890 -4.44 42.39 50.80
C ILE B 890 -5.23 41.21 50.29
N PHE B 891 -6.34 41.47 49.60
CA PHE B 891 -7.07 40.45 48.85
C PHE B 891 -6.11 39.74 47.90
N GLU B 892 -5.72 40.43 46.81
CA GLU B 892 -4.82 39.90 45.79
C GLU B 892 -3.36 39.88 46.23
N ALA B 893 -3.09 39.90 47.55
CA ALA B 893 -1.74 39.99 48.06
C ALA B 893 -0.88 38.82 47.60
N PRO B 894 0.45 38.95 47.71
CA PRO B 894 1.33 37.83 47.37
C PRO B 894 1.11 36.61 48.25
N GLU B 895 1.34 36.75 49.56
CA GLU B 895 1.31 35.69 50.57
C GLU B 895 0.35 34.54 50.28
N PRO B 896 -0.95 34.79 49.96
CA PRO B 896 -1.86 33.66 49.72
C PRO B 896 -1.42 32.72 48.60
N MET B 897 -1.26 33.23 47.38
CA MET B 897 -0.93 32.33 46.28
C MET B 897 0.50 31.79 46.36
N THR B 898 1.32 32.22 47.34
CA THR B 898 2.57 31.52 47.58
C THR B 898 2.31 30.13 48.16
N MET B 899 1.25 30.00 48.95
CA MET B 899 0.80 28.68 49.35
C MET B 899 0.46 27.82 48.13
N ALA B 900 -0.17 28.43 47.13
CA ALA B 900 -0.51 27.70 45.91
C ALA B 900 0.74 27.16 45.21
N LEU B 901 1.87 27.84 45.35
CA LEU B 901 3.12 27.36 44.77
C LEU B 901 3.70 26.22 45.60
N SER B 902 4.09 26.53 46.84
CA SER B 902 4.80 25.58 47.70
C SER B 902 3.99 24.37 48.10
N VAL B 903 2.79 24.17 47.55
CA VAL B 903 2.21 22.83 47.53
C VAL B 903 2.50 22.15 46.20
N LEU B 904 2.44 22.91 45.09
CA LEU B 904 2.69 22.34 43.78
C LEU B 904 4.11 21.79 43.68
N VAL B 905 5.11 22.57 44.11
CA VAL B 905 6.50 22.14 44.00
C VAL B 905 6.76 20.94 44.91
N THR B 906 6.00 20.82 46.00
CA THR B 906 6.14 19.66 46.88
C THR B 906 5.35 18.47 46.35
N ILE B 907 4.15 18.73 45.83
CA ILE B 907 3.34 17.65 45.29
C ILE B 907 4.03 17.00 44.10
N GLU B 908 4.61 17.82 43.21
CA GLU B 908 5.24 17.29 42.00
C GLU B 908 6.63 16.73 42.26
N MET B 909 7.26 17.09 43.37
CA MET B 909 8.52 16.45 43.75
C MET B 909 8.28 15.15 44.51
N CYS B 910 7.16 15.05 45.22
CA CYS B 910 6.75 13.77 45.78
C CYS B 910 6.24 12.84 44.69
N ASN B 911 5.43 13.38 43.77
CA ASN B 911 5.01 12.62 42.60
C ASN B 911 6.19 12.06 41.82
N ALA B 912 7.35 12.73 41.90
CA ALA B 912 8.54 12.24 41.23
C ALA B 912 8.97 10.88 41.78
N LEU B 913 8.90 10.71 43.10
CA LEU B 913 9.23 9.43 43.69
C LEU B 913 8.24 8.34 43.27
N ASN B 914 6.95 8.70 43.19
CA ASN B 914 5.96 7.75 42.70
C ASN B 914 6.23 7.36 41.26
N SER B 915 6.84 8.26 40.48
CA SER B 915 7.12 8.02 39.07
C SER B 915 8.41 7.22 38.84
N LEU B 916 9.04 6.72 39.90
CA LEU B 916 10.25 5.92 39.74
C LEU B 916 9.95 4.52 39.20
N SER B 917 8.70 4.07 39.30
CA SER B 917 8.31 2.79 38.74
C SER B 917 6.81 2.81 38.49
N GLU B 918 6.37 2.13 37.43
CA GLU B 918 4.97 2.20 37.03
C GLU B 918 4.07 1.47 38.02
N ASN B 919 4.45 0.24 38.40
CA ASN B 919 3.64 -0.60 39.28
C ASN B 919 4.53 -1.14 40.39
N GLN B 920 4.77 -0.33 41.43
CA GLN B 920 5.64 -0.74 42.51
C GLN B 920 5.30 0.05 43.78
N SER B 921 6.11 -0.16 44.83
CA SER B 921 5.93 0.49 46.11
C SER B 921 7.26 1.04 46.61
N LEU B 922 7.19 2.08 47.44
CA LEU B 922 8.40 2.71 47.95
C LEU B 922 9.12 1.77 48.93
N MET B 923 8.37 1.01 49.72
CA MET B 923 8.99 -0.01 50.56
C MET B 923 9.68 -1.07 49.69
N ARG B 924 8.98 -1.54 48.66
CA ARG B 924 9.52 -2.57 47.79
C ARG B 924 10.54 -2.02 46.81
N MET B 925 10.38 -0.77 46.37
CA MET B 925 11.38 -0.08 45.55
C MET B 925 11.96 1.09 46.33
N PRO B 926 13.19 0.98 46.82
CA PRO B 926 13.70 2.02 47.71
C PRO B 926 13.93 3.30 46.96
N PRO B 927 13.73 4.45 47.60
CA PRO B 927 14.21 5.71 47.01
C PRO B 927 15.73 5.82 47.00
N TRP B 928 16.42 4.96 47.75
CA TRP B 928 17.88 5.05 47.83
C TRP B 928 18.57 4.52 46.58
N VAL B 929 17.89 3.68 45.78
CA VAL B 929 18.54 3.08 44.62
C VAL B 929 18.89 4.14 43.58
N ASN B 930 18.04 5.15 43.44
CA ASN B 930 18.31 6.26 42.52
C ASN B 930 19.08 7.31 43.29
N ILE B 931 20.41 7.19 43.27
CA ILE B 931 21.27 8.13 43.98
C ILE B 931 21.06 9.54 43.47
N TRP B 932 20.90 9.68 42.15
CA TRP B 932 20.79 11.01 41.55
C TRP B 932 19.42 11.62 41.73
N LEU B 933 18.36 10.82 41.81
CA LEU B 933 17.04 11.37 42.08
C LEU B 933 17.00 12.06 43.44
N LEU B 934 17.58 11.41 44.45
CA LEU B 934 17.69 12.04 45.77
C LEU B 934 18.46 13.35 45.69
N GLY B 935 19.57 13.37 44.95
CA GLY B 935 20.38 14.57 44.87
C GLY B 935 19.68 15.74 44.20
N SER B 936 18.80 15.45 43.24
CA SER B 936 18.04 16.53 42.60
C SER B 936 16.99 17.09 43.55
N ILE B 937 16.33 16.22 44.31
CA ILE B 937 15.40 16.65 45.35
C ILE B 937 16.07 17.64 46.28
N CYS B 938 17.31 17.35 46.69
CA CYS B 938 18.04 18.26 47.55
C CYS B 938 18.29 19.60 46.85
N LEU B 939 18.82 19.56 45.63
CA LEU B 939 19.16 20.79 44.93
C LEU B 939 17.90 21.57 44.54
N SER B 940 16.86 20.88 44.06
CA SER B 940 15.69 21.59 43.56
C SER B 940 14.89 22.22 44.70
N MET B 941 14.77 21.52 45.83
CA MET B 941 14.21 22.16 47.02
C MET B 941 15.12 23.28 47.51
N SER B 942 16.44 23.06 47.45
CA SER B 942 17.38 24.12 47.78
C SER B 942 17.25 25.28 46.81
N LEU B 943 17.01 24.99 45.53
CA LEU B 943 16.78 26.07 44.57
C LEU B 943 15.44 26.73 44.78
N HIS B 944 14.44 25.95 45.23
CA HIS B 944 13.17 26.56 45.64
C HIS B 944 13.39 27.48 46.83
N PHE B 945 14.09 27.01 47.86
CA PHE B 945 14.36 27.86 49.01
C PHE B 945 15.20 29.08 48.66
N LEU B 946 15.91 29.03 47.53
CA LEU B 946 16.74 30.18 47.14
C LEU B 946 15.91 31.31 46.58
N ILE B 947 14.79 31.01 45.90
CA ILE B 947 14.00 32.09 45.32
C ILE B 947 13.25 32.85 46.41
N LEU B 948 13.01 32.23 47.55
CA LEU B 948 12.30 32.94 48.60
C LEU B 948 13.24 33.57 49.64
N TYR B 949 14.51 33.19 49.65
CA TYR B 949 15.42 33.65 50.69
C TYR B 949 16.20 34.90 50.31
N VAL B 950 16.72 34.96 49.07
CA VAL B 950 17.43 36.16 48.64
C VAL B 950 16.44 37.31 48.52
N ASP B 951 16.90 38.46 48.05
CA ASP B 951 16.06 39.64 48.02
C ASP B 951 15.45 39.95 46.66
N PRO B 952 16.14 39.74 45.53
CA PRO B 952 15.51 40.09 44.24
C PRO B 952 14.34 39.20 43.89
N LEU B 953 14.44 37.91 44.17
CA LEU B 953 13.49 36.90 43.72
C LEU B 953 12.13 36.98 44.42
N PRO B 954 12.03 37.30 45.72
CA PRO B 954 10.68 37.50 46.30
C PRO B 954 9.94 38.68 45.69
N MET B 955 10.66 39.73 45.29
CA MET B 955 10.00 40.87 44.66
C MET B 955 9.43 40.51 43.30
N ILE B 956 10.10 39.61 42.57
CA ILE B 956 9.68 39.33 41.19
C ILE B 956 8.39 38.53 41.16
N PHE B 957 8.26 37.55 42.06
CA PHE B 957 7.11 36.64 42.07
C PHE B 957 6.22 36.88 43.28
N LYS B 958 6.61 36.38 44.45
CA LYS B 958 5.74 36.46 45.62
C LYS B 958 6.58 36.33 46.88
N LEU B 959 5.93 36.54 48.03
CA LEU B 959 6.60 36.55 49.32
C LEU B 959 6.79 35.13 49.87
N LYS B 960 7.76 35.02 50.79
CA LYS B 960 8.04 33.79 51.52
C LYS B 960 6.92 33.44 52.49
N ALA B 961 6.55 32.16 52.50
CA ALA B 961 5.60 31.61 53.44
C ALA B 961 6.26 31.40 54.80
N LEU B 962 5.44 31.41 55.86
CA LEU B 962 5.97 31.34 57.21
C LEU B 962 6.42 29.92 57.53
N ASP B 963 7.48 29.81 58.33
CA ASP B 963 8.23 28.55 58.38
C ASP B 963 7.43 27.43 59.05
N LEU B 964 6.66 27.73 60.09
CA LEU B 964 6.01 26.66 60.83
C LEU B 964 4.52 26.57 60.54
N THR B 965 3.80 27.69 60.58
CA THR B 965 2.35 27.64 60.40
C THR B 965 1.95 27.31 58.96
N GLN B 966 2.75 27.73 57.97
CA GLN B 966 2.43 27.43 56.59
C GLN B 966 2.93 26.06 56.18
N TRP B 967 4.02 25.58 56.77
CA TRP B 967 4.47 24.24 56.48
C TRP B 967 3.64 23.17 57.16
N LEU B 968 2.87 23.53 58.20
CA LEU B 968 1.98 22.56 58.81
C LEU B 968 0.85 22.18 57.86
N MET B 969 0.39 23.13 57.04
CA MET B 969 -0.67 22.84 56.09
C MET B 969 -0.13 22.14 54.85
N VAL B 970 0.97 22.65 54.28
CA VAL B 970 1.49 22.06 53.04
C VAL B 970 2.02 20.65 53.30
N LEU B 971 2.49 20.36 54.51
CA LEU B 971 2.91 19.00 54.84
C LEU B 971 1.72 18.05 54.83
N LYS B 972 0.59 18.48 55.41
CA LYS B 972 -0.65 17.72 55.36
C LYS B 972 -1.15 17.53 53.93
N ILE B 973 -0.82 18.42 53.02
CA ILE B 973 -1.33 18.33 51.64
C ILE B 973 -0.46 17.43 50.76
N SER B 974 0.85 17.40 50.99
CA SER B 974 1.81 16.75 50.08
C SER B 974 2.02 15.27 50.38
N LEU B 975 2.21 14.92 51.65
CA LEU B 975 2.48 13.53 51.98
C LEU B 975 1.36 12.56 51.57
N PRO B 976 0.07 12.92 51.64
CA PRO B 976 -0.95 11.98 51.13
C PRO B 976 -0.86 11.74 49.64
N VAL B 977 -0.31 12.68 48.88
CA VAL B 977 -0.07 12.45 47.46
C VAL B 977 0.77 11.19 47.28
N ILE B 978 1.83 11.06 48.07
CA ILE B 978 2.65 9.85 48.04
C ILE B 978 1.81 8.63 48.38
N GLY B 979 0.95 8.75 49.39
CA GLY B 979 0.09 7.65 49.78
C GLY B 979 -1.06 7.41 48.82
N LEU B 980 -1.61 8.49 48.27
CA LEU B 980 -2.72 8.37 47.32
C LEU B 980 -2.34 7.47 46.16
N ASP B 981 -1.22 7.76 45.50
CA ASP B 981 -0.77 6.93 44.39
C ASP B 981 -0.24 5.59 44.88
N GLU B 982 0.23 5.53 46.13
CA GLU B 982 0.72 4.27 46.69
C GLU B 982 -0.39 3.23 46.71
N ILE B 983 -1.61 3.63 47.05
CA ILE B 983 -2.74 2.71 47.01
C ILE B 983 -3.16 2.44 45.57
N LEU B 984 -3.04 3.43 44.69
CA LEU B 984 -3.41 3.22 43.29
C LEU B 984 -2.47 2.24 42.62
N LYS B 985 -1.18 2.29 42.97
CA LYS B 985 -0.23 1.30 42.45
C LYS B 985 -0.47 -0.07 43.07
N PHE B 986 -1.05 -0.11 44.29
CA PHE B 986 -1.43 -1.38 44.89
C PHE B 986 -2.65 -1.99 44.21
N ILE B 987 -3.55 -1.16 43.68
CA ILE B 987 -4.79 -1.67 43.09
C ILE B 987 -4.51 -2.34 41.75
N ALA B 988 -3.92 -1.60 40.82
CA ALA B 988 -3.68 -2.13 39.48
C ALA B 988 -2.73 -3.33 39.51
N ARG B 989 -1.76 -3.32 40.43
CA ARG B 989 -0.83 -4.43 40.55
C ARG B 989 -1.53 -5.70 41.02
N ASN B 990 -2.65 -5.57 41.74
CA ASN B 990 -3.39 -6.70 42.27
C ASN B 990 -4.54 -7.14 41.36
N TYR B 991 -4.63 -6.59 40.15
CA TYR B 991 -5.70 -6.96 39.23
C TYR B 991 -5.58 -8.42 38.78
PG 128 C . -9.31 -28.85 -16.75
O1G 128 C . -9.43 -28.23 -15.28
O2G 128 C . -7.76 -28.85 -17.11
O3G 128 C . -10.03 -27.94 -17.62
PB 128 C . -11.53 -30.94 -16.80
O1B 128 C . -12.29 -29.74 -16.85
O2B 128 C . -11.81 -31.68 -17.95
O3B 128 C . -9.78 -30.55 -16.85
PA 128 C . -12.50 -31.44 -13.79
O1A 128 C . -12.69 -29.91 -13.39
O2A 128 C . -11.36 -32.14 -13.08
O3A 128 C . -12.12 -31.67 -15.36
O5' 128 C . -13.99 -32.18 -13.73
C5' 128 C . -15.23 -31.43 -13.89
C4' 128 C . -16.34 -32.32 -14.65
O4' 128 C . -17.21 -31.32 -15.32
C3' 128 C . -16.03 -33.14 -15.80
O3' 128 C . -16.53 -34.49 -15.56
C2' 128 C . -16.73 -32.57 -17.11
O2' 128 C . -17.66 -33.54 -17.68
C1' 128 C . -17.53 -31.30 -16.68
N9 128 C . -17.05 -29.98 -17.23
C8 128 C . -16.08 -29.12 -16.83
N7 128 C . -15.94 -28.06 -17.57
C5 128 C . -16.86 -28.20 -18.52
C6 128 C . -17.15 -27.31 -19.63
N6 128 C . -16.44 -26.17 -19.77
N1 128 C . -18.19 -27.65 -20.55
C2 128 C . -18.87 -28.82 -20.35
N3 128 C . -18.57 -29.65 -19.30
C4 128 C . -17.57 -29.38 -18.35
C1F 128 C . -17.51 -34.72 -16.70
C2F 128 C . -17.09 -35.91 -17.62
C3F 128 C . -17.86 -37.10 -17.69
C4F 128 C . -19.03 -37.40 -16.99
C5F 128 C . -19.50 -36.37 -16.11
C6F 128 C . -18.84 -35.03 -15.90
N2F 128 C . -15.91 -35.88 -18.47
N4F 128 C . -19.72 -38.54 -17.07
N6F 128 C . -19.57 -34.19 -14.93
O2F 128 C . -15.16 -34.95 -18.53
O3F 128 C . -15.59 -36.83 -19.18
O4F 128 C . -20.75 -38.77 -16.44
O5F 128 C . -19.38 -39.45 -17.79
O6F 128 C . -19.14 -33.05 -14.66
O7F 128 C . -20.56 -34.47 -14.36
C34 TG1 D . -12.47 26.60 -12.53
C11 TG1 D . -13.63 26.58 -11.52
C7 TG1 D . -14.64 27.77 -11.68
C8 TG1 D . -16.01 27.64 -12.41
C9 TG1 D . -17.19 28.37 -11.78
C10 TG1 D . -17.16 29.94 -11.72
C1 TG1 D . -15.90 30.54 -11.13
C2 TG1 D . -16.13 31.92 -10.45
O1 TG1 D . -15.21 32.90 -10.94
C13 TG1 D . -15.59 34.20 -10.76
O2 TG1 D . -16.62 34.44 -10.15
C14 TG1 D . -14.66 35.23 -11.33
C15 TG1 D . -14.99 36.65 -10.82
C16 TG1 D . -15.05 36.85 -9.29
C17 TG1 D . -15.24 38.31 -8.86
C18 TG1 D . -16.58 38.65 -8.20
C19 TG1 D . -16.48 39.72 -7.12
C20 TG1 D . -16.39 41.11 -7.72
C3 TG1 D . -15.89 31.69 -8.93
O3 TG1 D . -17.11 31.70 -8.21
C21 TG1 D . -17.36 32.78 -7.45
O4 TG1 D . -16.51 33.62 -7.22
C22 TG1 D . -18.78 32.78 -6.94
C23 TG1 D . -19.39 31.47 -6.41
C24 TG1 D . -19.52 33.89 -6.89
C25 TG1 D . -18.98 35.20 -7.40
C4 TG1 D . -15.31 30.30 -8.83
C26 TG1 D . -14.80 29.70 -7.53
C5 TG1 D . -15.32 29.68 -10.02
C6 TG1 D . -14.82 28.24 -10.21
O5 TG1 D . -13.53 28.01 -9.62
C12 TG1 D . -13.09 26.83 -10.08
O12 TG1 D . -12.39 26.12 -9.41
C31 TG1 D . -18.40 30.46 -10.99
O9 TG1 D . -17.29 30.42 -13.11
C32 TG1 D . -17.73 31.66 -13.39
O10 TG1 D . -17.06 32.66 -13.22
C33 TG1 D . -19.14 31.58 -13.92
O7 TG1 D . -16.42 26.25 -12.61
C27 TG1 D . -17.18 25.63 -11.64
O8 TG1 D . -16.73 25.42 -10.52
C28 TG1 D . -18.55 25.21 -12.12
C29 TG1 D . -18.94 23.85 -11.53
C30 TG1 D . -19.37 23.99 -10.09
O6 TG1 D . -13.91 28.78 -12.32
O11 TG1 D . -14.26 25.34 -11.56
V VN4 E . -16.48 -16.00 -13.90
O1 VN4 E . -16.46 -16.32 -15.56
O2 VN4 E . -15.10 -15.44 -13.07
O3 VN4 E . -17.85 -16.27 -13.01
MG MG F . -19.96 -15.48 -12.78
MG MG G . -11.84 -27.32 -18.29
CL CL H . -6.84 -22.21 -19.98
K K I . -17.46 -0.19 -6.72
PG 128 J . 29.04 -15.51 -11.83
O1G 128 J . 29.49 -13.98 -11.82
O2G 128 J . 27.91 -15.66 -12.95
O3G 128 J . 28.47 -15.77 -10.52
PB 128 J . 31.98 -16.10 -11.94
O1B 128 J . 32.90 -17.17 -12.12
O2B 128 J . 31.93 -15.75 -10.60
O3B 128 J . 30.31 -16.63 -12.36
PA 128 J . 33.46 -13.50 -13.02
O1A 128 J . 33.05 -12.45 -11.92
O2A 128 J . 33.27 -13.04 -14.45
O3A 128 J . 32.63 -14.89 -12.96
O5' 128 J . 34.97 -14.08 -12.60
C5' 128 J . 35.78 -13.33 -11.67
C4' 128 J . 37.05 -14.16 -11.12
O4' 128 J . 36.90 -14.16 -9.65
C3' 128 J . 37.34 -15.57 -11.31
O3' 128 J . 38.67 -15.61 -11.89
C2' 128 J . 37.39 -16.32 -9.91
O2' 128 J . 38.73 -16.83 -9.62
C1' 128 J . 37.07 -15.26 -8.82
N9 128 J . 35.85 -15.43 -7.96
C8 128 J . 34.51 -15.40 -8.17
N7 128 J . 33.78 -15.61 -7.13
C5 128 J . 34.66 -15.79 -6.14
C6 128 J . 34.43 -16.05 -4.74
N6 128 J . 33.16 -16.15 -4.27
N1 128 J . 35.54 -16.22 -3.85
C2 128 J . 36.81 -16.11 -4.37
N3 128 J . 37.00 -15.85 -5.70
C4 128 J . 35.95 -15.69 -6.63
C1F 128 J . 39.51 -16.36 -10.86
C2F 128 J . 40.08 -17.64 -11.55
C3F 128 J . 41.43 -17.70 -11.98
C4F 128 J . 42.40 -16.71 -11.83
C5F 128 J . 41.99 -15.52 -11.19
C6F 128 J . 40.60 -15.25 -10.65
N2F 128 J . 39.27 -18.82 -11.83
N4F 128 J . 43.68 -16.78 -12.24
N6F 128 J . 40.52 -13.91 -10.05
O2F 128 J . 38.11 -18.92 -11.54
O3F 128 J . 39.72 -19.79 -12.40
O4F 128 J . 44.49 -15.89 -12.08
O5F 128 J . 44.12 -17.77 -12.80
O6F 128 J . 39.47 -13.48 -9.55
O7F 128 J . 41.40 -13.13 -9.96
C34 TG1 K . -3.03 9.59 24.17
C11 TG1 K . -2.86 11.10 24.26
C7 TG1 K . -3.39 11.76 25.57
C8 TG1 K . -2.47 11.90 26.81
C9 TG1 K . -2.51 13.24 27.51
C10 TG1 K . -3.81 13.48 28.33
C1 TG1 K . -5.07 13.65 27.47
C2 TG1 K . -6.01 14.80 27.93
O1 TG1 K . -7.17 14.23 28.53
C13 TG1 K . -8.41 14.42 27.96
O2 TG1 K . -8.67 13.93 26.88
C14 TG1 K . -9.36 15.25 28.79
C15 TG1 K . -10.71 15.46 28.07
C16 TG1 K . -11.79 16.27 28.78
C17 TG1 K . -11.86 17.74 28.30
C18 TG1 K . -11.71 18.79 29.41
C19 TG1 K . -12.51 20.05 29.15
C20 TG1 K . -13.56 20.30 30.22
C3 TG1 K . -6.33 15.62 26.64
O3 TG1 K . -5.93 16.97 26.68
C21 TG1 K . -5.48 17.50 27.83
O4 TG1 K . -6.24 18.00 28.64
C22 TG1 K . -3.97 17.37 27.93
C23 TG1 K . -3.19 16.74 26.77
C24 TG1 K . -3.27 17.94 28.91
C25 TG1 K . -3.88 18.59 30.13
C4 TG1 K . -5.50 15.00 25.55
C26 TG1 K . -5.48 15.55 24.13
C5 TG1 K . -4.81 13.94 25.98
C6 TG1 K . -3.88 13.14 25.06
O5 TG1 K . -4.51 12.78 23.82
C12 TG1 K . -3.77 11.82 23.21
O12 TG1 K . -3.84 11.62 22.04
C31 TG1 K . -3.62 14.61 29.35
O9 TG1 K . -3.97 12.26 29.15
C32 TG1 K . -3.23 12.05 30.24
O10 TG1 K . -2.03 11.89 30.20
C33 TG1 K . -4.13 12.03 31.47
O7 TG1 K . -1.09 11.55 26.53
C27 TG1 K . -0.78 10.22 26.65
O8 TG1 K . -1.68 9.46 26.97
C28 TG1 K . 0.65 9.87 26.36
C29 TG1 K . 1.46 11.12 26.06
C30 TG1 K . 1.44 11.42 24.57
O6 TG1 K . -4.53 11.04 25.94
O11 TG1 K . -1.54 11.47 24.03
V VN4 L . 27.14 -7.29 -0.49
O1 VN4 L . 25.81 -6.75 -1.36
O2 VN4 L . 27.23 -8.85 0.15
O3 VN4 L . 28.42 -6.26 -0.25
MG MG M . 29.41 -4.88 1.42
MG MG N . 29.94 -15.50 -8.88
CL CL O . 22.95 -17.08 -8.04
K K P . 18.08 5.41 7.57
#